data_5YD0
#
_entry.id   5YD0
#
_cell.length_a   171.968
_cell.length_b   134.065
_cell.length_c   77.587
_cell.angle_alpha   90.00
_cell.angle_beta   105.55
_cell.angle_gamma   90.00
#
_symmetry.space_group_name_H-M   'C 1 2 1'
#
loop_
_entity.id
_entity.type
_entity.pdbx_description
1 polymer 'Schlafen 8'
2 non-polymer 'ZINC ION'
3 water water
#
_entity_poly.entity_id   1
_entity_poly.type   'polypeptide(L)'
_entity_poly.pdbx_seq_one_letter_code
;MGSSHHHHHHSSGLEVLFQGPHMGGSPDLIIHAGEVTLGEKDRNKMDSKKKRLEKARITEAACALLNSGGGVIVMQMSNK
SEHPVEMGLDLETSLRELIPSSDLQAFIETKQQGDLFYIFVKSWSCSPKDGSTKPRICSLSSSLYCRSLTSKLPLDSKET
FEFLERKKTCVKGSLTDGKGPPAKIPRLMYQNDLESNPAFEIFQSERLEYGQRLPFSESASIEFKQFSTRRAHEYIKSVI
PEYISAFANTQGGYLLFGVDDESKRVLGCPKDNVDRDSLKAVVNEAISKLPVFHFCSSKEKVSYKTRVIDVFKEGNLYGY
LCVIKVERFCCAVFSEAPISWMADKENGVYSLNTEKWVRMMVDIGP
;
_entity_poly.pdbx_strand_id   A,B,C,D
#
# COMPACT_ATOMS: atom_id res chain seq x y z
N SER A 12 2.14 -33.31 21.30
CA SER A 12 2.82 -32.35 20.43
C SER A 12 2.77 -30.95 21.03
N GLY A 13 3.36 -29.99 20.32
CA GLY A 13 3.48 -28.63 20.84
C GLY A 13 4.46 -28.48 21.97
N LEU A 14 5.05 -29.57 22.47
CA LEU A 14 6.01 -29.54 23.55
C LEU A 14 7.39 -29.81 22.98
N GLU A 15 8.36 -28.98 23.35
CA GLU A 15 9.75 -29.18 22.97
C GLU A 15 10.60 -29.24 24.22
N VAL A 16 11.35 -30.34 24.37
CA VAL A 16 12.37 -30.43 25.42
C VAL A 16 13.51 -29.49 25.07
N LEU A 17 14.21 -29.00 26.11
CA LEU A 17 14.92 -27.74 25.98
C LEU A 17 16.22 -27.84 25.17
N PHE A 18 16.91 -28.97 25.19
CA PHE A 18 18.13 -29.05 24.39
C PHE A 18 18.24 -30.41 23.71
N GLN A 19 17.18 -30.80 23.01
CA GLN A 19 17.16 -32.10 22.35
C GLN A 19 18.27 -32.18 21.31
N GLY A 20 18.86 -33.36 21.19
CA GLY A 20 20.00 -33.56 20.33
C GLY A 20 20.91 -34.64 20.86
N PRO A 21 21.76 -35.20 20.01
CA PRO A 21 22.63 -36.30 20.45
C PRO A 21 23.72 -35.87 21.42
N HIS A 22 24.04 -34.58 21.45
CA HIS A 22 25.12 -34.07 22.27
C HIS A 22 24.86 -34.37 23.75
N MET A 23 25.84 -35.01 24.39
CA MET A 23 25.76 -35.35 25.81
C MET A 23 26.67 -34.50 26.68
N GLY A 24 27.41 -33.56 26.10
CA GLY A 24 28.28 -32.71 26.89
C GLY A 24 27.50 -31.77 27.80
N GLY A 25 28.23 -31.18 28.74
CA GLY A 25 27.63 -30.28 29.73
C GLY A 25 26.82 -29.15 29.13
N SER A 26 25.52 -29.07 29.53
CA SER A 26 24.56 -28.12 28.98
C SER A 26 24.58 -26.81 29.76
N PRO A 27 24.22 -25.70 29.10
CA PRO A 27 24.34 -24.38 29.76
C PRO A 27 23.42 -24.23 30.95
N ASP A 28 23.90 -23.47 31.94
CA ASP A 28 23.15 -23.15 33.15
C ASP A 28 22.50 -21.78 33.08
N LEU A 29 23.23 -20.76 32.63
CA LEU A 29 22.67 -19.41 32.51
C LEU A 29 21.92 -19.30 31.19
N ILE A 30 20.59 -19.33 31.25
CA ILE A 30 19.80 -19.23 30.03
C ILE A 30 18.89 -18.02 30.22
N ILE A 31 18.41 -17.45 29.10
CA ILE A 31 17.55 -16.27 29.15
C ILE A 31 16.37 -16.48 28.20
N HIS A 32 15.17 -16.12 28.65
CA HIS A 32 13.96 -16.22 27.84
C HIS A 32 13.57 -14.83 27.36
N ALA A 33 13.55 -14.63 26.04
CA ALA A 33 13.15 -13.38 25.43
C ALA A 33 11.70 -13.42 24.94
N GLY A 34 10.92 -14.39 25.40
CA GLY A 34 9.51 -14.42 25.06
C GLY A 34 9.29 -14.68 23.58
N GLU A 35 8.26 -14.03 23.04
CA GLU A 35 7.85 -14.22 21.65
C GLU A 35 8.68 -13.29 20.76
N VAL A 36 9.35 -13.87 19.77
CA VAL A 36 10.20 -13.13 18.83
C VAL A 36 9.99 -13.70 17.44
N THR A 37 9.86 -12.82 16.45
CA THR A 37 9.76 -13.21 15.05
C THR A 37 11.14 -13.20 14.41
N LEU A 38 11.42 -14.23 13.60
CA LEU A 38 12.73 -14.40 13.01
C LEU A 38 12.62 -14.59 11.50
N GLY A 39 13.76 -14.47 10.83
CA GLY A 39 13.79 -14.50 9.38
C GLY A 39 13.69 -13.11 8.81
N GLU A 40 14.53 -12.79 7.82
CA GLU A 40 14.55 -11.43 7.30
C GLU A 40 13.26 -11.07 6.57
N LYS A 41 12.61 -12.05 5.94
CA LYS A 41 11.41 -11.75 5.17
C LYS A 41 10.27 -11.32 6.08
N ASP A 42 10.05 -12.03 7.18
CA ASP A 42 8.99 -11.63 8.11
C ASP A 42 9.34 -10.37 8.86
N ARG A 43 10.62 -10.19 9.19
CA ARG A 43 11.05 -9.01 9.94
C ARG A 43 11.09 -7.75 9.07
N ASN A 44 11.19 -7.90 7.74
CA ASN A 44 11.42 -6.73 6.90
C ASN A 44 10.18 -5.85 6.82
N LYS A 45 8.99 -6.45 6.73
CA LYS A 45 7.75 -5.70 6.65
C LYS A 45 6.82 -6.04 7.81
N MET A 46 7.39 -6.23 8.99
CA MET A 46 6.61 -6.34 10.22
C MET A 46 6.40 -4.96 10.82
N ASP A 47 5.78 -4.91 11.99
CA ASP A 47 5.57 -3.63 12.67
C ASP A 47 6.92 -3.05 13.08
N SER A 48 7.13 -1.77 12.75
CA SER A 48 8.41 -1.13 13.03
C SER A 48 8.68 -1.06 14.53
N LYS A 49 7.67 -0.73 15.33
CA LYS A 49 7.86 -0.64 16.77
C LYS A 49 8.22 -2.00 17.36
N LYS A 50 7.51 -3.05 16.94
CA LYS A 50 7.76 -4.39 17.46
C LYS A 50 9.16 -4.87 17.12
N LYS A 51 9.69 -4.47 15.97
CA LYS A 51 11.03 -4.90 15.57
C LYS A 51 12.08 -4.42 16.57
N ARG A 52 12.05 -3.12 16.90
CA ARG A 52 13.10 -2.56 17.74
C ARG A 52 13.01 -3.07 19.18
N LEU A 53 11.79 -3.34 19.68
CA LEU A 53 11.67 -3.92 21.01
C LEU A 53 12.29 -5.32 21.08
N GLU A 54 12.04 -6.15 20.06
CA GLU A 54 12.68 -7.45 20.02
C GLU A 54 14.17 -7.33 19.77
N LYS A 55 14.58 -6.37 18.94
CA LYS A 55 16.00 -6.13 18.71
C LYS A 55 16.71 -5.71 19.99
N ALA A 56 16.16 -4.71 20.68
CA ALA A 56 16.75 -4.28 21.94
C ALA A 56 16.70 -5.37 22.99
N ARG A 57 15.69 -6.24 22.92
CA ARG A 57 15.54 -7.31 23.91
C ARG A 57 16.65 -8.35 23.76
N ILE A 58 16.90 -8.78 22.53
CA ILE A 58 17.91 -9.81 22.28
C ILE A 58 19.31 -9.28 22.56
N THR A 59 19.58 -8.03 22.20
CA THR A 59 20.91 -7.47 22.42
C THR A 59 21.23 -7.36 23.91
N GLU A 60 20.25 -6.95 24.71
CA GLU A 60 20.45 -6.97 26.16
C GLU A 60 20.82 -8.37 26.64
N ALA A 61 20.10 -9.38 26.14
CA ALA A 61 20.37 -10.75 26.57
C ALA A 61 21.75 -11.21 26.10
N ALA A 62 22.05 -11.03 24.81
CA ALA A 62 23.35 -11.44 24.30
C ALA A 62 24.49 -10.70 24.98
N CYS A 63 24.31 -9.39 25.23
CA CYS A 63 25.36 -8.62 25.89
C CYS A 63 25.61 -9.13 27.30
N ALA A 64 24.54 -9.47 28.02
CA ALA A 64 24.68 -10.00 29.37
C ALA A 64 25.38 -11.37 29.36
N LEU A 65 25.12 -12.18 28.34
CA LEU A 65 25.75 -13.49 28.26
C LEU A 65 27.25 -13.37 27.98
N LEU A 66 27.63 -12.51 27.04
CA LEU A 66 29.04 -12.31 26.73
C LEU A 66 29.83 -11.89 27.97
N ASN A 67 29.21 -11.10 28.85
CA ASN A 67 29.89 -10.54 30.01
C ASN A 67 29.72 -11.38 31.27
N SER A 68 29.00 -12.51 31.20
CA SER A 68 28.74 -13.30 32.39
C SER A 68 29.04 -14.79 32.18
N GLY A 69 30.04 -15.09 31.36
CA GLY A 69 30.49 -16.46 31.25
C GLY A 69 29.68 -17.34 30.34
N GLY A 70 29.12 -16.80 29.26
CA GLY A 70 28.41 -17.60 28.29
C GLY A 70 27.02 -18.01 28.74
N GLY A 71 26.19 -18.36 27.76
CA GLY A 71 24.84 -18.83 28.00
C GLY A 71 24.07 -19.15 26.74
N VAL A 72 22.74 -19.06 26.80
CA VAL A 72 21.89 -19.28 25.64
C VAL A 72 20.65 -18.40 25.78
N ILE A 73 20.15 -17.92 24.65
CA ILE A 73 18.92 -17.14 24.59
C ILE A 73 17.82 -18.03 24.05
N VAL A 74 16.79 -18.25 24.87
CA VAL A 74 15.63 -19.04 24.47
C VAL A 74 14.51 -18.09 24.09
N MET A 75 13.72 -18.48 23.09
CA MET A 75 12.60 -17.65 22.66
C MET A 75 11.63 -18.49 21.86
N GLN A 76 10.40 -18.01 21.76
CA GLN A 76 9.34 -18.65 21.01
C GLN A 76 9.05 -17.85 19.76
N MET A 77 8.79 -18.55 18.66
CA MET A 77 8.57 -17.90 17.37
C MET A 77 7.11 -17.48 17.21
N SER A 78 6.91 -16.19 16.95
CA SER A 78 5.57 -15.73 16.57
C SER A 78 5.16 -16.31 15.23
N ASN A 79 6.04 -16.23 14.23
CA ASN A 79 5.83 -16.87 12.93
C ASN A 79 6.42 -18.28 13.01
N LYS A 80 5.63 -19.17 13.63
CA LYS A 80 6.17 -20.47 14.02
C LYS A 80 6.44 -21.35 12.81
N SER A 81 5.54 -21.31 11.82
CA SER A 81 5.50 -22.34 10.79
C SER A 81 6.59 -22.22 9.74
N GLU A 82 7.33 -21.11 9.69
CA GLU A 82 8.24 -20.90 8.56
C GLU A 82 9.55 -21.68 8.72
N HIS A 83 10.09 -21.75 9.94
CA HIS A 83 11.41 -22.29 10.19
C HIS A 83 12.43 -21.50 9.37
N PRO A 84 12.77 -20.27 9.78
CA PRO A 84 13.61 -19.42 8.92
C PRO A 84 15.07 -19.83 8.92
N VAL A 85 15.59 -20.32 10.05
CA VAL A 85 16.91 -20.90 10.17
C VAL A 85 17.99 -19.82 10.01
N GLU A 86 17.58 -18.55 9.99
CA GLU A 86 18.54 -17.46 10.06
C GLU A 86 17.99 -16.37 10.95
N MET A 87 18.89 -15.67 11.64
CA MET A 87 18.48 -14.71 12.65
C MET A 87 17.83 -13.49 12.03
N GLY A 88 18.29 -13.07 10.86
CA GLY A 88 17.89 -11.82 10.25
C GLY A 88 19.04 -10.83 10.19
N LEU A 89 18.85 -9.79 9.39
CA LEU A 89 19.92 -8.82 9.21
C LEU A 89 20.00 -7.83 10.38
N ASP A 90 18.86 -7.33 10.85
CA ASP A 90 18.90 -6.32 11.92
C ASP A 90 19.40 -6.94 13.22
N LEU A 91 19.04 -8.19 13.51
CA LEU A 91 19.50 -8.82 14.74
C LEU A 91 20.98 -9.18 14.67
N GLU A 92 21.45 -9.67 13.53
CA GLU A 92 22.86 -10.04 13.40
C GLU A 92 23.76 -8.82 13.47
N THR A 93 23.36 -7.72 12.83
CA THR A 93 24.23 -6.53 12.81
C THR A 93 24.38 -5.92 14.20
N SER A 94 23.33 -5.98 15.02
CA SER A 94 23.44 -5.44 16.38
C SER A 94 24.23 -6.38 17.28
N LEU A 95 24.10 -7.70 17.07
CA LEU A 95 24.89 -8.64 17.85
C LEU A 95 26.37 -8.58 17.45
N ARG A 96 26.64 -8.44 16.16
CA ARG A 96 28.02 -8.36 15.71
C ARG A 96 28.68 -7.06 16.16
N GLU A 97 27.92 -5.95 16.14
CA GLU A 97 28.44 -4.69 16.65
C GLU A 97 28.80 -4.78 18.12
N LEU A 98 28.13 -5.67 18.86
CA LEU A 98 28.45 -5.87 20.27
C LEU A 98 29.85 -6.41 20.45
N ILE A 99 30.24 -7.39 19.63
CA ILE A 99 31.55 -8.04 19.70
C ILE A 99 32.60 -7.13 19.07
N PRO A 100 33.66 -6.78 19.80
CA PRO A 100 34.63 -5.81 19.24
C PRO A 100 35.41 -6.35 18.05
N SER A 101 35.68 -7.65 18.00
CA SER A 101 36.36 -8.23 16.85
C SER A 101 35.41 -8.54 15.70
N SER A 102 34.11 -8.34 15.88
CA SER A 102 33.06 -8.55 14.88
C SER A 102 33.01 -9.98 14.35
N ASP A 103 33.71 -10.91 14.99
CA ASP A 103 33.67 -12.33 14.61
C ASP A 103 32.49 -12.99 15.32
N LEU A 104 31.29 -12.68 14.84
CA LEU A 104 30.10 -13.21 15.47
C LEU A 104 30.00 -14.72 15.30
N GLN A 105 30.47 -15.26 14.18
CA GLN A 105 30.40 -16.70 13.94
C GLN A 105 31.18 -17.49 14.98
N ALA A 106 32.15 -16.87 15.65
CA ALA A 106 32.89 -17.54 16.71
C ALA A 106 32.21 -17.43 18.07
N PHE A 107 31.17 -16.62 18.20
CA PHE A 107 30.54 -16.39 19.49
C PHE A 107 29.06 -16.68 19.56
N ILE A 108 28.34 -16.74 18.44
CA ILE A 108 26.91 -17.01 18.46
C ILE A 108 26.62 -18.19 17.54
N GLU A 109 25.85 -19.15 18.04
CA GLU A 109 25.34 -20.25 17.24
C GLU A 109 23.84 -20.37 17.47
N THR A 110 23.10 -20.66 16.41
CA THR A 110 21.65 -20.71 16.44
C THR A 110 21.16 -22.13 16.19
N LYS A 111 20.13 -22.53 16.95
CA LYS A 111 19.48 -23.82 16.77
C LYS A 111 17.98 -23.59 16.79
N GLN A 112 17.28 -24.13 15.79
CA GLN A 112 15.84 -24.01 15.68
C GLN A 112 15.22 -25.39 15.93
N GLN A 113 14.37 -25.50 16.94
CA GLN A 113 13.80 -26.76 17.38
C GLN A 113 12.28 -26.60 17.46
N GLY A 114 11.60 -26.90 16.36
CA GLY A 114 10.16 -26.81 16.30
C GLY A 114 9.62 -25.42 16.58
N ASP A 115 9.05 -25.23 17.77
CA ASP A 115 8.46 -23.95 18.16
C ASP A 115 9.45 -23.04 18.87
N LEU A 116 10.65 -23.52 19.17
CA LEU A 116 11.66 -22.77 19.90
C LEU A 116 12.84 -22.41 19.01
N PHE A 117 13.55 -21.36 19.41
CA PHE A 117 14.75 -20.90 18.72
C PHE A 117 15.77 -20.48 19.76
N TYR A 118 17.00 -21.00 19.63
CA TYR A 118 18.08 -20.70 20.56
C TYR A 118 19.11 -19.78 19.90
N ILE A 119 19.70 -18.92 20.71
CA ILE A 119 20.89 -18.17 20.32
C ILE A 119 21.93 -18.45 21.39
N PHE A 120 22.83 -19.39 21.11
CA PHE A 120 23.92 -19.67 22.03
C PHE A 120 24.94 -18.54 21.94
N VAL A 121 25.40 -18.07 23.10
CA VAL A 121 26.36 -16.98 23.18
C VAL A 121 27.51 -17.44 24.06
N LYS A 122 28.72 -17.39 23.52
CA LYS A 122 29.91 -17.82 24.24
C LYS A 122 30.45 -16.69 25.09
N SER A 123 31.15 -17.04 26.17
CA SER A 123 31.74 -16.05 27.05
C SER A 123 32.77 -15.21 26.29
N TRP A 124 33.06 -14.03 26.83
CA TRP A 124 34.02 -13.15 26.19
C TRP A 124 35.42 -13.29 26.77
N SER A 125 35.54 -13.51 28.08
CA SER A 125 36.85 -13.68 28.70
C SER A 125 37.52 -14.96 28.23
N THR A 133 45.50 -6.35 24.19
CA THR A 133 45.27 -5.11 23.47
C THR A 133 43.84 -5.06 22.93
N LYS A 134 42.91 -5.63 23.69
CA LYS A 134 41.51 -5.72 23.29
C LYS A 134 40.61 -5.43 24.49
N PRO A 135 39.38 -4.97 24.25
CA PRO A 135 38.48 -4.66 25.38
C PRO A 135 38.08 -5.92 26.14
N ARG A 136 37.73 -5.72 27.41
CA ARG A 136 37.42 -6.82 28.30
C ARG A 136 35.92 -7.08 28.45
N ILE A 137 35.07 -6.11 28.12
CA ILE A 137 33.62 -6.29 28.20
C ILE A 137 32.97 -5.74 26.94
N CYS A 138 31.79 -6.26 26.64
CA CYS A 138 31.00 -5.84 25.50
C CYS A 138 29.86 -4.94 25.96
N SER A 139 29.45 -4.03 25.08
CA SER A 139 28.49 -3.00 25.46
C SER A 139 27.65 -2.59 24.26
N LEU A 140 26.39 -2.23 24.53
CA LEU A 140 25.54 -1.68 23.49
C LEU A 140 25.98 -0.27 23.12
N SER A 141 26.40 0.52 24.10
CA SER A 141 26.90 1.87 23.86
C SER A 141 27.86 2.22 24.99
N SER A 142 29.02 2.75 24.63
CA SER A 142 30.01 3.17 25.63
C SER A 142 29.57 4.42 26.39
N SER A 143 28.64 5.19 25.83
CA SER A 143 28.04 6.37 26.45
C SER A 143 29.05 7.48 26.70
N LEU A 144 30.27 7.37 26.17
CA LEU A 144 31.27 8.43 26.25
C LEU A 144 31.57 8.94 24.85
N TYR A 145 31.67 10.25 24.72
CA TYR A 145 31.87 10.91 23.43
C TYR A 145 33.16 11.71 23.44
N CYS A 146 33.77 11.85 22.27
CA CYS A 146 34.89 12.73 22.04
C CYS A 146 34.53 13.71 20.92
N ARG A 147 35.24 14.84 20.89
CA ARG A 147 35.00 15.86 19.89
C ARG A 147 35.76 15.50 18.61
N SER A 148 35.12 14.66 17.80
CA SER A 148 35.69 14.16 16.54
C SER A 148 34.89 14.74 15.39
N LEU A 149 35.56 15.49 14.52
CA LEU A 149 34.91 16.05 13.34
C LEU A 149 34.40 14.96 12.40
N THR A 150 34.99 13.76 12.47
CA THR A 150 34.62 12.69 11.56
C THR A 150 33.19 12.21 11.80
N SER A 151 32.83 11.96 13.07
CA SER A 151 31.51 11.44 13.39
C SER A 151 31.21 11.67 14.87
N LYS A 152 30.01 12.17 15.17
CA LYS A 152 29.56 12.33 16.55
C LYS A 152 28.89 11.06 17.08
N LEU A 153 29.41 9.93 16.73
CA LEU A 153 28.89 8.72 17.35
C LEU A 153 29.68 8.40 18.61
N PRO A 154 29.07 7.72 19.58
CA PRO A 154 29.84 7.29 20.75
C PRO A 154 31.00 6.39 20.33
N LEU A 155 32.10 6.49 21.07
CA LEU A 155 33.25 5.66 20.77
C LEU A 155 32.87 4.19 20.83
N ASP A 156 33.22 3.44 19.79
CA ASP A 156 32.93 2.02 19.78
C ASP A 156 33.89 1.29 20.73
N SER A 157 33.78 -0.04 20.76
CA SER A 157 34.57 -0.83 21.69
C SER A 157 36.07 -0.56 21.54
N LYS A 158 36.56 -0.52 20.30
CA LYS A 158 37.98 -0.27 20.08
C LYS A 158 38.35 1.15 20.47
N GLU A 159 37.58 2.13 20.01
CA GLU A 159 37.88 3.52 20.35
C GLU A 159 37.78 3.75 21.86
N THR A 160 36.82 3.11 22.53
CA THR A 160 36.63 3.32 23.96
C THR A 160 37.78 2.73 24.76
N PHE A 161 38.28 1.56 24.37
CA PHE A 161 39.36 0.92 25.11
C PHE A 161 40.64 1.72 25.02
N GLU A 162 40.94 2.28 23.84
CA GLU A 162 42.09 3.16 23.72
C GLU A 162 41.94 4.39 24.59
N PHE A 163 40.71 4.89 24.77
CA PHE A 163 40.50 6.11 25.53
C PHE A 163 40.77 5.91 27.01
N LEU A 164 40.19 4.86 27.60
CA LEU A 164 40.27 4.69 29.05
C LEU A 164 41.68 4.29 29.48
N GLU A 165 42.34 3.43 28.70
CA GLU A 165 43.71 3.05 29.03
C GLU A 165 44.67 4.23 28.92
N ARG A 166 44.45 5.12 27.94
CA ARG A 166 45.32 6.27 27.76
C ARG A 166 45.20 7.25 28.92
N LYS A 167 43.97 7.52 29.37
CA LYS A 167 43.77 8.45 30.48
C LYS A 167 44.27 7.86 31.80
N LYS A 168 44.30 6.53 31.90
CA LYS A 168 44.82 5.88 33.11
C LYS A 168 46.35 5.92 33.15
N THR A 169 46.99 5.69 32.00
CA THR A 169 48.45 5.66 31.95
C THR A 169 49.05 7.06 32.02
N CYS A 170 48.31 8.07 31.57
CA CYS A 170 48.83 9.44 31.59
C CYS A 170 48.99 9.96 33.01
N VAL A 171 48.18 9.44 33.95
CA VAL A 171 48.24 9.88 35.35
C VAL A 171 49.04 8.92 36.23
N LYS A 172 49.37 7.73 35.72
CA LYS A 172 50.10 6.71 36.48
C LYS A 172 49.35 6.30 37.75
N ASN A 192 44.76 30.25 28.54
CA ASN A 192 45.15 29.02 27.86
C ASN A 192 44.47 28.96 26.49
N ASP A 193 44.46 27.77 25.87
CA ASP A 193 43.70 27.59 24.64
C ASP A 193 42.23 27.92 24.84
N LEU A 194 41.69 27.58 26.00
CA LEU A 194 40.32 27.98 26.34
C LEU A 194 40.17 29.49 26.35
N GLU A 195 41.19 30.20 26.86
CA GLU A 195 41.09 31.64 27.06
C GLU A 195 41.55 32.44 25.86
N SER A 196 42.39 31.86 25.00
CA SER A 196 42.93 32.55 23.84
C SER A 196 42.23 32.18 22.54
N ASN A 197 41.37 31.16 22.54
CA ASN A 197 40.64 30.83 21.33
C ASN A 197 39.68 31.96 20.98
N PRO A 198 39.28 32.06 19.70
CA PRO A 198 38.48 33.23 19.28
C PRO A 198 37.11 33.31 19.95
N ALA A 199 36.52 32.18 20.33
CA ALA A 199 35.17 32.17 20.88
C ALA A 199 35.05 32.90 22.22
N PHE A 200 36.15 33.35 22.81
CA PHE A 200 36.09 33.98 24.13
C PHE A 200 35.40 35.33 24.08
N GLU A 201 35.59 36.10 23.01
CA GLU A 201 35.11 37.48 22.99
C GLU A 201 33.59 37.55 23.02
N ILE A 202 32.91 36.64 22.33
CA ILE A 202 31.45 36.61 22.39
C ILE A 202 31.00 35.95 23.70
N PHE A 203 31.79 35.02 24.22
CA PHE A 203 31.58 34.58 25.60
C PHE A 203 31.82 35.70 26.60
N GLN A 204 32.47 36.78 26.18
CA GLN A 204 32.68 37.95 27.04
C GLN A 204 31.82 39.14 26.60
N SER A 205 30.85 38.93 25.73
CA SER A 205 29.98 40.01 25.29
C SER A 205 28.86 40.23 26.30
N GLU A 206 28.71 41.48 26.75
CA GLU A 206 27.60 41.84 27.62
C GLU A 206 26.29 42.01 26.86
N ARG A 207 26.36 42.27 25.56
CA ARG A 207 25.17 42.48 24.75
C ARG A 207 25.43 42.00 23.33
N LEU A 208 24.43 41.39 22.72
CA LEU A 208 24.45 41.04 21.31
C LEU A 208 23.24 41.65 20.61
N GLU A 209 23.21 41.51 19.29
CA GLU A 209 22.21 42.13 18.45
C GLU A 209 21.59 41.08 17.54
N TYR A 210 20.28 41.15 17.34
CA TYR A 210 19.59 40.15 16.52
C TYR A 210 20.09 40.20 15.08
N GLY A 211 20.38 39.03 14.54
CA GLY A 211 20.74 38.88 13.14
C GLY A 211 22.20 39.07 12.82
N GLN A 212 23.03 39.50 13.79
CA GLN A 212 24.43 39.76 13.49
C GLN A 212 25.12 38.46 13.10
N ARG A 213 25.86 38.52 11.98
CA ARG A 213 26.67 37.38 11.60
C ARG A 213 27.85 37.24 12.58
N LEU A 214 28.50 36.09 12.52
CA LEU A 214 29.47 35.72 13.54
C LEU A 214 30.77 35.27 12.89
N PRO A 215 31.92 35.69 13.43
CA PRO A 215 33.19 35.43 12.75
C PRO A 215 33.72 34.00 12.89
N PHE A 216 33.24 33.21 13.84
CA PHE A 216 33.72 31.85 13.97
C PHE A 216 32.85 30.92 13.15
N SER A 217 33.36 29.71 12.93
CA SER A 217 32.62 28.61 12.33
C SER A 217 32.57 27.46 13.32
N GLU A 218 31.74 26.46 13.00
CA GLU A 218 31.72 25.25 13.81
C GLU A 218 33.06 24.53 13.66
N SER A 219 33.91 24.64 14.68
CA SER A 219 35.22 24.01 14.70
C SER A 219 35.21 22.84 15.69
N ALA A 220 36.40 22.31 15.96
CA ALA A 220 36.56 21.27 16.97
C ALA A 220 36.50 21.81 18.38
N SER A 221 36.34 23.12 18.54
CA SER A 221 36.19 23.74 19.85
C SER A 221 34.96 24.62 19.97
N ILE A 222 34.13 24.69 18.92
CA ILE A 222 32.98 25.58 18.88
C ILE A 222 31.82 24.83 18.23
N GLU A 223 30.71 24.67 18.95
CA GLU A 223 29.52 24.01 18.46
C GLU A 223 28.37 24.99 18.42
N PHE A 224 27.68 25.05 17.28
CA PHE A 224 26.49 25.88 17.12
C PHE A 224 25.23 25.04 17.27
N LYS A 225 24.29 25.54 18.06
CA LYS A 225 22.98 24.91 18.21
C LYS A 225 21.92 25.99 18.14
N GLN A 226 20.88 25.76 17.34
CA GLN A 226 19.76 26.70 17.24
C GLN A 226 18.53 26.13 17.92
N PHE A 227 17.74 27.02 18.51
CA PHE A 227 16.52 26.62 19.20
C PHE A 227 15.40 26.38 18.19
N SER A 228 14.43 25.54 18.59
CA SER A 228 13.27 25.23 17.80
C SER A 228 12.03 25.84 18.45
N THR A 229 10.86 25.30 18.13
CA THR A 229 9.67 25.58 18.93
C THR A 229 9.68 24.80 20.23
N ARG A 230 10.60 23.86 20.39
CA ARG A 230 10.76 23.17 21.66
C ARG A 230 11.19 24.17 22.73
N ARG A 231 10.66 24.00 23.95
CA ARG A 231 10.99 24.89 25.04
C ARG A 231 12.50 24.94 25.23
N ALA A 232 12.99 26.13 25.58
CA ALA A 232 14.44 26.35 25.66
C ALA A 232 15.09 25.37 26.64
N HIS A 233 14.51 25.24 27.85
CA HIS A 233 15.12 24.39 28.86
C HIS A 233 15.20 22.94 28.44
N GLU A 234 14.16 22.44 27.76
CA GLU A 234 14.13 21.03 27.39
C GLU A 234 15.14 20.72 26.29
N TYR A 235 15.29 21.64 25.32
CA TYR A 235 16.28 21.43 24.27
C TYR A 235 17.70 21.48 24.83
N ILE A 236 17.97 22.38 25.78
CA ILE A 236 19.29 22.42 26.41
C ILE A 236 19.56 21.10 27.14
N LYS A 237 18.57 20.60 27.89
CA LYS A 237 18.77 19.39 28.67
C LYS A 237 19.09 18.19 27.80
N SER A 238 18.61 18.17 26.56
CA SER A 238 18.91 17.05 25.68
C SER A 238 20.27 17.19 25.01
N VAL A 239 20.70 18.41 24.71
CA VAL A 239 21.95 18.62 23.98
C VAL A 239 23.16 18.58 24.92
N ILE A 240 22.97 18.98 26.19
CA ILE A 240 24.10 19.08 27.12
C ILE A 240 24.90 17.78 27.24
N PRO A 241 24.29 16.61 27.52
CA PRO A 241 25.12 15.46 27.91
C PRO A 241 26.08 15.00 26.83
N GLU A 242 25.68 15.05 25.56
CA GLU A 242 26.54 14.55 24.49
C GLU A 242 27.70 15.50 24.21
N TYR A 243 27.44 16.81 24.21
CA TYR A 243 28.43 17.78 23.77
C TYR A 243 29.34 18.27 24.89
N ILE A 244 28.80 18.51 26.09
CA ILE A 244 29.67 18.90 27.19
C ILE A 244 30.63 17.77 27.54
N SER A 245 30.15 16.52 27.48
CA SER A 245 31.02 15.38 27.70
C SER A 245 32.16 15.34 26.68
N ALA A 246 31.82 15.47 25.39
CA ALA A 246 32.83 15.38 24.34
C ALA A 246 33.86 16.49 24.46
N PHE A 247 33.42 17.69 24.85
CA PHE A 247 34.34 18.81 25.03
C PHE A 247 35.33 18.53 26.15
N ALA A 248 34.83 18.04 27.30
CA ALA A 248 35.70 17.83 28.45
C ALA A 248 36.76 16.78 28.18
N ASN A 249 36.46 15.79 27.33
CA ASN A 249 37.43 14.74 27.01
C ASN A 249 38.46 15.18 25.98
N THR A 250 38.24 16.30 25.27
CA THR A 250 39.09 16.71 24.16
C THR A 250 39.34 18.22 24.24
N GLN A 251 40.26 18.62 25.13
CA GLN A 251 40.81 19.98 25.19
C GLN A 251 39.77 21.05 25.51
N GLY A 252 38.54 20.69 25.86
CA GLY A 252 37.53 21.69 26.17
C GLY A 252 37.00 22.38 24.93
N GLY A 253 36.07 23.31 25.17
CA GLY A 253 35.48 24.05 24.07
C GLY A 253 34.32 24.90 24.55
N TYR A 254 33.60 25.45 23.57
CA TYR A 254 32.48 26.35 23.80
C TYR A 254 31.24 25.79 23.11
N LEU A 255 30.11 25.82 23.83
CA LEU A 255 28.82 25.39 23.30
C LEU A 255 27.88 26.58 23.31
N LEU A 256 27.48 27.04 22.12
CA LEU A 256 26.63 28.20 21.96
C LEU A 256 25.23 27.75 21.55
N PHE A 257 24.24 28.16 22.35
CA PHE A 257 22.84 27.93 22.05
C PHE A 257 22.22 29.22 21.51
N GLY A 258 21.51 29.12 20.40
CA GLY A 258 20.88 30.26 19.79
C GLY A 258 21.56 30.82 18.56
N VAL A 259 22.19 29.97 17.76
CA VAL A 259 22.90 30.39 16.55
C VAL A 259 22.59 29.40 15.45
N ASP A 260 22.29 29.91 14.25
CA ASP A 260 22.01 29.04 13.12
C ASP A 260 23.28 28.37 12.62
N ASP A 261 23.10 27.18 12.05
CA ASP A 261 24.23 26.46 11.45
C ASP A 261 24.52 26.97 10.04
N GLU A 262 23.51 26.96 9.18
CA GLU A 262 23.63 27.45 7.82
C GLU A 262 23.90 28.95 7.79
N SER A 263 22.93 29.73 8.25
CA SER A 263 23.02 31.19 8.16
C SER A 263 24.09 31.76 9.09
N LYS A 264 24.49 31.01 10.11
CA LYS A 264 25.50 31.45 11.08
C LYS A 264 25.14 32.79 11.74
N ARG A 265 23.83 33.03 11.90
CA ARG A 265 23.33 34.27 12.48
C ARG A 265 22.98 34.05 13.96
N VAL A 266 23.10 35.11 14.74
CA VAL A 266 22.76 35.09 16.15
C VAL A 266 21.27 35.41 16.29
N LEU A 267 20.49 34.45 16.76
CA LEU A 267 19.06 34.65 16.95
C LEU A 267 18.58 34.39 18.37
N GLY A 268 19.24 33.51 19.12
CA GLY A 268 18.86 33.22 20.49
C GLY A 268 17.43 32.68 20.59
N CYS A 269 16.92 32.68 21.82
CA CYS A 269 15.56 32.25 22.12
C CYS A 269 14.75 33.38 22.74
N PRO A 270 13.42 33.35 22.60
CA PRO A 270 12.59 34.46 23.10
C PRO A 270 12.76 34.69 24.61
N LYS A 271 12.67 35.96 25.02
CA LYS A 271 13.01 36.33 26.38
C LYS A 271 11.94 35.95 27.40
N ASP A 272 10.69 35.76 26.96
CA ASP A 272 9.58 35.90 27.88
C ASP A 272 9.48 34.72 28.84
N ASN A 273 9.59 33.50 28.33
CA ASN A 273 9.34 32.32 29.15
C ASN A 273 10.57 31.84 29.92
N VAL A 274 11.73 32.47 29.73
CA VAL A 274 12.96 32.08 30.40
C VAL A 274 13.60 33.30 31.03
N ASP A 275 14.35 33.08 32.10
CA ASP A 275 15.18 34.11 32.71
C ASP A 275 16.62 33.61 32.80
N ARG A 276 17.52 34.51 33.22
CA ARG A 276 18.93 34.16 33.27
C ARG A 276 19.21 33.10 34.32
N ASP A 277 18.48 33.13 35.44
CA ASP A 277 18.71 32.17 36.52
C ASP A 277 18.21 30.78 36.16
N SER A 278 17.11 30.69 35.39
CA SER A 278 16.57 29.38 35.03
C SER A 278 17.45 28.68 34.00
N LEU A 279 17.96 29.42 33.02
CA LEU A 279 18.85 28.83 32.02
C LEU A 279 20.14 28.34 32.66
N LYS A 280 20.73 29.16 33.54
CA LYS A 280 21.94 28.73 34.24
C LYS A 280 21.66 27.57 35.19
N ALA A 281 20.47 27.52 35.79
CA ALA A 281 20.14 26.42 36.69
C ALA A 281 19.92 25.12 35.89
N VAL A 282 19.26 25.21 34.74
CA VAL A 282 19.04 24.02 33.92
C VAL A 282 20.37 23.42 33.48
N VAL A 283 21.33 24.28 33.12
CA VAL A 283 22.66 23.80 32.75
C VAL A 283 23.35 23.15 33.95
N ASN A 284 23.31 23.82 35.10
CA ASN A 284 23.94 23.27 36.30
C ASN A 284 23.32 21.93 36.68
N GLU A 285 21.99 21.83 36.61
CA GLU A 285 21.34 20.56 36.87
C GLU A 285 21.74 19.52 35.83
N ALA A 286 21.90 19.94 34.57
CA ALA A 286 22.20 19.01 33.49
C ALA A 286 23.63 18.50 33.58
N ILE A 287 24.58 19.39 33.86
CA ILE A 287 25.98 18.98 33.96
C ILE A 287 26.20 18.05 35.15
N SER A 288 25.46 18.26 36.24
CA SER A 288 25.68 17.48 37.46
C SER A 288 25.35 16.01 37.24
N LYS A 289 24.32 15.72 36.44
CA LYS A 289 23.95 14.33 36.17
C LYS A 289 25.02 13.55 35.41
N LEU A 290 26.01 14.23 34.85
CA LEU A 290 27.05 13.55 34.07
C LEU A 290 27.94 12.73 34.98
N PRO A 291 27.98 11.41 34.85
CA PRO A 291 28.87 10.61 35.69
C PRO A 291 30.31 10.72 35.22
N VAL A 292 31.23 10.82 36.18
CA VAL A 292 32.65 10.90 35.89
C VAL A 292 33.36 9.77 36.61
N PHE A 293 34.43 9.28 35.99
CA PHE A 293 35.29 8.29 36.60
C PHE A 293 36.71 8.84 36.62
N HIS A 294 37.35 8.78 37.79
CA HIS A 294 38.68 9.31 37.99
C HIS A 294 39.69 8.17 38.10
N PHE A 295 40.77 8.27 37.33
CA PHE A 295 41.93 7.40 37.50
C PHE A 295 42.94 7.99 38.48
N CYS A 296 42.64 9.13 39.09
CA CYS A 296 43.56 9.80 39.99
C CYS A 296 42.93 10.06 41.34
N SER A 297 43.64 10.78 42.21
CA SER A 297 43.14 11.09 43.54
C SER A 297 42.16 12.25 43.54
N SER A 298 42.18 13.09 42.50
CA SER A 298 41.25 14.21 42.42
C SER A 298 39.83 13.70 42.23
N LYS A 299 38.88 14.34 42.91
CA LYS A 299 37.46 14.02 42.77
C LYS A 299 36.68 15.20 42.19
N GLU A 300 37.38 16.15 41.58
CA GLU A 300 36.72 17.29 40.95
C GLU A 300 35.82 16.82 39.81
N LYS A 301 34.55 17.23 39.87
CA LYS A 301 33.66 17.03 38.74
C LYS A 301 33.97 18.06 37.65
N VAL A 302 33.30 17.90 36.50
CA VAL A 302 33.60 18.73 35.33
C VAL A 302 33.38 20.20 35.64
N SER A 303 34.39 21.02 35.32
CA SER A 303 34.36 22.46 35.59
C SER A 303 33.95 23.21 34.32
N TYR A 304 33.03 24.15 34.46
CA TYR A 304 32.48 24.86 33.33
C TYR A 304 32.06 26.26 33.77
N LYS A 305 31.85 27.14 32.80
CA LYS A 305 31.34 28.49 33.05
C LYS A 305 30.23 28.77 32.04
N THR A 306 28.99 28.89 32.53
CA THR A 306 27.84 29.17 31.70
C THR A 306 27.53 30.66 31.72
N ARG A 307 27.14 31.19 30.57
CA ARG A 307 26.79 32.60 30.47
C ARG A 307 25.58 32.79 29.56
N VAL A 308 24.69 33.68 29.97
CA VAL A 308 23.48 34.01 29.23
C VAL A 308 23.64 35.44 28.72
N ILE A 309 23.73 35.59 27.41
CA ILE A 309 24.03 36.88 26.78
C ILE A 309 22.73 37.48 26.26
N ASP A 310 22.50 38.76 26.56
CA ASP A 310 21.29 39.43 26.11
C ASP A 310 21.35 39.71 24.62
N VAL A 311 20.32 39.28 23.90
CA VAL A 311 20.15 39.59 22.48
C VAL A 311 19.06 40.64 22.35
N PHE A 312 19.38 41.75 21.71
CA PHE A 312 18.43 42.84 21.51
C PHE A 312 17.87 42.80 20.10
N LYS A 313 16.55 42.96 19.99
CA LYS A 313 15.92 43.11 18.68
C LYS A 313 16.37 44.40 18.02
N GLU A 314 16.13 45.53 18.70
CA GLU A 314 16.56 46.86 18.27
C GLU A 314 16.09 47.88 19.30
N GLY A 315 16.81 47.97 20.42
CA GLY A 315 16.34 48.74 21.56
C GLY A 315 15.34 48.00 22.42
N ASN A 316 14.88 46.83 22.00
CA ASN A 316 14.04 45.95 22.78
C ASN A 316 14.75 44.62 22.97
N LEU A 317 14.66 44.08 24.19
CA LEU A 317 15.27 42.78 24.47
C LEU A 317 14.44 41.70 23.78
N TYR A 318 14.96 41.14 22.68
CA TYR A 318 14.28 40.02 22.05
C TYR A 318 14.39 38.77 22.91
N GLY A 319 15.62 38.35 23.20
CA GLY A 319 15.84 37.16 24.02
C GLY A 319 17.28 36.97 24.44
N TYR A 320 17.65 35.72 24.70
CA TYR A 320 18.94 35.40 25.29
C TYR A 320 19.72 34.46 24.37
N LEU A 321 21.04 34.44 24.58
CA LEU A 321 21.93 33.51 23.89
C LEU A 321 22.83 32.89 24.93
N CYS A 322 22.81 31.57 25.02
CA CYS A 322 23.46 30.84 26.10
C CYS A 322 24.75 30.20 25.58
N VAL A 323 25.87 30.51 26.24
CA VAL A 323 27.18 29.97 25.89
C VAL A 323 27.77 29.30 27.12
N ILE A 324 28.35 28.12 26.93
CA ILE A 324 28.93 27.33 28.00
C ILE A 324 30.39 27.06 27.66
N LYS A 325 31.29 27.49 28.54
CA LYS A 325 32.71 27.18 28.43
C LYS A 325 33.03 26.01 29.35
N VAL A 326 33.51 24.91 28.78
CA VAL A 326 33.80 23.69 29.51
C VAL A 326 35.28 23.39 29.40
N GLU A 327 35.91 23.10 30.54
CA GLU A 327 37.35 22.90 30.64
C GLU A 327 37.71 21.42 30.45
N ARG A 328 38.95 21.17 30.05
CA ARG A 328 39.43 19.80 29.86
C ARG A 328 39.45 19.07 31.20
N PHE A 329 39.20 17.76 31.14
CA PHE A 329 39.00 16.95 32.34
C PHE A 329 40.21 16.08 32.63
N CYS A 330 40.29 15.67 33.90
CA CYS A 330 41.40 14.86 34.38
C CYS A 330 41.34 13.46 33.79
N CYS A 331 40.15 12.87 33.75
CA CYS A 331 39.99 11.49 33.32
C CYS A 331 38.84 11.35 32.33
N ALA A 332 37.70 10.82 32.76
CA ALA A 332 36.62 10.48 31.86
C ALA A 332 35.31 11.14 32.30
N VAL A 333 34.58 11.67 31.31
CA VAL A 333 33.24 12.23 31.51
C VAL A 333 32.29 11.48 30.58
N PHE A 334 31.21 10.95 31.15
CA PHE A 334 30.20 10.22 30.38
C PHE A 334 28.97 11.10 30.14
N SER A 335 28.31 10.87 29.01
CA SER A 335 27.03 11.54 28.76
C SER A 335 25.90 10.92 29.58
N GLU A 336 26.05 9.68 29.99
CA GLU A 336 25.14 8.96 30.87
C GLU A 336 25.84 7.66 31.28
N ALA A 337 25.15 6.80 32.00
CA ALA A 337 25.73 5.52 32.34
C ALA A 337 25.96 4.70 31.07
N PRO A 338 27.04 3.93 31.00
CA PRO A 338 27.24 3.06 29.84
C PRO A 338 26.14 2.01 29.74
N ILE A 339 25.60 1.84 28.53
CA ILE A 339 24.56 0.85 28.29
C ILE A 339 25.21 -0.51 28.11
N SER A 340 25.37 -1.23 29.23
CA SER A 340 26.01 -2.54 29.22
C SER A 340 25.39 -3.38 30.32
N TRP A 341 25.22 -4.68 30.04
CA TRP A 341 24.42 -5.55 30.88
C TRP A 341 25.22 -6.78 31.32
N MET A 342 24.80 -7.36 32.44
CA MET A 342 25.29 -8.65 32.90
C MET A 342 24.09 -9.46 33.39
N ALA A 343 24.31 -10.76 33.61
CA ALA A 343 23.21 -11.64 34.01
C ALA A 343 23.73 -12.73 34.93
N ASP A 344 23.11 -12.86 36.09
CA ASP A 344 23.41 -13.92 37.04
C ASP A 344 22.10 -14.56 37.49
N LYS A 345 22.19 -15.80 37.98
CA LYS A 345 20.99 -16.51 38.39
C LYS A 345 20.33 -15.84 39.58
N GLU A 346 21.14 -15.40 40.56
CA GLU A 346 20.56 -14.76 41.74
C GLU A 346 20.12 -13.33 41.46
N ASN A 347 20.90 -12.58 40.69
CA ASN A 347 20.62 -11.17 40.47
C ASN A 347 19.75 -10.89 39.25
N GLY A 348 19.65 -11.83 38.32
CA GLY A 348 18.92 -11.59 37.08
C GLY A 348 19.77 -10.78 36.10
N VAL A 349 19.09 -10.17 35.14
CA VAL A 349 19.73 -9.27 34.20
C VAL A 349 19.71 -7.86 34.79
N TYR A 350 20.87 -7.21 34.81
CA TYR A 350 20.97 -5.90 35.44
C TYR A 350 21.99 -5.04 34.70
N SER A 351 21.86 -3.73 34.88
CA SER A 351 22.78 -2.76 34.29
C SER A 351 23.95 -2.52 35.23
N LEU A 352 25.07 -2.11 34.64
CA LEU A 352 26.30 -1.90 35.39
C LEU A 352 26.41 -0.43 35.79
N ASN A 353 26.89 -0.19 37.00
CA ASN A 353 27.19 1.17 37.43
C ASN A 353 28.28 1.78 36.55
N THR A 354 28.52 3.06 36.74
CA THR A 354 29.46 3.76 35.87
C THR A 354 30.90 3.34 36.13
N GLU A 355 31.30 3.24 37.41
CA GLU A 355 32.72 3.09 37.70
C GLU A 355 33.18 1.63 37.59
N LYS A 356 32.42 0.67 38.12
CA LYS A 356 32.83 -0.71 37.99
C LYS A 356 32.80 -1.15 36.54
N TRP A 357 31.93 -0.56 35.72
CA TRP A 357 32.00 -0.79 34.27
C TRP A 357 33.37 -0.45 33.73
N VAL A 358 33.99 0.61 34.24
CA VAL A 358 35.36 0.95 33.83
C VAL A 358 36.34 -0.08 34.36
N ARG A 359 36.21 -0.45 35.65
CA ARG A 359 37.10 -1.44 36.23
C ARG A 359 36.95 -2.80 35.57
N MET A 360 35.75 -3.14 35.10
CA MET A 360 35.58 -4.33 34.27
C MET A 360 36.13 -4.12 32.87
N MET A 361 36.34 -2.87 32.46
CA MET A 361 36.72 -2.56 31.08
C MET A 361 38.22 -2.64 30.86
N VAL A 362 39.02 -2.20 31.83
CA VAL A 362 40.47 -2.14 31.71
C VAL A 362 41.08 -2.76 32.97
N ASP A 363 42.41 -2.70 33.06
CA ASP A 363 43.14 -3.23 34.22
C ASP A 363 43.56 -2.06 35.10
N ILE A 364 42.64 -1.65 35.97
CA ILE A 364 42.90 -0.55 36.88
C ILE A 364 43.67 -1.06 38.10
N SER B 11 1.91 9.14 38.89
CA SER B 11 2.87 8.05 38.97
C SER B 11 2.63 7.01 37.89
N SER B 12 1.34 6.87 37.47
CA SER B 12 0.92 5.84 36.54
C SER B 12 -0.15 6.42 35.60
N GLY B 13 0.25 7.39 34.78
CA GLY B 13 -0.69 8.07 33.92
C GLY B 13 -1.25 9.35 34.50
N LEU B 14 -0.82 9.72 35.71
CA LEU B 14 -1.15 11.00 36.34
C LEU B 14 -0.03 11.99 36.05
N GLU B 15 -0.40 13.17 35.58
CA GLU B 15 0.58 14.23 35.37
C GLU B 15 0.04 15.53 35.97
N VAL B 16 0.85 16.16 36.83
CA VAL B 16 0.59 17.53 37.24
C VAL B 16 0.81 18.43 36.03
N LEU B 17 -0.10 19.39 35.84
CA LEU B 17 -0.23 20.02 34.53
C LEU B 17 1.01 20.80 34.12
N PHE B 18 1.64 21.51 35.04
CA PHE B 18 2.80 22.30 34.64
C PHE B 18 4.03 21.92 35.45
N GLN B 19 4.20 20.61 35.61
CA GLN B 19 5.30 20.05 36.39
C GLN B 19 6.64 20.45 35.77
N GLY B 20 7.60 20.72 36.64
CA GLY B 20 8.91 21.13 36.21
C GLY B 20 9.58 22.03 37.24
N PRO B 21 10.90 21.88 37.39
CA PRO B 21 11.61 22.74 38.35
C PRO B 21 11.63 24.19 37.94
N HIS B 22 11.78 24.48 36.64
CA HIS B 22 11.83 25.85 36.13
C HIS B 22 10.83 26.00 35.00
N MET B 23 9.61 26.39 35.36
CA MET B 23 8.52 26.59 34.40
C MET B 23 7.89 27.97 34.45
N GLY B 24 8.03 28.72 35.53
CA GLY B 24 7.36 29.99 35.66
C GLY B 24 5.93 29.81 36.14
N GLY B 25 5.18 30.91 36.08
CA GLY B 25 3.80 30.87 36.53
C GLY B 25 2.94 29.96 35.69
N SER B 26 1.83 29.53 36.27
CA SER B 26 0.88 28.70 35.55
C SER B 26 0.00 29.56 34.66
N PRO B 27 -0.19 29.19 33.40
CA PRO B 27 -1.02 30.02 32.51
C PRO B 27 -2.46 30.10 33.02
N ASP B 28 -3.06 31.28 32.86
CA ASP B 28 -4.43 31.47 33.29
C ASP B 28 -5.42 30.83 32.33
N LEU B 29 -5.18 30.96 31.02
CA LEU B 29 -6.09 30.47 30.00
C LEU B 29 -5.57 29.13 29.48
N ILE B 30 -6.30 28.05 29.77
CA ILE B 30 -5.89 26.69 29.42
C ILE B 30 -6.97 26.07 28.55
N ILE B 31 -6.60 25.67 27.33
CA ILE B 31 -7.54 25.12 26.36
C ILE B 31 -7.16 23.65 26.16
N HIS B 32 -8.12 22.76 26.39
CA HIS B 32 -7.92 21.33 26.24
C HIS B 32 -8.42 20.90 24.86
N ALA B 33 -7.58 20.17 24.13
CA ALA B 33 -7.90 19.74 22.77
C ALA B 33 -8.04 18.22 22.65
N GLY B 34 -8.12 17.51 23.76
CA GLY B 34 -8.35 16.08 23.68
C GLY B 34 -7.17 15.31 23.09
N GLU B 35 -7.50 14.23 22.40
CA GLU B 35 -6.50 13.35 21.83
C GLU B 35 -6.03 13.89 20.48
N VAL B 36 -4.72 14.02 20.32
CA VAL B 36 -4.11 14.50 19.09
C VAL B 36 -2.87 13.65 18.80
N THR B 37 -2.66 13.33 17.52
CA THR B 37 -1.44 12.68 17.09
C THR B 37 -0.38 13.74 16.83
N LEU B 38 0.85 13.47 17.30
CA LEU B 38 1.92 14.44 17.16
C LEU B 38 3.18 13.78 16.62
N GLY B 39 4.03 14.60 16.02
CA GLY B 39 5.21 14.11 15.34
C GLY B 39 4.95 13.89 13.86
N GLU B 40 5.77 14.48 13.00
CA GLU B 40 5.51 14.38 11.56
C GLU B 40 5.56 12.94 11.07
N LYS B 41 6.32 12.07 11.75
CA LYS B 41 6.40 10.67 11.33
C LYS B 41 5.07 9.95 11.53
N ASP B 42 4.42 10.17 12.67
CA ASP B 42 3.12 9.55 12.91
C ASP B 42 1.99 10.33 12.24
N ARG B 43 2.11 11.65 12.17
CA ARG B 43 1.10 12.46 11.49
C ARG B 43 1.02 12.14 10.01
N ASN B 44 2.13 11.70 9.41
CA ASN B 44 2.14 11.45 7.98
C ASN B 44 1.31 10.23 7.60
N LYS B 45 1.25 9.22 8.48
CA LYS B 45 0.59 7.95 8.17
C LYS B 45 -0.69 7.76 8.97
N MET B 46 -1.28 8.83 9.49
CA MET B 46 -2.55 8.74 10.19
C MET B 46 -3.71 8.94 9.22
N ASP B 47 -4.92 8.78 9.74
CA ASP B 47 -6.11 8.92 8.91
C ASP B 47 -6.27 10.37 8.45
N SER B 48 -6.59 10.55 7.17
CA SER B 48 -6.62 11.90 6.61
C SER B 48 -7.75 12.73 7.21
N LYS B 49 -8.89 12.10 7.48
CA LYS B 49 -10.01 12.84 8.07
C LYS B 49 -9.70 13.25 9.51
N LYS B 50 -8.99 12.39 10.24
CA LYS B 50 -8.59 12.77 11.59
C LYS B 50 -7.53 13.87 11.58
N LYS B 51 -6.60 13.81 10.61
CA LYS B 51 -5.56 14.83 10.53
C LYS B 51 -6.15 16.20 10.30
N ARG B 52 -7.13 16.31 9.40
CA ARG B 52 -7.81 17.59 9.20
C ARG B 52 -8.51 18.05 10.47
N LEU B 53 -9.23 17.13 11.14
CA LEU B 53 -10.00 17.50 12.32
C LEU B 53 -9.11 18.00 13.45
N GLU B 54 -7.98 17.33 13.68
CA GLU B 54 -7.08 17.76 14.76
C GLU B 54 -6.41 19.08 14.41
N LYS B 55 -5.99 19.25 13.15
CA LYS B 55 -5.36 20.50 12.75
C LYS B 55 -6.32 21.68 12.93
N ALA B 56 -7.53 21.57 12.39
CA ALA B 56 -8.52 22.62 12.56
C ALA B 56 -8.78 22.91 14.04
N ARG B 57 -8.72 21.87 14.86
CA ARG B 57 -8.92 22.04 16.30
C ARG B 57 -7.78 22.84 16.92
N ILE B 58 -6.54 22.49 16.59
CA ILE B 58 -5.40 23.16 17.21
C ILE B 58 -5.25 24.58 16.68
N THR B 59 -5.49 24.79 15.39
CA THR B 59 -5.39 26.14 14.82
C THR B 59 -6.42 27.07 15.44
N GLU B 60 -7.67 26.61 15.54
CA GLU B 60 -8.72 27.39 16.20
C GLU B 60 -8.29 27.82 17.60
N ALA B 61 -7.73 26.90 18.38
CA ALA B 61 -7.34 27.19 19.75
C ALA B 61 -6.18 28.19 19.79
N ALA B 62 -5.14 27.96 18.98
CA ALA B 62 -3.98 28.84 19.03
C ALA B 62 -4.31 30.24 18.52
N CYS B 63 -5.14 30.34 17.48
CA CYS B 63 -5.64 31.65 17.05
C CYS B 63 -6.38 32.35 18.19
N ALA B 64 -7.22 31.61 18.91
CA ALA B 64 -7.98 32.21 20.00
C ALA B 64 -7.05 32.73 21.09
N LEU B 65 -5.96 32.03 21.36
CA LEU B 65 -5.01 32.48 22.38
C LEU B 65 -4.28 33.73 21.91
N LEU B 66 -3.76 33.71 20.68
CA LEU B 66 -3.09 34.89 20.11
C LEU B 66 -3.94 36.15 20.27
N ASN B 67 -5.27 36.01 20.18
CA ASN B 67 -6.17 37.15 20.26
C ASN B 67 -6.71 37.41 21.67
N SER B 68 -6.31 36.62 22.68
CA SER B 68 -6.92 36.75 24.00
C SER B 68 -5.88 36.79 25.12
N GLY B 69 -4.68 37.27 24.82
CA GLY B 69 -3.61 37.25 25.80
C GLY B 69 -2.87 35.92 25.80
N GLY B 70 -2.04 35.73 26.81
CA GLY B 70 -1.30 34.49 26.87
C GLY B 70 -2.20 33.28 26.94
N GLY B 71 -1.69 32.12 26.54
CA GLY B 71 -2.45 30.90 26.70
C GLY B 71 -1.55 29.69 26.67
N VAL B 72 -2.18 28.52 26.80
CA VAL B 72 -1.51 27.24 26.56
C VAL B 72 -2.56 26.26 26.07
N ILE B 73 -2.15 25.37 25.17
CA ILE B 73 -3.01 24.31 24.65
C ILE B 73 -2.53 23.00 25.24
N VAL B 74 -3.41 22.32 25.96
CA VAL B 74 -3.12 21.01 26.56
C VAL B 74 -3.84 19.95 25.75
N MET B 75 -3.13 18.86 25.48
CA MET B 75 -3.71 17.74 24.75
C MET B 75 -2.92 16.49 25.07
N GLN B 76 -3.62 15.37 25.09
CA GLN B 76 -2.99 14.07 25.26
C GLN B 76 -2.79 13.43 23.90
N MET B 77 -1.63 12.82 23.71
CA MET B 77 -1.24 12.29 22.41
C MET B 77 -1.53 10.80 22.33
N SER B 78 -2.18 10.38 21.25
CA SER B 78 -2.57 8.98 21.08
C SER B 78 -1.37 8.10 20.75
N ASN B 79 -0.45 8.59 19.91
CA ASN B 79 0.84 7.94 19.69
C ASN B 79 1.72 8.08 20.93
N LYS B 80 1.25 7.51 22.05
CA LYS B 80 1.81 7.85 23.36
C LYS B 80 3.25 7.37 23.48
N SER B 81 3.55 6.18 22.96
CA SER B 81 4.88 5.60 23.16
C SER B 81 5.99 6.46 22.58
N GLU B 82 5.67 7.37 21.67
CA GLU B 82 6.72 7.97 20.85
C GLU B 82 7.51 9.03 21.59
N HIS B 83 6.84 9.89 22.37
CA HIS B 83 7.48 11.04 23.01
C HIS B 83 8.06 11.90 21.88
N PRO B 84 7.19 12.53 21.04
CA PRO B 84 7.63 12.96 19.70
C PRO B 84 8.53 14.19 19.65
N VAL B 85 8.28 15.17 20.53
CA VAL B 85 9.10 16.37 20.68
C VAL B 85 8.86 17.33 19.49
N GLU B 86 8.05 16.90 18.52
CA GLU B 86 7.73 17.74 17.37
C GLU B 86 6.24 17.68 17.07
N MET B 87 5.73 18.77 16.48
CA MET B 87 4.30 18.87 16.17
C MET B 87 3.95 18.13 14.90
N GLY B 88 4.76 18.28 13.86
CA GLY B 88 4.42 17.89 12.51
C GLY B 88 4.35 19.11 11.60
N LEU B 89 4.58 18.88 10.31
CA LEU B 89 4.73 19.99 9.39
C LEU B 89 3.41 20.72 9.15
N ASP B 90 2.30 19.98 9.08
CA ASP B 90 1.03 20.62 8.77
C ASP B 90 0.54 21.51 9.92
N LEU B 91 0.88 21.16 11.16
CA LEU B 91 0.53 22.02 12.28
C LEU B 91 1.42 23.26 12.36
N GLU B 92 2.70 23.12 12.04
CA GLU B 92 3.62 24.25 12.08
C GLU B 92 3.19 25.32 11.07
N THR B 93 2.91 24.92 9.83
CA THR B 93 2.52 25.89 8.81
C THR B 93 1.18 26.54 9.15
N SER B 94 0.24 25.77 9.70
CA SER B 94 -1.05 26.33 10.06
C SER B 94 -0.91 27.39 11.15
N LEU B 95 -0.04 27.14 12.14
CA LEU B 95 0.18 28.14 13.18
C LEU B 95 1.00 29.31 12.66
N ARG B 96 2.00 29.04 11.83
CA ARG B 96 2.79 30.12 11.23
C ARG B 96 1.94 30.99 10.31
N GLU B 97 0.96 30.39 9.64
CA GLU B 97 0.06 31.18 8.80
C GLU B 97 -0.76 32.15 9.65
N LEU B 98 -1.06 31.77 10.89
CA LEU B 98 -1.88 32.60 11.76
C LEU B 98 -1.14 33.89 12.13
N ILE B 99 0.13 33.78 12.47
CA ILE B 99 0.95 34.92 12.90
C ILE B 99 1.22 35.80 11.70
N PRO B 100 0.85 37.08 11.75
CA PRO B 100 1.10 37.98 10.60
C PRO B 100 2.58 38.16 10.29
N SER B 101 3.46 38.10 11.28
CA SER B 101 4.89 38.25 11.02
C SER B 101 5.57 36.93 10.67
N SER B 102 4.84 35.82 10.73
CA SER B 102 5.35 34.48 10.40
C SER B 102 6.47 34.02 11.31
N ASP B 103 6.73 34.73 12.40
CA ASP B 103 7.76 34.33 13.38
C ASP B 103 7.12 33.34 14.34
N LEU B 104 6.94 32.11 13.84
CA LEU B 104 6.29 31.07 14.64
C LEU B 104 7.05 30.81 15.93
N GLN B 105 8.39 30.84 15.88
CA GLN B 105 9.18 30.48 17.06
C GLN B 105 9.06 31.50 18.18
N ALA B 106 8.71 32.75 17.86
CA ALA B 106 8.58 33.79 18.87
C ALA B 106 7.22 33.81 19.55
N PHE B 107 6.27 32.98 19.10
CA PHE B 107 4.95 32.92 19.71
C PHE B 107 4.52 31.52 20.12
N ILE B 108 5.15 30.47 19.63
CA ILE B 108 4.78 29.10 19.95
C ILE B 108 5.98 28.41 20.61
N GLU B 109 5.76 27.84 21.79
CA GLU B 109 6.73 26.97 22.45
C GLU B 109 6.03 25.67 22.80
N THR B 110 6.73 24.56 22.61
CA THR B 110 6.17 23.24 22.85
C THR B 110 6.93 22.53 23.95
N LYS B 111 6.20 21.76 24.75
CA LYS B 111 6.77 20.92 25.79
C LYS B 111 6.01 19.60 25.78
N GLN B 112 6.73 18.51 26.02
CA GLN B 112 6.12 17.18 26.12
C GLN B 112 6.36 16.65 27.52
N GLN B 113 5.28 16.32 28.21
CA GLN B 113 5.34 15.81 29.59
C GLN B 113 4.58 14.48 29.64
N GLY B 114 5.32 13.38 29.63
CA GLY B 114 4.70 12.07 29.63
C GLY B 114 3.85 11.84 28.41
N ASP B 115 2.57 11.56 28.61
CA ASP B 115 1.64 11.42 27.50
C ASP B 115 0.92 12.72 27.17
N LEU B 116 1.29 13.82 27.81
CA LEU B 116 0.72 15.13 27.54
C LEU B 116 1.64 15.96 26.67
N PHE B 117 1.05 16.90 25.93
CA PHE B 117 1.80 17.81 25.07
C PHE B 117 1.23 19.21 25.22
N TYR B 118 2.10 20.19 25.43
CA TYR B 118 1.70 21.58 25.59
C TYR B 118 2.11 22.39 24.37
N ILE B 119 1.24 23.30 23.96
CA ILE B 119 1.58 24.34 22.98
C ILE B 119 1.34 25.66 23.69
N PHE B 120 2.43 26.32 24.08
CA PHE B 120 2.31 27.64 24.69
C PHE B 120 2.21 28.69 23.59
N VAL B 121 1.20 29.55 23.70
CA VAL B 121 0.90 30.55 22.68
C VAL B 121 1.00 31.93 23.33
N LYS B 122 1.90 32.77 22.80
CA LYS B 122 2.08 34.11 23.31
C LYS B 122 1.01 35.05 22.76
N SER B 123 0.70 36.09 23.52
CA SER B 123 -0.27 37.08 23.06
C SER B 123 0.26 37.84 21.86
N TRP B 124 -0.63 38.13 20.92
CA TRP B 124 -0.27 38.90 19.73
C TRP B 124 -0.53 40.37 20.03
N SER B 125 0.47 41.03 20.60
CA SER B 125 0.42 42.46 20.84
C SER B 125 1.13 43.20 19.70
N CYS B 126 1.11 44.52 19.73
CA CYS B 126 1.74 45.32 18.69
C CYS B 126 3.26 45.17 18.70
N SER B 132 2.37 50.22 14.92
CA SER B 132 0.99 50.51 14.54
C SER B 132 0.77 50.28 13.05
N THR B 133 1.71 49.58 12.42
CA THR B 133 1.66 49.28 11.00
C THR B 133 1.49 47.79 10.72
N LYS B 134 0.88 47.07 11.66
CA LYS B 134 0.66 45.64 11.60
C LYS B 134 -0.78 45.32 11.96
N PRO B 135 -1.28 44.15 11.57
CA PRO B 135 -2.63 43.75 11.99
C PRO B 135 -2.71 43.57 13.50
N ARG B 136 -3.85 43.94 14.07
CA ARG B 136 -4.03 43.86 15.52
C ARG B 136 -4.56 42.51 15.99
N ILE B 137 -5.18 41.72 15.10
CA ILE B 137 -5.66 40.40 15.48
C ILE B 137 -5.27 39.38 14.43
N CYS B 138 -5.14 38.13 14.87
CA CYS B 138 -4.86 37.01 13.99
C CYS B 138 -6.18 36.37 13.54
N SER B 139 -6.11 35.67 12.41
CA SER B 139 -7.30 35.07 11.81
C SER B 139 -6.89 33.81 11.06
N LEU B 140 -7.81 32.85 11.01
CA LEU B 140 -7.63 31.71 10.11
C LEU B 140 -7.90 32.13 8.67
N SER B 141 -8.92 32.96 8.46
CA SER B 141 -9.25 33.50 7.15
C SER B 141 -9.92 34.85 7.32
N SER B 142 -9.58 35.79 6.44
CA SER B 142 -10.19 37.12 6.49
C SER B 142 -11.52 37.18 5.77
N SER B 143 -11.80 36.22 4.88
CA SER B 143 -13.06 36.14 4.13
C SER B 143 -13.27 37.35 3.22
N LEU B 144 -12.21 38.12 2.98
CA LEU B 144 -12.25 39.25 2.05
C LEU B 144 -11.61 38.83 0.74
N TYR B 145 -12.22 39.24 -0.37
CA TYR B 145 -11.74 38.88 -1.69
C TYR B 145 -11.65 40.11 -2.58
N CYS B 146 -10.65 40.10 -3.47
CA CYS B 146 -10.47 41.13 -4.48
C CYS B 146 -10.24 40.45 -5.83
N ARG B 147 -10.35 41.23 -6.90
CA ARG B 147 -10.14 40.72 -8.25
C ARG B 147 -8.66 40.81 -8.57
N SER B 148 -7.91 39.82 -8.08
CA SER B 148 -6.47 39.72 -8.31
C SER B 148 -6.21 38.66 -9.37
N LEU B 149 -5.44 39.02 -10.39
CA LEU B 149 -5.18 38.10 -11.50
C LEU B 149 -4.39 36.88 -11.08
N THR B 150 -3.61 36.97 -10.01
CA THR B 150 -2.69 35.90 -9.65
C THR B 150 -3.31 34.85 -8.72
N SER B 151 -4.38 35.17 -8.02
CA SER B 151 -4.86 34.26 -6.97
C SER B 151 -6.37 34.33 -6.81
N LYS B 152 -7.00 33.16 -6.73
CA LYS B 152 -8.40 32.98 -6.37
C LYS B 152 -8.58 32.82 -4.86
N LEU B 153 -7.61 33.29 -4.06
CA LEU B 153 -7.46 33.08 -2.63
C LEU B 153 -7.86 34.32 -1.84
N PRO B 154 -8.43 34.15 -0.65
CA PRO B 154 -8.79 35.30 0.17
C PRO B 154 -7.57 36.09 0.59
N LEU B 155 -7.78 37.38 0.85
CA LEU B 155 -6.71 38.28 1.25
C LEU B 155 -6.03 37.78 2.51
N ASP B 156 -4.70 37.70 2.49
CA ASP B 156 -3.95 37.28 3.66
C ASP B 156 -3.93 38.41 4.69
N SER B 157 -3.24 38.17 5.81
CA SER B 157 -3.27 39.13 6.91
C SER B 157 -2.80 40.51 6.48
N LYS B 158 -1.72 40.58 5.70
CA LYS B 158 -1.16 41.86 5.31
C LYS B 158 -1.99 42.54 4.23
N GLU B 159 -2.49 41.79 3.24
CA GLU B 159 -3.39 42.38 2.25
C GLU B 159 -4.70 42.82 2.88
N THR B 160 -5.16 42.10 3.91
CA THR B 160 -6.38 42.51 4.61
C THR B 160 -6.16 43.84 5.32
N PHE B 161 -5.06 43.95 6.07
CA PHE B 161 -4.81 45.18 6.80
C PHE B 161 -4.66 46.36 5.85
N GLU B 162 -3.92 46.17 4.76
CA GLU B 162 -3.78 47.23 3.77
C GLU B 162 -5.14 47.58 3.16
N PHE B 163 -5.97 46.56 2.91
CA PHE B 163 -7.28 46.81 2.32
C PHE B 163 -8.16 47.62 3.25
N LEU B 164 -8.29 47.17 4.49
CA LEU B 164 -9.18 47.86 5.43
C LEU B 164 -8.65 49.25 5.79
N GLU B 165 -7.33 49.41 5.83
CA GLU B 165 -6.76 50.73 6.08
C GLU B 165 -7.01 51.67 4.90
N ARG B 166 -6.88 51.15 3.67
CA ARG B 166 -7.13 51.98 2.50
C ARG B 166 -8.59 52.42 2.43
N LYS B 167 -9.52 51.51 2.71
CA LYS B 167 -10.93 51.87 2.72
C LYS B 167 -11.27 52.81 3.88
N LYS B 168 -10.53 52.70 4.99
CA LYS B 168 -10.77 53.58 6.13
C LYS B 168 -10.25 54.99 5.87
N THR B 169 -9.18 55.12 5.11
CA THR B 169 -8.61 56.44 4.83
C THR B 169 -9.37 57.15 3.72
N CYS B 170 -9.84 56.41 2.72
CA CYS B 170 -10.52 57.03 1.59
C CYS B 170 -11.83 57.68 2.00
N VAL B 171 -12.45 57.19 3.07
CA VAL B 171 -13.74 57.72 3.52
C VAL B 171 -13.53 58.73 4.63
N LYS B 172 -12.92 58.29 5.73
CA LYS B 172 -12.71 59.15 6.89
C LYS B 172 -11.79 60.31 6.52
N GLY B 173 -12.21 61.53 6.87
CA GLY B 173 -11.43 62.72 6.58
C GLY B 173 -12.01 63.97 7.22
N ASN B 192 -19.71 59.10 -13.53
CA ASN B 192 -19.90 58.12 -12.47
C ASN B 192 -18.88 56.99 -12.57
N ASP B 193 -18.89 56.10 -11.58
CA ASP B 193 -18.14 54.86 -11.63
C ASP B 193 -18.86 53.77 -12.42
N LEU B 194 -19.78 54.15 -13.30
CA LEU B 194 -20.51 53.19 -14.10
C LEU B 194 -19.59 52.54 -15.14
N GLU B 195 -19.74 51.22 -15.30
CA GLU B 195 -18.96 50.46 -16.25
C GLU B 195 -19.81 50.08 -17.45
N SER B 196 -19.37 50.46 -18.64
CA SER B 196 -20.02 50.05 -19.88
C SER B 196 -19.03 49.29 -20.74
N ASN B 197 -18.46 48.23 -20.18
CA ASN B 197 -17.54 47.34 -20.88
C ASN B 197 -18.38 46.39 -21.75
N PRO B 198 -17.76 45.52 -22.55
CA PRO B 198 -18.56 44.69 -23.47
C PRO B 198 -19.58 43.78 -22.79
N ALA B 199 -19.45 43.52 -21.49
CA ALA B 199 -20.42 42.66 -20.82
C ALA B 199 -21.79 43.30 -20.69
N PHE B 200 -21.88 44.63 -20.84
CA PHE B 200 -23.18 45.29 -20.75
C PHE B 200 -24.10 44.85 -21.88
N GLU B 201 -23.54 44.59 -23.06
CA GLU B 201 -24.36 44.19 -24.21
C GLU B 201 -25.06 42.87 -23.95
N ILE B 202 -24.34 41.90 -23.36
CA ILE B 202 -24.97 40.63 -23.02
C ILE B 202 -25.96 40.81 -21.87
N PHE B 203 -25.63 41.70 -20.93
CA PHE B 203 -26.54 41.98 -19.83
C PHE B 203 -27.83 42.62 -20.33
N GLN B 204 -27.76 43.39 -21.42
CA GLN B 204 -28.93 44.02 -22.03
C GLN B 204 -29.54 43.15 -23.11
N SER B 205 -29.12 41.89 -23.23
CA SER B 205 -29.59 41.01 -24.28
C SER B 205 -30.90 40.35 -23.87
N GLU B 206 -31.89 40.38 -24.78
CA GLU B 206 -33.18 39.73 -24.53
C GLU B 206 -33.19 38.26 -24.95
N ARG B 207 -32.13 37.77 -25.59
CA ARG B 207 -32.13 36.45 -26.20
C ARG B 207 -30.71 36.10 -26.61
N LEU B 208 -30.30 34.85 -26.37
CA LEU B 208 -29.00 34.36 -26.82
C LEU B 208 -29.18 32.99 -27.46
N GLU B 209 -28.12 32.54 -28.13
CA GLU B 209 -28.16 31.28 -28.87
C GLU B 209 -27.05 30.35 -28.37
N TYR B 210 -27.40 29.09 -28.12
CA TYR B 210 -26.44 28.09 -27.67
C TYR B 210 -25.25 28.00 -28.61
N GLY B 211 -24.04 28.07 -28.04
CA GLY B 211 -22.82 27.88 -28.78
C GLY B 211 -22.17 29.15 -29.27
N GLN B 212 -22.83 30.30 -29.17
CA GLN B 212 -22.25 31.52 -29.70
C GLN B 212 -21.06 31.95 -28.85
N ARG B 213 -19.94 32.20 -29.52
CA ARG B 213 -18.71 32.61 -28.84
C ARG B 213 -18.77 34.10 -28.52
N LEU B 214 -18.30 34.45 -27.32
CA LEU B 214 -18.30 35.85 -26.91
C LEU B 214 -17.02 36.55 -27.38
N PRO B 215 -17.13 37.79 -27.85
CA PRO B 215 -15.96 38.48 -28.41
C PRO B 215 -14.99 38.99 -27.36
N PHE B 216 -15.35 38.96 -26.08
CA PHE B 216 -14.50 39.45 -25.01
C PHE B 216 -14.12 38.30 -24.09
N SER B 217 -13.06 38.52 -23.32
CA SER B 217 -12.51 37.52 -22.41
C SER B 217 -12.72 37.96 -20.97
N GLU B 218 -12.45 37.04 -20.05
CA GLU B 218 -12.52 37.35 -18.62
C GLU B 218 -11.52 38.44 -18.28
N SER B 219 -12.01 39.55 -17.73
CA SER B 219 -11.17 40.64 -17.27
C SER B 219 -11.32 40.79 -15.76
N ALA B 220 -10.66 41.81 -15.21
CA ALA B 220 -10.82 42.10 -13.79
C ALA B 220 -12.26 42.46 -13.44
N SER B 221 -13.10 42.72 -14.45
CA SER B 221 -14.51 43.08 -14.24
C SER B 221 -15.45 42.14 -14.98
N ILE B 222 -14.96 40.99 -15.45
CA ILE B 222 -15.76 40.03 -16.19
C ILE B 222 -15.31 38.63 -15.79
N GLU B 223 -16.20 37.86 -15.18
CA GLU B 223 -15.92 36.49 -14.77
C GLU B 223 -16.91 35.55 -15.43
N PHE B 224 -16.39 34.50 -16.08
CA PHE B 224 -17.20 33.45 -16.68
C PHE B 224 -17.27 32.26 -15.74
N LYS B 225 -18.45 31.66 -15.62
CA LYS B 225 -18.65 30.46 -14.83
C LYS B 225 -19.64 29.56 -15.55
N GLN B 226 -19.28 28.29 -15.72
CA GLN B 226 -20.10 27.34 -16.45
C GLN B 226 -20.75 26.35 -15.49
N PHE B 227 -21.95 25.89 -15.85
CA PHE B 227 -22.68 24.94 -15.02
C PHE B 227 -22.20 23.52 -15.26
N SER B 228 -22.37 22.67 -14.26
CA SER B 228 -22.07 21.25 -14.32
C SER B 228 -23.37 20.45 -14.29
N THR B 229 -23.27 19.16 -14.00
CA THR B 229 -24.48 18.41 -13.72
C THR B 229 -25.09 18.78 -12.39
N ARG B 230 -24.40 19.62 -11.62
CA ARG B 230 -24.94 20.15 -10.37
C ARG B 230 -26.15 21.05 -10.65
N ARG B 231 -27.12 21.02 -9.74
CA ARG B 231 -28.27 21.89 -9.87
C ARG B 231 -27.82 23.34 -9.94
N ALA B 232 -28.45 24.11 -10.85
CA ALA B 232 -27.99 25.47 -11.12
C ALA B 232 -28.03 26.34 -9.87
N HIS B 233 -29.06 26.20 -9.03
CA HIS B 233 -29.17 27.05 -7.85
C HIS B 233 -28.04 26.79 -6.86
N GLU B 234 -27.73 25.52 -6.59
CA GLU B 234 -26.68 25.19 -5.62
C GLU B 234 -25.32 25.71 -6.08
N TYR B 235 -25.04 25.64 -7.39
CA TYR B 235 -23.77 26.16 -7.88
C TYR B 235 -23.69 27.68 -7.77
N ILE B 236 -24.83 28.35 -7.98
CA ILE B 236 -24.88 29.80 -7.80
C ILE B 236 -24.67 30.15 -6.33
N LYS B 237 -25.34 29.44 -5.42
CA LYS B 237 -25.19 29.72 -4.00
C LYS B 237 -23.75 29.56 -3.52
N SER B 238 -22.97 28.69 -4.18
CA SER B 238 -21.59 28.45 -3.79
C SER B 238 -20.62 29.46 -4.39
N VAL B 239 -20.96 30.03 -5.55
CA VAL B 239 -20.05 30.94 -6.24
C VAL B 239 -20.30 32.40 -5.84
N ILE B 240 -21.55 32.78 -5.62
CA ILE B 240 -21.94 34.13 -5.24
C ILE B 240 -21.04 34.72 -4.16
N PRO B 241 -20.89 34.09 -2.98
CA PRO B 241 -20.23 34.81 -1.88
C PRO B 241 -18.79 35.21 -2.18
N GLU B 242 -18.02 34.40 -2.89
CA GLU B 242 -16.64 34.76 -3.16
C GLU B 242 -16.52 35.82 -4.25
N TYR B 243 -17.26 35.66 -5.35
CA TYR B 243 -17.06 36.53 -6.50
C TYR B 243 -17.81 37.85 -6.37
N ILE B 244 -19.04 37.82 -5.85
CA ILE B 244 -19.74 39.09 -5.60
C ILE B 244 -18.95 39.93 -4.61
N SER B 245 -18.37 39.28 -3.59
CA SER B 245 -17.52 40.00 -2.65
C SER B 245 -16.33 40.63 -3.35
N ALA B 246 -15.67 39.88 -4.24
CA ALA B 246 -14.48 40.39 -4.89
C ALA B 246 -14.81 41.53 -5.84
N PHE B 247 -15.95 41.44 -6.53
CA PHE B 247 -16.32 42.48 -7.48
C PHE B 247 -16.58 43.81 -6.77
N ALA B 248 -17.33 43.76 -5.67
CA ALA B 248 -17.67 44.98 -4.95
C ALA B 248 -16.44 45.63 -4.32
N ASN B 249 -15.41 44.85 -4.03
CA ASN B 249 -14.19 45.37 -3.42
C ASN B 249 -13.17 45.85 -4.46
N THR B 250 -13.38 45.57 -5.76
CA THR B 250 -12.42 45.98 -6.81
C THR B 250 -13.18 46.38 -8.08
N GLN B 251 -13.63 47.64 -8.13
CA GLN B 251 -14.06 48.32 -9.34
C GLN B 251 -15.35 47.78 -9.96
N GLY B 252 -16.13 46.99 -9.23
CA GLY B 252 -17.33 46.38 -9.80
C GLY B 252 -16.98 45.34 -10.86
N GLY B 253 -18.03 44.79 -11.47
CA GLY B 253 -17.82 43.80 -12.51
C GLY B 253 -19.09 43.04 -12.84
N TYR B 254 -18.93 42.09 -13.76
CA TYR B 254 -20.02 41.24 -14.23
C TYR B 254 -19.67 39.78 -14.00
N LEU B 255 -20.63 39.01 -13.51
CA LEU B 255 -20.48 37.59 -13.28
C LEU B 255 -21.44 36.84 -14.22
N LEU B 256 -20.88 36.06 -15.14
CA LEU B 256 -21.68 35.33 -16.12
C LEU B 256 -21.74 33.86 -15.74
N PHE B 257 -22.95 33.37 -15.46
CA PHE B 257 -23.21 31.96 -15.19
C PHE B 257 -23.70 31.29 -16.47
N GLY B 258 -22.93 30.33 -16.97
CA GLY B 258 -23.38 29.56 -18.11
C GLY B 258 -22.56 29.83 -19.34
N VAL B 259 -21.28 30.16 -19.13
CA VAL B 259 -20.34 30.42 -20.22
C VAL B 259 -19.14 29.51 -20.01
N ASP B 260 -18.80 28.73 -21.03
CA ASP B 260 -17.64 27.85 -20.94
C ASP B 260 -16.37 28.67 -20.71
N ASP B 261 -15.46 28.12 -19.90
CA ASP B 261 -14.29 28.87 -19.48
C ASP B 261 -13.25 28.98 -20.59
N GLU B 262 -12.98 27.88 -21.30
CA GLU B 262 -12.01 27.89 -22.38
C GLU B 262 -12.64 27.99 -23.76
N SER B 263 -13.92 27.67 -23.89
CA SER B 263 -14.62 27.82 -25.15
C SER B 263 -15.15 29.23 -25.33
N LYS B 264 -15.42 29.93 -24.23
CA LYS B 264 -15.99 31.28 -24.24
C LYS B 264 -17.33 31.32 -24.97
N ARG B 265 -18.03 30.18 -25.04
CA ARG B 265 -19.28 30.06 -25.76
C ARG B 265 -20.45 29.97 -24.77
N VAL B 266 -21.60 30.46 -25.21
CA VAL B 266 -22.79 30.52 -24.36
C VAL B 266 -23.43 29.14 -24.31
N LEU B 267 -23.56 28.60 -23.10
CA LEU B 267 -24.19 27.30 -22.89
C LEU B 267 -25.39 27.37 -21.97
N GLY B 268 -25.33 28.19 -20.92
CA GLY B 268 -26.42 28.32 -19.98
C GLY B 268 -26.57 27.09 -19.12
N CYS B 269 -27.73 26.98 -18.49
CA CYS B 269 -28.13 25.77 -17.76
C CYS B 269 -29.48 25.30 -18.28
N PRO B 270 -29.74 23.98 -18.23
CA PRO B 270 -31.03 23.46 -18.70
C PRO B 270 -32.24 24.22 -18.16
N LYS B 271 -33.28 24.30 -19.00
CA LYS B 271 -34.41 25.17 -18.71
C LYS B 271 -35.42 24.51 -17.78
N ASP B 272 -35.55 23.19 -17.84
CA ASP B 272 -36.74 22.51 -17.33
C ASP B 272 -36.88 22.66 -15.81
N ASN B 273 -35.79 22.42 -15.07
CA ASN B 273 -35.88 22.41 -13.61
C ASN B 273 -35.66 23.79 -12.99
N VAL B 274 -35.62 24.84 -13.80
CA VAL B 274 -35.23 26.18 -13.34
C VAL B 274 -36.23 27.20 -13.87
N ASP B 275 -36.44 28.27 -13.11
CA ASP B 275 -37.31 29.36 -13.51
C ASP B 275 -36.55 30.67 -13.36
N ARG B 276 -37.00 31.68 -14.13
CA ARG B 276 -36.37 32.99 -14.02
C ARG B 276 -36.55 33.58 -12.64
N ASP B 277 -37.71 33.37 -12.03
CA ASP B 277 -37.97 33.90 -10.69
C ASP B 277 -37.15 33.16 -9.64
N SER B 278 -36.95 31.85 -9.82
CA SER B 278 -36.15 31.10 -8.86
C SER B 278 -34.68 31.56 -8.88
N LEU B 279 -34.11 31.78 -10.07
CA LEU B 279 -32.72 32.19 -10.16
C LEU B 279 -32.50 33.57 -9.53
N LYS B 280 -33.35 34.54 -9.90
CA LYS B 280 -33.22 35.88 -9.32
C LYS B 280 -33.44 35.84 -7.81
N ALA B 281 -34.37 35.00 -7.35
CA ALA B 281 -34.63 34.87 -5.92
C ALA B 281 -33.48 34.20 -5.19
N VAL B 282 -32.78 33.28 -5.84
CA VAL B 282 -31.64 32.62 -5.19
C VAL B 282 -30.45 33.57 -5.11
N VAL B 283 -30.27 34.41 -6.13
CA VAL B 283 -29.20 35.41 -6.08
C VAL B 283 -29.47 36.41 -4.96
N ASN B 284 -30.74 36.77 -4.76
CA ASN B 284 -31.07 37.79 -3.76
C ASN B 284 -30.86 37.25 -2.35
N GLU B 285 -31.25 36.01 -2.08
CA GLU B 285 -30.98 35.42 -0.77
C GLU B 285 -29.48 35.24 -0.55
N ALA B 286 -28.75 34.87 -1.61
CA ALA B 286 -27.31 34.63 -1.48
C ALA B 286 -26.57 35.92 -1.16
N ILE B 287 -26.85 37.00 -1.89
CA ILE B 287 -26.11 38.25 -1.72
C ILE B 287 -26.52 38.95 -0.43
N SER B 288 -27.77 38.80 -0.01
CA SER B 288 -28.20 39.43 1.25
C SER B 288 -27.43 38.88 2.45
N LYS B 289 -27.06 37.60 2.40
CA LYS B 289 -26.30 36.98 3.48
C LYS B 289 -24.86 37.47 3.57
N LEU B 290 -24.39 38.25 2.59
CA LEU B 290 -22.99 38.65 2.54
C LEU B 290 -22.72 39.70 3.61
N PRO B 291 -21.78 39.47 4.54
CA PRO B 291 -21.49 40.48 5.56
C PRO B 291 -20.89 41.74 4.98
N VAL B 292 -21.27 42.88 5.56
CA VAL B 292 -20.83 44.19 5.10
C VAL B 292 -20.36 44.98 6.31
N PHE B 293 -19.19 45.62 6.20
CA PHE B 293 -18.72 46.57 7.20
C PHE B 293 -18.52 47.93 6.56
N HIS B 294 -19.09 48.96 7.17
CA HIS B 294 -18.99 50.33 6.67
C HIS B 294 -18.04 51.14 7.54
N PHE B 295 -17.19 51.92 6.90
CA PHE B 295 -16.38 52.94 7.56
C PHE B 295 -17.01 54.32 7.44
N CYS B 296 -18.22 54.40 6.89
CA CYS B 296 -18.92 55.65 6.66
C CYS B 296 -20.28 55.62 7.35
N SER B 297 -21.09 56.64 7.07
CA SER B 297 -22.41 56.77 7.66
C SER B 297 -23.45 55.87 7.00
N SER B 298 -23.18 55.38 5.80
CA SER B 298 -24.15 54.55 5.09
C SER B 298 -24.35 53.21 5.80
N LYS B 299 -25.55 52.67 5.66
CA LYS B 299 -25.85 51.32 6.12
C LYS B 299 -26.48 50.47 5.02
N GLU B 300 -26.50 50.97 3.79
CA GLU B 300 -27.06 50.23 2.66
C GLU B 300 -26.16 49.05 2.32
N LYS B 301 -26.77 48.00 1.77
CA LYS B 301 -26.05 46.79 1.44
C LYS B 301 -25.52 46.86 0.00
N VAL B 302 -25.12 45.72 -0.54
CA VAL B 302 -24.51 45.67 -1.86
C VAL B 302 -25.56 45.99 -2.93
N SER B 303 -25.12 46.64 -4.00
CA SER B 303 -25.98 47.03 -5.11
C SER B 303 -25.69 46.14 -6.31
N TYR B 304 -26.73 45.48 -6.83
CA TYR B 304 -26.57 44.55 -7.94
C TYR B 304 -27.84 44.54 -8.78
N LYS B 305 -27.72 43.96 -9.97
CA LYS B 305 -28.85 43.74 -10.87
C LYS B 305 -28.71 42.36 -11.47
N THR B 306 -29.60 41.44 -11.11
CA THR B 306 -29.62 40.12 -11.72
C THR B 306 -30.44 40.16 -13.01
N ARG B 307 -29.98 39.41 -14.00
CA ARG B 307 -30.66 39.36 -15.29
C ARG B 307 -30.49 37.97 -15.86
N VAL B 308 -31.61 37.34 -16.22
CA VAL B 308 -31.64 35.97 -16.74
C VAL B 308 -32.01 36.04 -18.22
N ILE B 309 -31.10 35.58 -19.07
CA ILE B 309 -31.26 35.65 -20.52
C ILE B 309 -31.55 34.25 -21.03
N ASP B 310 -32.47 34.15 -21.99
CA ASP B 310 -32.84 32.87 -22.58
C ASP B 310 -31.77 32.41 -23.57
N VAL B 311 -31.50 31.11 -23.57
CA VAL B 311 -30.57 30.50 -24.50
C VAL B 311 -31.36 29.53 -25.36
N PHE B 312 -31.41 29.80 -26.67
CA PHE B 312 -32.16 28.97 -27.61
C PHE B 312 -31.23 28.03 -28.35
N LYS B 313 -31.67 26.79 -28.51
CA LYS B 313 -30.84 25.72 -29.07
C LYS B 313 -30.82 25.76 -30.60
N GLU B 314 -31.98 25.50 -31.21
CA GLU B 314 -32.14 25.55 -32.66
C GLU B 314 -33.59 25.95 -32.93
N GLY B 315 -33.99 27.11 -32.43
CA GLY B 315 -35.37 27.54 -32.45
C GLY B 315 -36.13 27.22 -31.18
N ASN B 316 -35.74 26.15 -30.48
CA ASN B 316 -36.35 25.79 -29.22
C ASN B 316 -35.55 26.38 -28.06
N LEU B 317 -36.23 26.59 -26.93
CA LEU B 317 -35.61 27.14 -25.73
C LEU B 317 -34.82 26.04 -25.04
N TYR B 318 -33.50 26.21 -24.97
CA TYR B 318 -32.64 25.22 -24.33
C TYR B 318 -32.52 25.47 -22.83
N GLY B 319 -32.27 26.72 -22.44
CA GLY B 319 -32.04 27.01 -21.04
C GLY B 319 -31.75 28.47 -20.82
N TYR B 320 -31.28 28.77 -19.61
CA TYR B 320 -31.11 30.14 -19.17
C TYR B 320 -29.65 30.46 -18.91
N LEU B 321 -29.33 31.75 -19.05
CA LEU B 321 -28.00 32.28 -18.74
C LEU B 321 -28.16 33.37 -17.69
N CYS B 322 -27.46 33.24 -16.57
CA CYS B 322 -27.60 34.14 -15.43
C CYS B 322 -26.45 35.13 -15.40
N VAL B 323 -26.78 36.42 -15.43
CA VAL B 323 -25.79 37.50 -15.49
C VAL B 323 -26.04 38.48 -14.34
N ILE B 324 -25.03 38.72 -13.53
CA ILE B 324 -25.14 39.60 -12.37
C ILE B 324 -24.20 40.77 -12.57
N LYS B 325 -24.76 41.97 -12.69
CA LYS B 325 -24.01 43.21 -12.79
C LYS B 325 -23.84 43.78 -11.39
N VAL B 326 -22.60 43.79 -10.90
CA VAL B 326 -22.28 44.22 -9.54
C VAL B 326 -21.59 45.57 -9.60
N GLU B 327 -22.07 46.52 -8.80
CA GLU B 327 -21.51 47.86 -8.76
C GLU B 327 -20.56 47.99 -7.57
N ARG B 328 -19.71 49.02 -7.63
CA ARG B 328 -18.71 49.22 -6.60
C ARG B 328 -19.37 49.47 -5.25
N PHE B 329 -18.62 49.18 -4.20
CA PHE B 329 -19.04 49.37 -2.83
C PHE B 329 -18.09 50.36 -2.15
N CYS B 330 -18.64 51.17 -1.25
CA CYS B 330 -17.83 52.20 -0.61
C CYS B 330 -16.81 51.58 0.35
N CYS B 331 -17.19 50.57 1.12
CA CYS B 331 -16.30 50.03 2.14
C CYS B 331 -15.93 48.56 1.89
N ALA B 332 -16.41 47.65 2.72
CA ALA B 332 -15.91 46.27 2.71
C ALA B 332 -17.07 45.28 2.65
N VAL B 333 -17.00 44.35 1.69
CA VAL B 333 -17.96 43.26 1.55
C VAL B 333 -17.23 41.94 1.78
N PHE B 334 -17.73 41.14 2.71
CA PHE B 334 -17.16 39.85 3.04
C PHE B 334 -17.91 38.73 2.34
N SER B 335 -17.19 37.65 2.05
CA SER B 335 -17.81 36.44 1.52
C SER B 335 -18.53 35.67 2.61
N GLU B 336 -18.20 35.94 3.87
CA GLU B 336 -18.57 35.12 5.01
C GLU B 336 -18.04 35.85 6.23
N ALA B 337 -18.53 35.47 7.40
CA ALA B 337 -17.97 36.03 8.63
C ALA B 337 -16.50 35.63 8.73
N PRO B 338 -15.62 36.55 9.14
CA PRO B 338 -14.19 36.23 9.20
C PRO B 338 -13.93 35.09 10.19
N ILE B 339 -13.18 34.10 9.73
CA ILE B 339 -12.84 32.96 10.57
C ILE B 339 -11.76 33.37 11.57
N SER B 340 -12.19 33.77 12.77
CA SER B 340 -11.28 34.24 13.81
C SER B 340 -11.93 33.93 15.16
N TRP B 341 -11.10 33.59 16.15
CA TRP B 341 -11.59 33.12 17.44
C TRP B 341 -10.95 33.91 18.58
N MET B 342 -11.62 33.88 19.73
CA MET B 342 -11.09 34.38 20.99
C MET B 342 -11.51 33.43 22.11
N ALA B 343 -11.01 33.70 23.31
CA ALA B 343 -11.28 32.79 24.42
C ALA B 343 -11.13 33.53 25.74
N ASP B 344 -12.15 33.42 26.58
CA ASP B 344 -12.06 33.82 27.97
C ASP B 344 -12.71 32.76 28.83
N LYS B 345 -12.44 32.82 30.14
CA LYS B 345 -12.96 31.80 31.05
C LYS B 345 -14.49 31.81 31.12
N GLU B 346 -15.13 32.94 30.86
CA GLU B 346 -16.58 33.00 31.00
C GLU B 346 -17.30 32.49 29.75
N ASN B 347 -16.90 32.95 28.58
CA ASN B 347 -17.56 32.58 27.33
C ASN B 347 -16.97 31.33 26.68
N GLY B 348 -15.80 30.89 27.13
CA GLY B 348 -15.15 29.79 26.42
C GLY B 348 -14.51 30.26 25.12
N VAL B 349 -14.23 29.30 24.26
CA VAL B 349 -13.77 29.60 22.91
C VAL B 349 -14.97 29.99 22.06
N TYR B 350 -14.93 31.16 21.44
CA TYR B 350 -16.03 31.65 20.65
C TYR B 350 -15.52 32.29 19.37
N SER B 351 -16.39 32.36 18.37
CA SER B 351 -16.08 33.00 17.11
C SER B 351 -16.37 34.50 17.21
N LEU B 352 -15.66 35.28 16.39
CA LEU B 352 -15.76 36.72 16.43
C LEU B 352 -16.80 37.22 15.44
N ASN B 353 -17.65 38.14 15.89
CA ASN B 353 -18.62 38.78 15.02
C ASN B 353 -17.90 39.62 13.97
N THR B 354 -18.52 39.75 12.80
CA THR B 354 -17.93 40.56 11.75
C THR B 354 -17.68 41.99 12.21
N GLU B 355 -18.64 42.56 12.94
CA GLU B 355 -18.51 43.95 13.39
C GLU B 355 -17.32 44.12 14.33
N LYS B 356 -17.21 43.24 15.33
CA LYS B 356 -16.09 43.34 16.27
C LYS B 356 -14.77 43.00 15.61
N TRP B 357 -14.78 42.07 14.65
CA TRP B 357 -13.54 41.64 14.02
C TRP B 357 -12.85 42.79 13.30
N VAL B 358 -13.61 43.60 12.55
CA VAL B 358 -13.01 44.73 11.84
C VAL B 358 -12.48 45.77 12.83
N ARG B 359 -13.27 46.08 13.87
CA ARG B 359 -12.83 47.09 14.82
C ARG B 359 -11.60 46.63 15.60
N MET B 360 -11.56 45.35 15.97
CA MET B 360 -10.36 44.81 16.61
C MET B 360 -9.18 44.70 15.65
N MET B 361 -9.44 44.72 14.34
CA MET B 361 -8.41 44.55 13.32
C MET B 361 -7.74 45.87 12.95
N VAL B 362 -8.54 46.89 12.61
CA VAL B 362 -8.00 48.14 12.08
C VAL B 362 -7.81 49.19 13.17
N ASP B 363 -8.36 48.96 14.37
CA ASP B 363 -8.19 49.86 15.51
C ASP B 363 -8.81 51.23 15.20
N ILE B 364 -10.14 51.24 15.13
CA ILE B 364 -10.90 52.45 14.87
C ILE B 364 -11.56 52.97 16.14
N SER C 12 -31.51 -23.29 -3.11
CA SER C 12 -30.80 -22.21 -2.45
C SER C 12 -29.47 -22.70 -1.87
N GLY C 13 -28.36 -22.34 -2.52
CA GLY C 13 -27.05 -22.74 -2.07
C GLY C 13 -26.72 -24.21 -2.27
N LEU C 14 -27.67 -25.02 -2.75
CA LEU C 14 -27.46 -26.43 -2.96
C LEU C 14 -27.03 -26.69 -4.40
N GLU C 15 -26.02 -27.55 -4.56
CA GLU C 15 -25.53 -27.94 -5.87
C GLU C 15 -25.34 -29.45 -5.94
N VAL C 16 -26.08 -30.11 -6.82
CA VAL C 16 -25.74 -31.47 -7.23
C VAL C 16 -24.37 -31.44 -7.92
N LEU C 17 -23.60 -32.51 -7.74
CA LEU C 17 -22.19 -32.40 -8.13
C LEU C 17 -21.96 -32.47 -9.62
N PHE C 18 -22.80 -33.17 -10.37
CA PHE C 18 -22.46 -33.24 -11.78
C PHE C 18 -23.63 -32.77 -12.61
N GLN C 19 -24.20 -31.63 -12.20
CA GLN C 19 -25.24 -30.92 -12.92
C GLN C 19 -24.83 -30.73 -14.37
N GLY C 20 -25.81 -30.52 -15.23
CA GLY C 20 -25.57 -30.46 -16.66
C GLY C 20 -26.04 -31.74 -17.32
N PRO C 21 -26.66 -31.60 -18.49
CA PRO C 21 -27.14 -32.81 -19.19
C PRO C 21 -26.00 -33.72 -19.62
N HIS C 22 -24.89 -33.14 -20.10
CA HIS C 22 -23.79 -33.90 -20.68
C HIS C 22 -22.58 -33.79 -19.77
N MET C 23 -22.30 -34.86 -19.03
CA MET C 23 -21.14 -34.89 -18.14
C MET C 23 -20.41 -36.22 -18.25
N GLY C 25 -20.45 -39.75 -18.31
CA GLY C 25 -20.78 -40.27 -17.00
C GLY C 25 -19.97 -39.66 -15.88
N SER C 26 -20.56 -39.57 -14.71
CA SER C 26 -19.87 -39.00 -13.56
C SER C 26 -18.67 -39.87 -13.18
N PRO C 27 -17.50 -39.28 -12.93
CA PRO C 27 -16.31 -40.09 -12.64
C PRO C 27 -16.44 -40.86 -11.34
N ASP C 28 -15.66 -41.95 -11.25
CA ASP C 28 -15.74 -42.86 -10.11
C ASP C 28 -14.93 -42.36 -8.92
N LEU C 29 -13.68 -41.95 -9.16
CA LEU C 29 -12.78 -41.55 -8.09
C LEU C 29 -12.89 -40.05 -7.86
N ILE C 30 -13.60 -39.67 -6.80
CA ILE C 30 -13.78 -38.27 -6.43
C ILE C 30 -13.01 -38.02 -5.14
N ILE C 31 -12.10 -37.06 -5.17
CA ILE C 31 -11.37 -36.63 -3.97
C ILE C 31 -11.76 -35.19 -3.67
N HIS C 32 -11.92 -34.88 -2.39
CA HIS C 32 -12.47 -33.60 -1.95
C HIS C 32 -11.38 -32.77 -1.28
N ALA C 33 -11.08 -31.60 -1.86
CA ALA C 33 -10.25 -30.61 -1.22
C ALA C 33 -11.13 -29.61 -0.48
N GLY C 34 -10.54 -28.95 0.52
CA GLY C 34 -11.28 -28.01 1.32
C GLY C 34 -11.68 -26.74 0.58
N GLU C 35 -11.81 -25.65 1.32
CA GLU C 35 -12.14 -24.37 0.72
C GLU C 35 -10.89 -23.75 0.11
N VAL C 36 -10.88 -23.58 -1.21
CA VAL C 36 -9.75 -22.97 -1.91
C VAL C 36 -10.25 -21.82 -2.76
N THR C 37 -9.38 -20.85 -3.01
CA THR C 37 -9.67 -19.71 -3.85
C THR C 37 -9.12 -19.96 -5.25
N LEU C 38 -9.86 -19.52 -6.26
CA LEU C 38 -9.48 -19.71 -7.65
C LEU C 38 -9.38 -18.36 -8.35
N GLY C 39 -8.68 -18.35 -9.49
CA GLY C 39 -8.53 -17.14 -10.28
C GLY C 39 -7.18 -16.47 -10.12
N GLU C 40 -6.50 -16.22 -11.24
CA GLU C 40 -5.22 -15.53 -11.17
C GLU C 40 -5.38 -14.13 -10.58
N LYS C 41 -6.51 -13.47 -10.84
CA LYS C 41 -6.76 -12.17 -10.26
C LYS C 41 -6.84 -12.24 -8.74
N ASP C 42 -7.60 -13.21 -8.22
CA ASP C 42 -7.81 -13.30 -6.78
C ASP C 42 -6.69 -14.06 -6.08
N ARG C 43 -6.17 -15.12 -6.69
CA ARG C 43 -5.11 -15.90 -6.04
C ARG C 43 -3.82 -15.11 -5.91
N ASN C 44 -3.65 -14.05 -6.70
CA ASN C 44 -2.42 -13.27 -6.64
C ASN C 44 -2.32 -12.47 -5.34
N LYS C 45 -3.46 -12.04 -4.79
CA LYS C 45 -3.49 -11.14 -3.64
C LYS C 45 -4.14 -11.79 -2.42
N MET C 46 -3.97 -13.11 -2.25
CA MET C 46 -4.47 -13.82 -1.08
C MET C 46 -3.33 -13.99 -0.07
N ASP C 47 -3.68 -14.55 1.09
CA ASP C 47 -2.67 -14.85 2.10
C ASP C 47 -1.61 -15.78 1.54
N SER C 48 -0.34 -15.41 1.74
CA SER C 48 0.76 -16.16 1.14
C SER C 48 0.83 -17.58 1.67
N LYS C 49 0.63 -17.75 2.98
CA LYS C 49 0.76 -19.07 3.58
C LYS C 49 -0.34 -20.03 3.11
N LYS C 50 -1.54 -19.50 2.85
CA LYS C 50 -2.61 -20.36 2.34
C LYS C 50 -2.45 -20.66 0.86
N LYS C 51 -1.91 -19.72 0.09
CA LYS C 51 -1.75 -19.93 -1.35
C LYS C 51 -0.85 -21.13 -1.62
N ARG C 52 0.30 -21.20 -0.95
CA ARG C 52 1.17 -22.36 -1.09
C ARG C 52 0.51 -23.62 -0.54
N LEU C 53 -0.29 -23.48 0.52
CA LEU C 53 -0.97 -24.63 1.09
C LEU C 53 -1.99 -25.20 0.12
N GLU C 54 -2.82 -24.34 -0.49
CA GLU C 54 -3.79 -24.82 -1.45
C GLU C 54 -3.11 -25.38 -2.69
N LYS C 55 -1.97 -24.82 -3.08
CA LYS C 55 -1.21 -25.36 -4.20
C LYS C 55 -0.79 -26.80 -3.94
N ALA C 56 -0.08 -27.02 -2.83
CA ALA C 56 0.35 -28.37 -2.49
C ALA C 56 -0.83 -29.30 -2.25
N ARG C 57 -1.98 -28.75 -1.87
CA ARG C 57 -3.16 -29.59 -1.69
C ARG C 57 -3.77 -30.00 -3.02
N ILE C 58 -3.86 -29.05 -3.97
CA ILE C 58 -4.43 -29.37 -5.27
C ILE C 58 -3.44 -30.18 -6.10
N THR C 59 -2.15 -29.83 -6.02
CA THR C 59 -1.12 -30.59 -6.75
C THR C 59 -1.05 -32.03 -6.25
N GLU C 60 -1.07 -32.23 -4.93
CA GLU C 60 -1.15 -33.58 -4.39
C GLU C 60 -2.37 -34.32 -4.92
N ALA C 61 -3.49 -33.61 -5.06
CA ALA C 61 -4.70 -34.24 -5.59
C ALA C 61 -4.51 -34.68 -7.04
N ALA C 62 -3.91 -33.83 -7.86
CA ALA C 62 -3.75 -34.16 -9.28
C ALA C 62 -2.78 -35.31 -9.47
N CYS C 63 -1.68 -35.33 -8.71
CA CYS C 63 -0.71 -36.41 -8.85
C CYS C 63 -1.32 -37.77 -8.51
N ALA C 64 -2.13 -37.83 -7.46
CA ALA C 64 -2.76 -39.09 -7.08
C ALA C 64 -3.73 -39.56 -8.14
N LEU C 65 -4.46 -38.62 -8.77
CA LEU C 65 -5.41 -38.99 -9.80
C LEU C 65 -4.69 -39.47 -11.06
N LEU C 66 -3.70 -38.71 -11.54
CA LEU C 66 -2.94 -39.10 -12.73
C LEU C 66 -2.41 -40.53 -12.62
N ASN C 67 -2.04 -40.97 -11.42
CA ASN C 67 -1.47 -42.28 -11.23
C ASN C 67 -2.49 -43.36 -10.88
N SER C 68 -3.77 -43.00 -10.70
CA SER C 68 -4.78 -43.93 -10.24
C SER C 68 -5.99 -43.97 -11.18
N GLY C 69 -5.75 -43.78 -12.47
CA GLY C 69 -6.83 -43.78 -13.43
C GLY C 69 -7.57 -42.47 -13.44
N GLY C 70 -8.76 -42.50 -14.04
CA GLY C 70 -9.58 -41.30 -14.10
C GLY C 70 -10.00 -40.84 -12.72
N GLY C 71 -10.23 -39.54 -12.60
CA GLY C 71 -10.68 -38.98 -11.33
C GLY C 71 -11.07 -37.54 -11.48
N VAL C 72 -11.58 -36.97 -10.39
CA VAL C 72 -11.93 -35.57 -10.33
C VAL C 72 -11.67 -35.05 -8.92
N ILE C 73 -11.18 -33.83 -8.83
CA ILE C 73 -10.96 -33.16 -7.56
C ILE C 73 -11.98 -32.03 -7.44
N VAL C 74 -12.80 -32.08 -6.39
CA VAL C 74 -13.86 -31.11 -6.15
C VAL C 74 -13.40 -30.17 -5.05
N MET C 75 -13.78 -28.90 -5.15
CA MET C 75 -13.40 -27.90 -4.17
C MET C 75 -14.47 -26.82 -4.11
N GLN C 76 -14.58 -26.18 -2.95
CA GLN C 76 -15.51 -25.09 -2.76
C GLN C 76 -14.74 -23.78 -2.82
N MET C 77 -15.24 -22.84 -3.60
CA MET C 77 -14.54 -21.58 -3.85
C MET C 77 -14.72 -20.63 -2.66
N SER C 78 -13.61 -20.07 -2.18
CA SER C 78 -13.69 -19.10 -1.09
C SER C 78 -14.39 -17.83 -1.57
N ASN C 79 -13.94 -17.29 -2.69
CA ASN C 79 -14.51 -16.12 -3.34
C ASN C 79 -15.77 -16.52 -4.10
N LYS C 80 -16.87 -16.66 -3.35
CA LYS C 80 -18.08 -17.26 -3.90
C LYS C 80 -18.74 -16.35 -4.93
N SER C 81 -18.91 -15.07 -4.60
CA SER C 81 -19.78 -14.18 -5.38
C SER C 81 -19.31 -14.07 -6.83
N GLU C 82 -18.03 -13.74 -7.03
CA GLU C 82 -17.52 -13.64 -8.39
C GLU C 82 -17.29 -15.05 -8.95
N HIS C 83 -17.08 -15.13 -10.26
CA HIS C 83 -16.87 -16.40 -10.94
C HIS C 83 -15.68 -16.32 -11.90
N PRO C 84 -14.60 -17.07 -11.64
CA PRO C 84 -13.33 -16.83 -12.37
C PRO C 84 -13.28 -17.49 -13.74
N VAL C 85 -13.08 -18.83 -13.75
CA VAL C 85 -12.91 -19.81 -14.84
C VAL C 85 -11.44 -20.11 -15.09
N GLU C 86 -10.54 -19.54 -14.29
CA GLU C 86 -9.12 -19.83 -14.35
C GLU C 86 -8.61 -20.26 -12.97
N MET C 87 -7.73 -21.26 -12.94
CA MET C 87 -7.15 -21.66 -11.67
C MET C 87 -6.15 -20.65 -11.16
N GLY C 88 -5.49 -19.94 -12.06
CA GLY C 88 -4.35 -19.12 -11.68
C GLY C 88 -3.07 -19.71 -12.23
N LEU C 89 -2.12 -18.82 -12.55
CA LEU C 89 -0.90 -19.24 -13.22
C LEU C 89 -0.11 -20.23 -12.37
N ASP C 90 -0.12 -20.04 -11.05
CA ASP C 90 0.68 -20.89 -10.18
C ASP C 90 0.12 -22.31 -10.10
N LEU C 91 -1.21 -22.45 -10.14
CA LEU C 91 -1.80 -23.79 -10.16
C LEU C 91 -1.56 -24.47 -11.50
N GLU C 92 -1.70 -23.73 -12.60
CA GLU C 92 -1.38 -24.28 -13.92
C GLU C 92 0.08 -24.72 -13.98
N THR C 93 0.99 -23.91 -13.45
CA THR C 93 2.41 -24.26 -13.50
C THR C 93 2.71 -25.52 -12.70
N SER C 94 2.06 -25.69 -11.55
CA SER C 94 2.32 -26.87 -10.74
C SER C 94 1.79 -28.13 -11.40
N LEU C 95 0.66 -28.03 -12.09
CA LEU C 95 0.12 -29.20 -12.78
C LEU C 95 0.93 -29.54 -14.02
N ARG C 96 1.48 -28.53 -14.70
CA ARG C 96 2.37 -28.80 -15.84
C ARG C 96 3.57 -29.63 -15.41
N GLU C 97 4.12 -29.34 -14.23
CA GLU C 97 5.27 -30.11 -13.74
C GLU C 97 4.91 -31.53 -13.37
N LEU C 98 3.61 -31.80 -13.13
CA LEU C 98 3.18 -33.16 -12.84
C LEU C 98 3.17 -34.01 -14.10
N ILE C 99 2.60 -33.48 -15.18
CA ILE C 99 2.54 -34.17 -16.46
C ILE C 99 3.92 -34.08 -17.13
N PRO C 100 4.61 -35.19 -17.34
CA PRO C 100 5.93 -35.12 -18.00
C PRO C 100 5.86 -34.67 -19.44
N SER C 101 4.73 -34.84 -20.12
CA SER C 101 4.54 -34.29 -21.45
C SER C 101 4.23 -32.79 -21.43
N SER C 102 3.88 -32.24 -20.26
CA SER C 102 3.59 -30.83 -20.06
C SER C 102 2.40 -30.34 -20.89
N ASP C 103 1.61 -31.25 -21.45
CA ASP C 103 0.43 -30.87 -22.23
C ASP C 103 -0.73 -30.81 -21.26
N LEU C 104 -0.93 -29.64 -20.65
CA LEU C 104 -1.97 -29.49 -19.64
C LEU C 104 -3.36 -29.71 -20.23
N GLN C 105 -3.58 -29.23 -21.46
CA GLN C 105 -4.92 -29.27 -22.05
C GLN C 105 -5.45 -30.70 -22.14
N ALA C 106 -4.58 -31.66 -22.46
CA ALA C 106 -5.01 -33.02 -22.73
C ALA C 106 -5.32 -33.82 -21.48
N PHE C 107 -4.96 -33.34 -20.29
CA PHE C 107 -5.18 -34.08 -19.06
C PHE C 107 -5.99 -33.34 -18.02
N ILE C 108 -6.21 -32.03 -18.17
CA ILE C 108 -6.96 -31.24 -17.22
C ILE C 108 -8.07 -30.50 -17.95
N GLU C 109 -9.30 -30.61 -17.43
CA GLU C 109 -10.44 -29.82 -17.88
C GLU C 109 -11.19 -29.34 -16.65
N THR C 110 -11.49 -28.04 -16.60
CA THR C 110 -12.06 -27.41 -15.42
C THR C 110 -13.45 -26.86 -15.72
N LYS C 111 -14.39 -27.11 -14.81
CA LYS C 111 -15.74 -26.60 -14.93
C LYS C 111 -16.13 -25.92 -13.63
N GLN C 112 -16.89 -24.84 -13.72
CA GLN C 112 -17.40 -24.13 -12.55
C GLN C 112 -18.92 -24.26 -12.50
N GLN C 113 -19.43 -24.68 -11.35
CA GLN C 113 -20.86 -24.85 -11.11
C GLN C 113 -21.22 -24.14 -9.81
N GLY C 114 -21.74 -22.92 -9.93
CA GLY C 114 -22.08 -22.17 -8.73
C GLY C 114 -20.85 -21.94 -7.88
N ASP C 115 -20.94 -22.31 -6.60
CA ASP C 115 -19.86 -22.12 -5.66
C ASP C 115 -18.89 -23.30 -5.62
N LEU C 116 -19.02 -24.22 -6.57
CA LEU C 116 -18.14 -25.38 -6.67
C LEU C 116 -17.30 -25.29 -7.92
N PHE C 117 -16.12 -25.90 -7.87
CA PHE C 117 -15.18 -25.89 -8.98
C PHE C 117 -14.61 -27.29 -9.17
N TYR C 118 -14.68 -27.79 -10.39
CA TYR C 118 -14.16 -29.11 -10.70
C TYR C 118 -12.83 -28.99 -11.44
N ILE C 119 -11.96 -29.97 -11.22
CA ILE C 119 -10.77 -30.16 -12.03
C ILE C 119 -10.79 -31.64 -12.43
N PHE C 120 -11.16 -31.91 -13.68
CA PHE C 120 -11.15 -33.27 -14.20
C PHE C 120 -9.72 -33.64 -14.58
N VAL C 121 -9.27 -34.82 -14.15
CA VAL C 121 -7.90 -35.27 -14.38
C VAL C 121 -7.95 -36.57 -15.16
N LYS C 122 -7.34 -36.57 -16.35
CA LYS C 122 -7.30 -37.76 -17.19
C LYS C 122 -6.26 -38.74 -16.68
N SER C 123 -6.55 -40.03 -16.88
CA SER C 123 -5.59 -41.07 -16.51
C SER C 123 -4.30 -40.91 -17.30
N TRP C 124 -3.20 -41.37 -16.72
CA TRP C 124 -1.90 -41.30 -17.36
C TRP C 124 -1.53 -42.65 -17.99
N SER C 125 -0.95 -42.59 -19.19
CA SER C 125 -0.57 -43.77 -19.95
C SER C 125 -1.77 -44.68 -20.20
N SER C 132 5.94 -45.88 -27.41
CA SER C 132 6.96 -44.94 -26.97
C SER C 132 7.55 -45.39 -25.63
N THR C 133 8.54 -44.65 -25.13
CA THR C 133 9.21 -44.96 -23.87
C THR C 133 9.14 -43.73 -22.96
N LYS C 134 8.16 -43.73 -22.06
CA LYS C 134 7.91 -42.65 -21.13
C LYS C 134 7.67 -43.21 -19.74
N PRO C 135 7.79 -42.39 -18.70
CA PRO C 135 7.51 -42.89 -17.34
C PRO C 135 6.05 -43.25 -17.17
N ARG C 136 5.81 -44.30 -16.38
CA ARG C 136 4.45 -44.77 -16.14
C ARG C 136 3.77 -44.03 -15.00
N ILE C 137 4.51 -43.31 -14.17
CA ILE C 137 3.95 -42.66 -12.99
C ILE C 137 4.43 -41.22 -12.94
N CYS C 138 3.54 -40.34 -12.45
CA CYS C 138 3.83 -38.93 -12.31
C CYS C 138 4.24 -38.62 -10.89
N SER C 139 5.05 -37.58 -10.72
CA SER C 139 5.58 -37.24 -9.42
C SER C 139 5.73 -35.73 -9.31
N LEU C 140 5.54 -35.22 -8.10
CA LEU C 140 5.82 -33.81 -7.82
C LEU C 140 7.31 -33.55 -7.93
N SER C 141 8.12 -34.41 -7.33
CA SER C 141 9.57 -34.29 -7.38
C SER C 141 10.17 -35.64 -7.02
N SER C 142 11.15 -36.08 -7.80
CA SER C 142 11.92 -37.28 -7.46
C SER C 142 13.00 -36.89 -6.46
N SER C 143 13.02 -37.57 -5.30
CA SER C 143 13.96 -37.23 -4.26
C SER C 143 15.35 -37.78 -4.58
N LEU C 144 15.64 -37.89 -5.87
CA LEU C 144 16.90 -38.43 -6.38
C LEU C 144 17.69 -37.31 -7.04
N TYR C 145 18.94 -37.16 -6.63
CA TYR C 145 19.79 -36.08 -7.13
C TYR C 145 20.99 -36.66 -7.87
N CYS C 146 21.46 -35.92 -8.86
CA CYS C 146 22.69 -36.24 -9.56
C CYS C 146 23.51 -34.96 -9.67
N ARG C 147 24.76 -35.10 -10.08
CA ARG C 147 25.68 -33.98 -10.14
C ARG C 147 25.66 -33.38 -11.54
N SER C 148 24.81 -32.38 -11.72
CA SER C 148 24.73 -31.62 -12.97
C SER C 148 25.33 -30.25 -12.72
N LEU C 149 26.35 -29.89 -13.52
CA LEU C 149 26.94 -28.58 -13.42
C LEU C 149 25.87 -27.51 -13.65
N THR C 150 26.04 -26.36 -12.97
CA THR C 150 25.10 -25.25 -12.91
C THR C 150 23.64 -25.73 -12.86
N SER C 151 23.39 -26.85 -12.18
CA SER C 151 22.05 -27.42 -12.07
C SER C 151 21.95 -28.33 -10.85
N LYS C 152 21.80 -27.74 -9.67
CA LYS C 152 21.71 -28.50 -8.42
C LYS C 152 20.26 -28.72 -7.99
N LEU C 153 19.39 -29.04 -8.94
CA LEU C 153 17.98 -29.35 -8.75
C LEU C 153 17.76 -30.86 -8.83
N PRO C 154 16.74 -31.39 -8.16
CA PRO C 154 16.44 -32.82 -8.30
C PRO C 154 15.99 -33.14 -9.71
N LEU C 155 16.34 -34.35 -10.15
CA LEU C 155 15.99 -34.79 -11.49
C LEU C 155 14.49 -34.73 -11.69
N ASP C 156 14.06 -34.15 -12.81
CA ASP C 156 12.64 -34.09 -13.13
C ASP C 156 12.17 -35.49 -13.55
N SER C 157 10.92 -35.58 -14.01
CA SER C 157 10.34 -36.88 -14.32
C SER C 157 11.12 -37.60 -15.42
N LYS C 158 11.48 -36.88 -16.48
CA LYS C 158 12.15 -37.53 -17.61
C LYS C 158 13.62 -37.84 -17.29
N GLU C 159 14.33 -36.91 -16.65
CA GLU C 159 15.71 -37.19 -16.27
C GLU C 159 15.81 -38.35 -15.30
N THR C 160 14.86 -38.43 -14.36
CA THR C 160 14.83 -39.56 -13.44
C THR C 160 14.58 -40.87 -14.17
N PHE C 161 13.65 -40.86 -15.13
CA PHE C 161 13.39 -42.06 -15.90
C PHE C 161 14.62 -42.46 -16.71
N GLU C 162 15.29 -41.47 -17.33
CA GLU C 162 16.52 -41.75 -18.04
C GLU C 162 17.59 -42.27 -17.08
N PHE C 163 17.59 -41.80 -15.83
CA PHE C 163 18.55 -42.30 -14.85
C PHE C 163 18.25 -43.74 -14.47
N LEU C 164 17.02 -44.02 -14.06
CA LEU C 164 16.68 -45.37 -13.59
C LEU C 164 16.75 -46.40 -14.71
N GLU C 165 16.33 -46.02 -15.93
CA GLU C 165 16.40 -46.95 -17.05
C GLU C 165 17.85 -47.25 -17.42
N ARG C 166 18.74 -46.26 -17.28
CA ARG C 166 20.16 -46.50 -17.51
C ARG C 166 20.74 -47.46 -16.48
N LYS C 167 20.30 -47.33 -15.23
CA LYS C 167 20.76 -48.23 -14.17
C LYS C 167 20.06 -49.58 -14.21
N LYS C 168 18.84 -49.63 -14.77
CA LYS C 168 18.10 -50.89 -14.85
C LYS C 168 18.65 -51.79 -15.95
N THR C 169 19.03 -51.22 -17.09
CA THR C 169 19.63 -52.00 -18.16
C THR C 169 21.07 -52.41 -17.85
N CYS C 170 21.74 -51.67 -16.96
CA CYS C 170 23.13 -51.96 -16.62
C CYS C 170 23.28 -53.32 -15.96
N VAL C 171 22.29 -53.75 -15.16
CA VAL C 171 22.43 -54.98 -14.40
C VAL C 171 22.19 -56.21 -15.29
N LYS C 172 21.24 -56.12 -16.24
CA LYS C 172 20.86 -57.26 -17.05
C LYS C 172 21.79 -57.49 -18.25
N GLY C 173 22.90 -56.77 -18.32
CA GLY C 173 23.83 -56.89 -19.44
C GLY C 173 24.41 -58.29 -19.59
N ASP C 193 35.30 -41.96 -11.34
CA ASP C 193 36.54 -42.74 -11.28
C ASP C 193 36.94 -43.04 -9.83
N LEU C 194 37.27 -44.30 -9.56
CA LEU C 194 37.67 -44.74 -8.22
C LEU C 194 39.10 -44.34 -7.87
N GLU C 195 39.50 -43.12 -8.20
CA GLU C 195 40.86 -42.64 -8.01
C GLU C 195 40.98 -41.84 -6.70
N SER C 196 42.22 -41.48 -6.37
CA SER C 196 42.51 -40.66 -5.20
C SER C 196 42.61 -39.21 -5.67
N ASN C 197 41.49 -38.48 -5.56
CA ASN C 197 41.44 -37.08 -5.94
C ASN C 197 42.32 -36.27 -4.97
N PRO C 198 42.95 -35.16 -5.44
CA PRO C 198 43.74 -34.32 -4.51
C PRO C 198 43.06 -33.98 -3.19
N ALA C 199 41.73 -34.04 -3.15
CA ALA C 199 41.02 -33.91 -1.87
C ALA C 199 41.36 -35.03 -0.91
N PHE C 200 41.99 -36.11 -1.39
CA PHE C 200 42.48 -37.16 -0.50
C PHE C 200 43.45 -36.60 0.53
N GLU C 201 44.24 -35.58 0.16
CA GLU C 201 45.23 -35.04 1.07
C GLU C 201 44.58 -34.31 2.24
N ILE C 202 43.53 -33.52 1.97
CA ILE C 202 42.82 -32.86 3.06
C ILE C 202 41.94 -33.86 3.80
N PHE C 203 41.52 -34.93 3.14
CA PHE C 203 40.79 -36.00 3.83
C PHE C 203 41.68 -36.71 4.85
N GLN C 204 42.98 -36.77 4.59
CA GLN C 204 43.97 -37.35 5.50
C GLN C 204 44.93 -36.27 5.98
N SER C 205 44.42 -35.07 6.26
CA SER C 205 45.28 -33.96 6.63
C SER C 205 45.72 -34.03 8.09
N GLU C 206 44.88 -34.60 8.97
CA GLU C 206 45.19 -34.82 10.38
C GLU C 206 45.33 -33.51 11.16
N ARG C 207 45.49 -32.39 10.44
CA ARG C 207 45.67 -31.08 11.06
C ARG C 207 45.01 -30.03 10.17
N LEU C 208 44.45 -29.00 10.81
CA LEU C 208 43.73 -27.96 10.08
C LEU C 208 44.32 -26.59 10.40
N GLU C 209 44.43 -25.75 9.37
CA GLU C 209 44.74 -24.35 9.55
C GLU C 209 44.19 -23.57 8.37
N TYR C 210 44.20 -22.24 8.50
CA TYR C 210 43.49 -21.38 7.57
C TYR C 210 44.17 -21.34 6.21
N GLY C 211 43.52 -20.68 5.26
CA GLY C 211 43.94 -20.73 3.88
C GLY C 211 43.92 -22.17 3.40
N GLN C 212 45.09 -22.81 3.43
CA GLN C 212 45.26 -24.20 3.02
C GLN C 212 44.53 -24.50 1.72
N ARG C 213 44.44 -23.50 0.83
CA ARG C 213 43.93 -23.75 -0.50
C ARG C 213 44.86 -24.72 -1.21
N LEU C 214 44.28 -25.70 -1.88
CA LEU C 214 45.06 -26.80 -2.42
C LEU C 214 44.83 -26.87 -3.92
N PRO C 215 45.63 -27.65 -4.67
CA PRO C 215 45.43 -27.67 -6.14
C PRO C 215 44.01 -27.98 -6.56
N PHE C 216 43.27 -28.74 -5.77
CA PHE C 216 41.87 -28.98 -6.08
C PHE C 216 41.03 -27.78 -5.68
N SER C 217 40.16 -27.36 -6.58
CA SER C 217 39.10 -26.40 -6.30
C SER C 217 37.77 -27.13 -6.35
N GLU C 218 36.68 -26.39 -6.15
CA GLU C 218 35.35 -26.98 -6.17
C GLU C 218 35.11 -27.72 -7.48
N SER C 219 35.12 -29.04 -7.43
CA SER C 219 35.08 -29.90 -8.61
C SER C 219 33.72 -30.60 -8.71
N ALA C 220 33.59 -31.44 -9.75
CA ALA C 220 32.43 -32.31 -9.87
C ALA C 220 32.46 -33.46 -8.87
N SER C 221 33.54 -33.59 -8.10
CA SER C 221 33.61 -34.58 -7.03
C SER C 221 34.02 -33.93 -5.71
N ILE C 222 33.99 -32.60 -5.62
CA ILE C 222 34.35 -31.87 -4.40
C ILE C 222 33.38 -30.71 -4.26
N GLU C 223 32.58 -30.71 -3.19
CA GLU C 223 31.64 -29.64 -2.90
C GLU C 223 32.01 -28.98 -1.58
N PHE C 224 32.07 -27.65 -1.59
CA PHE C 224 32.40 -26.85 -0.42
C PHE C 224 31.13 -26.29 0.23
N LYS C 225 31.06 -26.39 1.55
CA LYS C 225 29.98 -25.82 2.34
C LYS C 225 30.59 -25.20 3.59
N GLN C 226 30.27 -23.93 3.85
CA GLN C 226 30.79 -23.23 5.02
C GLN C 226 29.71 -23.12 6.09
N PHE C 227 30.15 -23.17 7.35
CA PHE C 227 29.25 -22.97 8.47
C PHE C 227 28.99 -21.49 8.66
N SER C 228 27.76 -21.17 9.07
CA SER C 228 27.35 -19.81 9.39
C SER C 228 27.21 -19.69 10.92
N THR C 229 26.39 -18.75 11.37
CA THR C 229 25.97 -18.73 12.77
C THR C 229 25.00 -19.85 13.11
N ARG C 230 24.65 -20.67 12.12
CA ARG C 230 23.81 -21.84 12.34
C ARG C 230 24.60 -22.95 13.02
N ARG C 231 23.93 -23.69 13.89
CA ARG C 231 24.59 -24.77 14.62
C ARG C 231 25.11 -25.82 13.65
N ALA C 232 26.20 -26.49 14.06
CA ALA C 232 26.87 -27.42 13.16
C ALA C 232 26.03 -28.66 12.88
N HIS C 233 25.39 -29.22 13.90
CA HIS C 233 24.58 -30.42 13.71
C HIS C 233 23.42 -30.16 12.75
N GLU C 234 22.66 -29.09 13.00
CA GLU C 234 21.46 -28.84 12.22
C GLU C 234 21.79 -28.61 10.75
N TYR C 235 22.91 -27.95 10.47
CA TYR C 235 23.27 -27.67 9.09
C TYR C 235 23.68 -28.95 8.36
N ILE C 236 24.53 -29.76 8.99
CA ILE C 236 24.97 -31.01 8.39
C ILE C 236 23.79 -31.93 8.13
N LYS C 237 22.87 -32.03 9.09
CA LYS C 237 21.68 -32.85 8.90
C LYS C 237 20.86 -32.36 7.72
N SER C 238 20.94 -31.07 7.41
CA SER C 238 20.17 -30.49 6.32
C SER C 238 20.85 -30.66 4.97
N VAL C 239 22.17 -30.72 4.95
CA VAL C 239 22.90 -30.76 3.68
C VAL C 239 23.20 -32.19 3.23
N ILE C 240 23.38 -33.12 4.18
CA ILE C 240 23.81 -34.47 3.82
C ILE C 240 22.89 -35.15 2.82
N PRO C 241 21.57 -35.25 3.04
CA PRO C 241 20.76 -36.08 2.14
C PRO C 241 20.81 -35.64 0.68
N GLU C 242 20.77 -34.34 0.43
CA GLU C 242 20.72 -33.86 -0.95
C GLU C 242 22.04 -34.11 -1.68
N TYR C 243 23.17 -33.83 -1.04
CA TYR C 243 24.46 -33.89 -1.70
C TYR C 243 25.07 -35.28 -1.68
N ILE C 244 24.90 -36.04 -0.59
CA ILE C 244 25.40 -37.42 -0.57
C ILE C 244 24.69 -38.26 -1.62
N SER C 245 23.42 -37.97 -1.88
CA SER C 245 22.70 -38.67 -2.94
C SER C 245 23.37 -38.44 -4.30
N ALA C 246 23.69 -37.18 -4.61
CA ALA C 246 24.25 -36.86 -5.93
C ALA C 246 25.64 -37.44 -6.10
N PHE C 247 26.47 -37.40 -5.04
CA PHE C 247 27.81 -37.98 -5.10
C PHE C 247 27.75 -39.48 -5.33
N ALA C 248 26.93 -40.19 -4.54
CA ALA C 248 26.86 -41.64 -4.65
C ALA C 248 26.35 -42.08 -6.02
N ASN C 249 25.50 -41.28 -6.66
CA ASN C 249 24.99 -41.59 -7.98
C ASN C 249 25.90 -41.13 -9.11
N THR C 250 26.97 -40.37 -8.80
CA THR C 250 27.88 -39.81 -9.81
C THR C 250 29.32 -40.02 -9.36
N GLN C 251 29.82 -41.25 -9.54
CA GLN C 251 31.23 -41.62 -9.38
C GLN C 251 31.82 -41.22 -8.03
N GLY C 252 30.99 -40.90 -7.04
CA GLY C 252 31.48 -40.56 -5.72
C GLY C 252 32.03 -39.15 -5.64
N GLY C 253 32.49 -38.79 -4.43
CA GLY C 253 33.06 -37.48 -4.24
C GLY C 253 33.37 -37.21 -2.77
N TYR C 254 33.80 -35.97 -2.52
CA TYR C 254 34.13 -35.49 -1.19
C TYR C 254 33.24 -34.31 -0.83
N LEU C 255 32.64 -34.35 0.35
CA LEU C 255 31.82 -33.25 0.86
C LEU C 255 32.58 -32.58 1.99
N LEU C 256 32.88 -31.29 1.82
CA LEU C 256 33.68 -30.52 2.77
C LEU C 256 32.78 -29.53 3.50
N PHE C 257 32.67 -29.70 4.82
CA PHE C 257 31.91 -28.78 5.67
C PHE C 257 32.88 -27.82 6.35
N GLY C 258 32.66 -26.52 6.13
CA GLY C 258 33.47 -25.50 6.78
C GLY C 258 34.50 -24.88 5.85
N VAL C 259 34.13 -24.69 4.58
CA VAL C 259 35.02 -24.10 3.59
C VAL C 259 34.24 -23.09 2.77
N ASP C 260 34.68 -21.83 2.80
CA ASP C 260 33.99 -20.77 2.07
C ASP C 260 34.45 -20.74 0.61
N SER C 263 35.73 -18.07 -2.40
CA SER C 263 36.63 -17.70 -1.31
C SER C 263 37.68 -18.79 -1.05
N LYS C 264 37.28 -20.04 -1.30
CA LYS C 264 38.09 -21.25 -1.09
C LYS C 264 38.93 -21.17 0.19
N ARG C 265 38.28 -20.72 1.27
CA ARG C 265 38.93 -20.56 2.56
C ARG C 265 38.34 -21.51 3.59
N VAL C 266 39.16 -21.92 4.54
CA VAL C 266 38.75 -22.83 5.61
C VAL C 266 38.30 -22.02 6.81
N LEU C 267 37.08 -22.28 7.26
CA LEU C 267 36.53 -21.63 8.45
C LEU C 267 36.15 -22.61 9.55
N GLY C 268 35.57 -23.75 9.20
CA GLY C 268 35.23 -24.76 10.18
C GLY C 268 34.00 -24.39 11.01
N CYS C 269 33.85 -25.09 12.13
CA CYS C 269 32.78 -24.87 13.08
C CYS C 269 33.33 -24.69 14.47
N PRO C 270 32.67 -23.89 15.31
CA PRO C 270 33.18 -23.64 16.66
C PRO C 270 33.29 -24.91 17.48
N LYS C 271 34.23 -24.88 18.43
CA LYS C 271 34.57 -26.07 19.21
C LYS C 271 33.61 -26.30 20.37
N ASP C 272 32.99 -25.24 20.89
CA ASP C 272 32.35 -25.32 22.21
C ASP C 272 31.08 -26.18 22.18
N ASN C 273 30.24 -26.01 21.17
CA ASN C 273 28.93 -26.66 21.13
C ASN C 273 28.94 -28.03 20.48
N VAL C 274 30.09 -28.53 20.04
CA VAL C 274 30.17 -29.75 19.24
C VAL C 274 31.35 -30.59 19.71
N ASP C 275 31.17 -31.91 19.73
CA ASP C 275 32.22 -32.87 20.02
C ASP C 275 32.46 -33.74 18.79
N ARG C 276 33.66 -34.33 18.73
CA ARG C 276 34.00 -35.20 17.59
C ARG C 276 33.03 -36.37 17.47
N ASP C 277 32.65 -36.97 18.59
CA ASP C 277 31.77 -38.12 18.55
C ASP C 277 30.38 -37.76 18.06
N SER C 278 29.94 -36.53 18.29
CA SER C 278 28.62 -36.11 17.82
C SER C 278 28.59 -36.00 16.30
N LEU C 279 29.62 -35.40 15.70
CA LEU C 279 29.65 -35.23 14.25
C LEU C 279 29.63 -36.58 13.54
N LYS C 280 30.43 -37.53 14.01
CA LYS C 280 30.36 -38.88 13.47
C LYS C 280 28.98 -39.48 13.67
N ALA C 281 28.36 -39.21 14.83
CA ALA C 281 27.07 -39.80 15.14
C ALA C 281 25.95 -39.21 14.28
N VAL C 282 25.93 -37.88 14.12
CA VAL C 282 24.86 -37.25 13.36
C VAL C 282 24.96 -37.62 11.88
N VAL C 283 26.19 -37.75 11.36
CA VAL C 283 26.36 -38.17 9.98
C VAL C 283 25.90 -39.60 9.79
N ASN C 284 26.26 -40.49 10.71
CA ASN C 284 25.88 -41.89 10.60
C ASN C 284 24.38 -42.08 10.70
N GLU C 285 23.73 -41.33 11.59
CA GLU C 285 22.28 -41.42 11.69
C GLU C 285 21.59 -40.73 10.52
N ALA C 286 22.20 -39.69 9.96
CA ALA C 286 21.58 -38.97 8.85
C ALA C 286 21.67 -39.78 7.56
N ILE C 287 22.86 -40.29 7.23
CA ILE C 287 23.02 -41.07 6.01
C ILE C 287 22.27 -42.39 6.12
N SER C 288 22.06 -42.88 7.35
CA SER C 288 21.39 -44.16 7.55
C SER C 288 19.97 -44.15 6.99
N LYS C 289 19.23 -43.08 7.24
CA LYS C 289 17.84 -43.01 6.81
C LYS C 289 17.68 -42.63 5.34
N LEU C 290 18.76 -42.35 4.62
CA LEU C 290 18.67 -42.13 3.18
C LEU C 290 18.25 -43.42 2.48
N PRO C 291 17.07 -43.47 1.86
CA PRO C 291 16.62 -44.72 1.25
C PRO C 291 17.41 -45.03 -0.01
N VAL C 292 17.77 -46.30 -0.15
CA VAL C 292 18.43 -46.78 -1.37
C VAL C 292 17.60 -47.93 -1.93
N PHE C 293 17.69 -48.10 -3.25
CA PHE C 293 17.07 -49.24 -3.91
C PHE C 293 18.07 -49.88 -4.85
N HIS C 294 18.20 -51.20 -4.76
CA HIS C 294 19.10 -51.97 -5.60
C HIS C 294 18.30 -52.68 -6.68
N PHE C 295 18.79 -52.61 -7.91
CA PHE C 295 18.25 -53.43 -9.00
C PHE C 295 18.76 -54.87 -8.96
N CYS C 296 19.58 -55.22 -7.97
CA CYS C 296 20.20 -56.54 -7.92
C CYS C 296 19.99 -57.10 -6.52
N SER C 297 20.72 -58.18 -6.22
CA SER C 297 20.61 -58.90 -4.96
C SER C 297 21.32 -58.22 -3.79
N SER C 298 22.17 -57.23 -4.05
CA SER C 298 22.88 -56.57 -2.96
C SER C 298 21.91 -55.81 -2.06
N LYS C 299 22.04 -56.01 -0.75
CA LYS C 299 21.25 -55.30 0.23
C LYS C 299 22.07 -54.32 1.05
N GLU C 300 23.36 -54.19 0.75
CA GLU C 300 24.22 -53.28 1.49
C GLU C 300 23.85 -51.83 1.17
N LYS C 301 23.86 -50.99 2.20
CA LYS C 301 23.67 -49.56 2.00
C LYS C 301 24.93 -48.96 1.40
N VAL C 302 24.87 -47.65 1.10
CA VAL C 302 25.99 -46.98 0.47
C VAL C 302 27.18 -46.92 1.40
N SER C 303 28.38 -47.14 0.86
CA SER C 303 29.61 -47.03 1.62
C SER C 303 30.06 -45.58 1.67
N TYR C 304 30.33 -45.11 2.88
CA TYR C 304 30.90 -43.79 3.12
C TYR C 304 31.88 -43.88 4.27
N LYS C 305 32.80 -42.92 4.31
CA LYS C 305 33.77 -42.82 5.39
C LYS C 305 33.85 -41.39 5.85
N THR C 306 33.48 -41.14 7.10
CA THR C 306 33.52 -39.81 7.69
C THR C 306 34.83 -39.59 8.43
N ARG C 307 35.28 -38.35 8.46
CA ARG C 307 36.49 -38.00 9.18
C ARG C 307 36.40 -36.55 9.63
N VAL C 308 36.71 -36.30 10.90
CA VAL C 308 36.62 -34.97 11.49
C VAL C 308 38.03 -34.51 11.84
N ILE C 309 38.43 -33.37 11.28
CA ILE C 309 39.74 -32.78 11.53
C ILE C 309 39.59 -31.70 12.58
N ASP C 310 40.53 -31.66 13.53
CA ASP C 310 40.41 -30.80 14.70
C ASP C 310 40.80 -29.36 14.37
N VAL C 311 40.84 -28.53 15.41
CA VAL C 311 41.07 -27.07 15.40
C VAL C 311 40.41 -26.30 14.23
N TYR C 320 36.31 -27.45 14.12
CA TYR C 320 36.37 -28.71 13.38
C TYR C 320 36.01 -28.53 11.90
N LEU C 321 36.56 -29.42 11.06
CA LEU C 321 36.25 -29.49 9.64
C LEU C 321 35.75 -30.89 9.33
N CYS C 322 34.52 -30.99 8.85
CA CYS C 322 33.89 -32.27 8.59
C CYS C 322 34.04 -32.63 7.11
N VAL C 323 34.64 -33.79 6.85
CA VAL C 323 34.87 -34.26 5.49
C VAL C 323 34.22 -35.64 5.34
N ILE C 324 33.61 -35.89 4.19
CA ILE C 324 32.87 -37.12 3.94
C ILE C 324 33.37 -37.73 2.64
N LYS C 325 33.92 -38.94 2.72
CA LYS C 325 34.30 -39.72 1.55
C LYS C 325 33.19 -40.72 1.27
N VAL C 326 32.50 -40.55 0.15
CA VAL C 326 31.39 -41.40 -0.23
C VAL C 326 31.73 -42.11 -1.54
N GLU C 327 31.62 -43.44 -1.53
CA GLU C 327 31.97 -44.26 -2.68
C GLU C 327 30.83 -44.28 -3.69
N ARG C 328 31.17 -44.58 -4.94
CA ARG C 328 30.16 -44.79 -5.97
C ARG C 328 29.21 -45.91 -5.54
N PHE C 329 27.96 -45.82 -5.98
CA PHE C 329 26.94 -46.76 -5.53
C PHE C 329 26.57 -47.77 -6.61
N CYS C 330 26.10 -48.93 -6.15
CA CYS C 330 25.71 -50.00 -7.07
C CYS C 330 24.52 -49.61 -7.92
N CYS C 331 23.50 -49.01 -7.31
CA CYS C 331 22.29 -48.64 -8.04
C CYS C 331 21.90 -47.19 -7.78
N ALA C 332 20.85 -46.98 -6.98
CA ALA C 332 20.28 -45.66 -6.76
C ALA C 332 20.22 -45.33 -5.28
N VAL C 333 20.61 -44.11 -4.93
CA VAL C 333 20.47 -43.56 -3.59
C VAL C 333 19.56 -42.35 -3.66
N PHE C 334 18.52 -42.35 -2.82
CA PHE C 334 17.59 -41.23 -2.75
C PHE C 334 17.95 -40.31 -1.58
N SER C 335 17.67 -39.01 -1.76
CA SER C 335 17.85 -38.07 -0.66
C SER C 335 16.79 -38.28 0.42
N GLU C 336 15.58 -38.66 0.01
CA GLU C 336 14.50 -39.04 0.90
C GLU C 336 13.50 -39.84 0.08
N ALA C 337 12.35 -40.13 0.67
CA ALA C 337 11.32 -40.84 -0.08
C ALA C 337 10.78 -39.97 -1.20
N PRO C 338 10.58 -40.53 -2.39
CA PRO C 338 10.09 -39.71 -3.51
C PRO C 338 8.69 -39.19 -3.25
N ILE C 339 8.47 -37.93 -3.57
CA ILE C 339 7.23 -37.23 -3.26
C ILE C 339 6.24 -37.54 -4.36
N SER C 340 5.36 -38.51 -4.12
CA SER C 340 4.35 -38.91 -5.10
C SER C 340 3.26 -39.68 -4.38
N TRP C 341 2.04 -39.57 -4.88
CA TRP C 341 0.87 -40.14 -4.22
C TRP C 341 0.02 -40.91 -5.21
N MET C 342 -0.85 -41.77 -4.65
CA MET C 342 -1.97 -42.38 -5.35
C MET C 342 -3.18 -42.31 -4.43
N ALA C 343 -4.34 -42.71 -4.96
CA ALA C 343 -5.55 -42.63 -4.15
C ALA C 343 -6.59 -43.61 -4.64
N ASP C 344 -7.29 -44.24 -3.69
CA ASP C 344 -8.41 -45.12 -4.00
C ASP C 344 -9.29 -45.22 -2.76
N LYS C 345 -10.46 -45.85 -2.92
CA LYS C 345 -11.50 -45.76 -1.91
C LYS C 345 -11.13 -46.51 -0.64
N GLU C 346 -10.70 -47.77 -0.76
CA GLU C 346 -10.29 -48.52 0.42
C GLU C 346 -9.06 -47.89 1.08
N ASN C 347 -8.17 -47.31 0.28
CA ASN C 347 -6.88 -46.85 0.77
C ASN C 347 -6.87 -45.37 1.16
N GLY C 348 -7.72 -44.56 0.54
CA GLY C 348 -7.67 -43.12 0.77
C GLY C 348 -6.60 -42.48 -0.08
N VAL C 349 -6.19 -41.27 0.32
CA VAL C 349 -5.06 -40.60 -0.30
C VAL C 349 -3.80 -40.97 0.49
N TYR C 350 -2.84 -41.60 -0.19
CA TYR C 350 -1.68 -42.14 0.49
C TYR C 350 -0.42 -41.87 -0.32
N SER C 351 0.70 -41.72 0.39
CA SER C 351 1.99 -41.60 -0.24
C SER C 351 2.52 -42.98 -0.62
N LEU C 352 3.41 -43.01 -1.60
CA LEU C 352 4.00 -44.25 -2.10
C LEU C 352 5.35 -44.49 -1.46
N ASN C 353 5.60 -45.73 -1.06
CA ASN C 353 6.92 -46.10 -0.54
C ASN C 353 7.95 -46.07 -1.68
N THR C 354 9.23 -46.04 -1.28
CA THR C 354 10.30 -45.87 -2.26
C THR C 354 10.37 -47.05 -3.24
N GLU C 355 10.07 -48.25 -2.75
CA GLU C 355 10.24 -49.45 -3.59
C GLU C 355 9.21 -49.49 -4.72
N LYS C 356 7.93 -49.30 -4.40
CA LYS C 356 6.90 -49.36 -5.44
C LYS C 356 7.04 -48.23 -6.45
N TRP C 357 7.54 -47.07 -6.03
CA TRP C 357 7.71 -45.96 -6.95
C TRP C 357 8.70 -46.31 -8.05
N VAL C 358 9.80 -46.96 -7.70
CA VAL C 358 10.80 -47.34 -8.70
C VAL C 358 10.23 -48.40 -9.64
N ARG C 359 9.41 -49.31 -9.12
CA ARG C 359 8.85 -50.36 -9.95
C ARG C 359 7.85 -49.83 -10.96
N MET C 360 7.34 -48.62 -10.76
CA MET C 360 6.53 -47.98 -11.78
C MET C 360 7.38 -47.48 -12.95
N MET C 361 8.69 -47.41 -12.78
CA MET C 361 9.61 -47.14 -13.88
C MET C 361 10.17 -48.41 -14.50
N VAL C 362 9.71 -49.58 -14.05
CA VAL C 362 10.15 -50.86 -14.58
C VAL C 362 9.14 -51.30 -15.62
N ASP C 363 9.45 -52.35 -16.36
CA ASP C 363 8.58 -52.91 -17.38
C ASP C 363 7.29 -53.49 -16.81
N HIS D 10 -34.61 22.47 13.67
CA HIS D 10 -33.41 21.86 14.24
C HIS D 10 -33.52 20.34 14.29
N SER D 11 -33.72 19.74 13.11
CA SER D 11 -33.84 18.29 13.01
C SER D 11 -32.49 17.63 13.29
N SER D 12 -32.56 16.34 13.68
CA SER D 12 -31.39 15.58 14.12
C SER D 12 -31.36 14.25 13.36
N GLY D 13 -30.85 14.29 12.12
CA GLY D 13 -30.79 13.11 11.29
C GLY D 13 -31.94 12.94 10.31
N LEU D 14 -32.89 13.86 10.30
CA LEU D 14 -34.04 13.83 9.40
C LEU D 14 -33.88 14.84 8.28
N GLU D 15 -34.24 14.41 7.07
CA GLU D 15 -34.26 15.29 5.91
C GLU D 15 -35.60 15.14 5.21
N VAL D 16 -36.30 16.26 5.01
CA VAL D 16 -37.46 16.28 4.12
C VAL D 16 -36.95 16.06 2.70
N LEU D 17 -37.74 15.34 1.90
CA LEU D 17 -37.16 14.68 0.74
C LEU D 17 -36.83 15.67 -0.38
N PHE D 18 -37.67 16.68 -0.59
CA PHE D 18 -37.26 17.64 -1.61
C PHE D 18 -37.19 19.05 -1.06
N GLN D 19 -36.52 19.16 0.08
CA GLN D 19 -36.42 20.40 0.85
C GLN D 19 -35.83 21.51 0.01
N GLY D 20 -36.30 22.74 0.26
CA GLY D 20 -35.84 23.90 -0.46
C GLY D 20 -36.99 24.79 -0.89
N PRO D 21 -36.78 26.09 -0.81
CA PRO D 21 -37.81 27.04 -1.28
C PRO D 21 -37.96 26.99 -2.80
N HIS D 22 -36.85 27.01 -3.52
CA HIS D 22 -36.85 27.04 -4.97
C HIS D 22 -36.49 25.67 -5.53
N MET D 23 -37.39 24.72 -5.29
CA MET D 23 -37.32 23.38 -5.84
C MET D 23 -38.71 22.97 -6.33
N GLY D 24 -39.33 23.85 -7.11
CA GLY D 24 -40.69 23.66 -7.57
C GLY D 24 -40.92 22.35 -8.30
N GLY D 25 -41.99 21.65 -7.93
CA GLY D 25 -42.33 20.40 -8.57
C GLY D 25 -41.64 19.20 -7.95
N SER D 26 -42.37 18.45 -7.12
CA SER D 26 -41.81 17.23 -6.56
C SER D 26 -42.02 16.08 -7.54
N PRO D 27 -40.96 15.36 -7.90
CA PRO D 27 -41.11 14.28 -8.89
C PRO D 27 -42.09 13.22 -8.43
N ASP D 28 -42.75 12.59 -9.40
CA ASP D 28 -43.71 11.52 -9.11
C ASP D 28 -43.04 10.17 -8.99
N LEU D 29 -42.08 9.89 -9.87
CA LEU D 29 -41.39 8.61 -9.90
C LEU D 29 -40.09 8.74 -9.12
N ILE D 30 -40.05 8.14 -7.93
CA ILE D 30 -38.88 8.19 -7.06
C ILE D 30 -38.29 6.79 -6.97
N ILE D 31 -37.00 6.66 -7.31
CA ILE D 31 -36.28 5.39 -7.21
C ILE D 31 -35.23 5.52 -6.10
N HIS D 32 -35.30 4.64 -5.11
CA HIS D 32 -34.39 4.64 -3.98
C HIS D 32 -33.23 3.69 -4.28
N ALA D 33 -31.99 4.22 -4.27
CA ALA D 33 -30.81 3.43 -4.58
C ALA D 33 -30.01 3.04 -3.35
N GLY D 34 -30.54 3.29 -2.16
CA GLY D 34 -29.88 2.81 -0.95
C GLY D 34 -28.64 3.61 -0.63
N GLU D 35 -27.55 2.90 -0.34
CA GLU D 35 -26.32 3.48 0.18
C GLU D 35 -25.28 3.47 -0.94
N VAL D 36 -24.77 4.66 -1.28
CA VAL D 36 -23.86 4.84 -2.40
C VAL D 36 -22.73 5.79 -2.00
N THR D 37 -21.52 5.51 -2.47
CA THR D 37 -20.38 6.40 -2.27
C THR D 37 -20.27 7.35 -3.45
N LEU D 38 -20.17 8.65 -3.16
CA LEU D 38 -20.19 9.67 -4.20
C LEU D 38 -18.91 10.48 -4.20
N GLY D 39 -18.61 11.08 -5.34
CA GLY D 39 -17.40 11.86 -5.51
C GLY D 39 -16.24 11.04 -6.02
N GLU D 40 -15.47 11.61 -6.96
CA GLU D 40 -14.35 10.86 -7.52
C GLU D 40 -13.28 10.56 -6.47
N LYS D 41 -13.16 11.41 -5.45
CA LYS D 41 -12.14 11.21 -4.43
C LYS D 41 -12.35 9.89 -3.68
N ASP D 42 -13.56 9.67 -3.17
CA ASP D 42 -13.81 8.46 -2.39
C ASP D 42 -14.13 7.25 -3.27
N ARG D 43 -14.61 7.47 -4.49
CA ARG D 43 -14.94 6.34 -5.36
C ARG D 43 -13.69 5.70 -5.95
N ASN D 44 -12.63 6.47 -6.12
CA ASN D 44 -11.41 5.89 -6.70
C ASN D 44 -10.72 4.95 -5.71
N LYS D 45 -10.80 5.26 -4.41
CA LYS D 45 -10.22 4.41 -3.38
C LYS D 45 -11.26 3.56 -2.68
N MET D 46 -12.31 3.17 -3.40
CA MET D 46 -13.40 2.35 -2.88
C MET D 46 -13.15 0.88 -3.25
N ASP D 47 -13.80 -0.02 -2.52
CA ASP D 47 -13.76 -1.44 -2.85
C ASP D 47 -14.22 -1.67 -4.29
N SER D 48 -13.41 -2.42 -5.05
CA SER D 48 -13.63 -2.53 -6.49
C SER D 48 -14.94 -3.26 -6.80
N LYS D 49 -15.28 -4.29 -6.01
CA LYS D 49 -16.49 -5.04 -6.30
C LYS D 49 -17.75 -4.27 -5.92
N LYS D 50 -17.68 -3.45 -4.86
CA LYS D 50 -18.80 -2.58 -4.54
C LYS D 50 -18.97 -1.46 -5.55
N LYS D 51 -17.86 -1.00 -6.15
CA LYS D 51 -17.93 0.06 -7.14
C LYS D 51 -18.77 -0.36 -8.33
N ARG D 52 -18.53 -1.56 -8.86
CA ARG D 52 -19.36 -2.07 -9.95
C ARG D 52 -20.82 -2.23 -9.50
N LEU D 53 -21.02 -2.67 -8.26
CA LEU D 53 -22.39 -2.91 -7.78
C LEU D 53 -23.20 -1.63 -7.75
N GLU D 54 -22.61 -0.55 -7.20
CA GLU D 54 -23.34 0.72 -7.12
C GLU D 54 -23.50 1.36 -8.50
N LYS D 55 -22.47 1.24 -9.35
CA LYS D 55 -22.56 1.79 -10.69
C LYS D 55 -23.68 1.13 -11.49
N ALA D 56 -23.78 -0.21 -11.41
CA ALA D 56 -24.84 -0.90 -12.13
C ALA D 56 -26.22 -0.54 -11.58
N ARG D 57 -26.32 -0.21 -10.30
CA ARG D 57 -27.60 0.18 -9.74
C ARG D 57 -28.04 1.56 -10.24
N ILE D 58 -27.11 2.53 -10.23
CA ILE D 58 -27.47 3.90 -10.60
C ILE D 58 -27.84 3.97 -12.09
N THR D 59 -27.06 3.31 -12.94
CA THR D 59 -27.35 3.37 -14.36
C THR D 59 -28.63 2.62 -14.71
N GLU D 60 -28.90 1.52 -13.99
CA GLU D 60 -30.17 0.82 -14.17
C GLU D 60 -31.33 1.73 -13.79
N ALA D 61 -31.23 2.40 -12.64
CA ALA D 61 -32.28 3.32 -12.23
C ALA D 61 -32.42 4.47 -13.22
N ALA D 62 -31.30 5.04 -13.66
CA ALA D 62 -31.36 6.20 -14.55
C ALA D 62 -31.93 5.81 -15.92
N CYS D 63 -31.54 4.65 -16.45
CA CYS D 63 -32.09 4.19 -17.71
C CYS D 63 -33.60 4.04 -17.64
N ALA D 64 -34.09 3.46 -16.54
CA ALA D 64 -35.53 3.31 -16.36
C ALA D 64 -36.23 4.67 -16.28
N LEU D 65 -35.57 5.67 -15.69
CA LEU D 65 -36.18 6.99 -15.61
C LEU D 65 -36.25 7.66 -16.97
N LEU D 66 -35.17 7.57 -17.76
CA LEU D 66 -35.19 8.15 -19.10
C LEU D 66 -36.35 7.59 -19.91
N ASN D 67 -36.62 6.29 -19.79
CA ASN D 67 -37.63 5.61 -20.58
C ASN D 67 -39.03 5.65 -19.97
N SER D 68 -39.21 6.33 -18.85
CA SER D 68 -40.48 6.32 -18.13
C SER D 68 -40.95 7.72 -17.79
N GLY D 69 -40.71 8.67 -18.68
CA GLY D 69 -41.20 10.02 -18.48
C GLY D 69 -40.46 10.84 -17.46
N GLY D 70 -39.43 10.29 -16.83
CA GLY D 70 -38.58 11.07 -15.95
C GLY D 70 -38.83 10.75 -14.49
N GLY D 71 -37.83 11.07 -13.67
CA GLY D 71 -37.93 10.87 -12.24
C GLY D 71 -36.74 11.41 -11.46
N VAL D 72 -36.43 10.77 -10.34
CA VAL D 72 -35.31 11.17 -9.49
C VAL D 72 -34.76 9.94 -8.79
N ILE D 73 -33.45 9.89 -8.64
CA ILE D 73 -32.80 8.82 -7.89
C ILE D 73 -32.41 9.37 -6.52
N VAL D 74 -32.95 8.76 -5.46
CA VAL D 74 -32.67 9.14 -4.09
C VAL D 74 -31.75 8.08 -3.50
N MET D 75 -30.71 8.54 -2.80
CA MET D 75 -29.77 7.62 -2.16
C MET D 75 -29.11 8.30 -0.98
N GLN D 76 -28.68 7.48 -0.02
CA GLN D 76 -27.96 7.94 1.16
C GLN D 76 -26.48 7.70 0.98
N MET D 77 -25.65 8.63 1.45
CA MET D 77 -24.22 8.59 1.17
C MET D 77 -23.51 7.72 2.21
N SER D 78 -22.59 6.87 1.73
CA SER D 78 -21.74 6.10 2.63
C SER D 78 -20.80 7.02 3.40
N ASN D 79 -20.32 8.07 2.72
CA ASN D 79 -19.41 9.07 3.29
C ASN D 79 -20.20 10.28 3.79
N LYS D 80 -20.87 10.07 4.94
CA LYS D 80 -21.80 11.07 5.45
C LYS D 80 -21.12 12.43 5.62
N SER D 81 -19.97 12.45 6.29
CA SER D 81 -19.29 13.71 6.58
C SER D 81 -18.55 14.30 5.38
N GLU D 82 -18.53 13.62 4.23
CA GLU D 82 -17.73 14.08 3.10
C GLU D 82 -18.37 15.25 2.38
N HIS D 83 -19.67 15.17 2.08
CA HIS D 83 -20.41 16.19 1.34
C HIS D 83 -19.73 16.40 -0.02
N PRO D 84 -19.92 15.47 -0.97
CA PRO D 84 -19.07 15.43 -2.16
C PRO D 84 -19.38 16.45 -3.25
N VAL D 85 -20.68 16.62 -3.58
CA VAL D 85 -21.19 17.63 -4.51
C VAL D 85 -21.07 17.15 -5.96
N GLU D 86 -20.23 16.14 -6.21
CA GLU D 86 -20.12 15.48 -7.49
C GLU D 86 -20.35 13.98 -7.31
N MET D 87 -20.76 13.30 -8.38
CA MET D 87 -20.99 11.87 -8.20
C MET D 87 -19.75 11.05 -8.52
N GLY D 88 -19.02 11.43 -9.57
CA GLY D 88 -17.80 10.73 -9.93
C GLY D 88 -17.74 10.45 -11.42
N LEU D 89 -16.55 9.99 -11.84
CA LEU D 89 -16.30 9.79 -13.27
C LEU D 89 -16.93 8.51 -13.81
N ASP D 90 -16.92 7.44 -13.02
CA ASP D 90 -17.53 6.19 -13.50
C ASP D 90 -19.04 6.34 -13.63
N LEU D 91 -19.66 7.09 -12.72
CA LEU D 91 -21.10 7.33 -12.81
C LEU D 91 -21.42 8.29 -13.95
N GLU D 92 -20.66 9.37 -14.08
CA GLU D 92 -20.89 10.31 -15.18
C GLU D 92 -20.70 9.65 -16.53
N THR D 93 -19.58 8.93 -16.70
CA THR D 93 -19.30 8.26 -17.98
C THR D 93 -20.37 7.23 -18.31
N SER D 94 -20.81 6.47 -17.30
CA SER D 94 -21.82 5.45 -17.56
C SER D 94 -23.16 6.08 -17.89
N LEU D 95 -23.55 7.16 -17.20
CA LEU D 95 -24.80 7.83 -17.54
C LEU D 95 -24.71 8.50 -18.90
N ARG D 96 -23.55 9.03 -19.27
CA ARG D 96 -23.43 9.67 -20.58
C ARG D 96 -23.54 8.63 -21.70
N GLU D 97 -23.02 7.43 -21.48
CA GLU D 97 -23.19 6.36 -22.45
C GLU D 97 -24.64 5.95 -22.63
N LEU D 98 -25.50 6.24 -21.64
CA LEU D 98 -26.92 5.93 -21.79
C LEU D 98 -27.58 6.86 -22.80
N ILE D 99 -27.25 8.15 -22.75
CA ILE D 99 -27.88 9.14 -23.61
C ILE D 99 -27.25 9.06 -25.00
N PRO D 100 -28.02 8.74 -26.04
CA PRO D 100 -27.41 8.57 -27.37
C PRO D 100 -26.83 9.84 -27.94
N SER D 101 -27.31 11.01 -27.54
CA SER D 101 -26.67 12.26 -27.91
C SER D 101 -25.49 12.60 -27.03
N SER D 102 -25.27 11.84 -25.94
CA SER D 102 -24.19 12.02 -24.99
C SER D 102 -24.19 13.41 -24.34
N ASP D 103 -25.35 14.08 -24.34
CA ASP D 103 -25.52 15.39 -23.68
C ASP D 103 -25.96 15.15 -22.24
N LEU D 104 -25.00 14.74 -21.40
CA LEU D 104 -25.30 14.39 -20.02
C LEU D 104 -25.90 15.58 -19.26
N GLN D 105 -25.45 16.79 -19.57
CA GLN D 105 -25.87 17.97 -18.82
C GLN D 105 -27.36 18.21 -18.91
N ALA D 106 -27.97 17.93 -20.07
CA ALA D 106 -29.37 18.25 -20.31
C ALA D 106 -30.34 17.26 -19.68
N PHE D 107 -29.86 16.14 -19.17
CA PHE D 107 -30.74 15.11 -18.63
C PHE D 107 -30.43 14.70 -17.20
N ILE D 108 -29.29 15.13 -16.65
CA ILE D 108 -28.90 14.79 -15.30
C ILE D 108 -28.69 16.07 -14.51
N GLU D 109 -29.38 16.18 -13.38
CA GLU D 109 -29.14 17.24 -12.40
C GLU D 109 -28.91 16.57 -11.06
N THR D 110 -27.90 17.01 -10.33
CA THR D 110 -27.54 16.43 -9.04
C THR D 110 -27.64 17.48 -7.94
N LYS D 111 -28.23 17.09 -6.80
CA LYS D 111 -28.24 17.92 -5.62
C LYS D 111 -27.88 17.09 -4.39
N GLN D 112 -27.14 17.68 -3.48
CA GLN D 112 -26.74 17.04 -2.23
C GLN D 112 -27.48 17.72 -1.09
N GLN D 113 -28.20 16.94 -0.29
CA GLN D 113 -28.99 17.46 0.83
C GLN D 113 -28.67 16.65 2.09
N GLY D 114 -27.83 17.23 2.95
CA GLY D 114 -27.48 16.54 4.18
C GLY D 114 -26.75 15.24 3.87
N ASP D 115 -27.29 14.14 4.39
CA ASP D 115 -26.76 12.82 4.10
C ASP D 115 -27.43 12.17 2.90
N LEU D 116 -28.21 12.93 2.13
CA LEU D 116 -28.87 12.44 0.93
C LEU D 116 -28.24 13.05 -0.32
N PHE D 117 -28.39 12.33 -1.43
CA PHE D 117 -27.88 12.78 -2.72
C PHE D 117 -28.89 12.42 -3.80
N TYR D 118 -29.23 13.39 -4.65
CA TYR D 118 -30.21 13.22 -5.71
C TYR D 118 -29.55 13.18 -7.08
N ILE D 119 -30.15 12.39 -7.97
CA ILE D 119 -29.83 12.41 -9.40
C ILE D 119 -31.16 12.59 -10.11
N PHE D 120 -31.49 13.83 -10.50
CA PHE D 120 -32.70 14.10 -11.25
C PHE D 120 -32.50 13.73 -12.71
N VAL D 121 -33.47 13.00 -13.28
CA VAL D 121 -33.34 12.46 -14.63
C VAL D 121 -34.51 12.95 -15.46
N LYS D 122 -34.20 13.72 -16.51
CA LYS D 122 -35.19 14.17 -17.46
C LYS D 122 -35.61 13.03 -18.39
N SER D 123 -36.86 13.05 -18.82
CA SER D 123 -37.34 12.05 -19.77
C SER D 123 -36.62 12.18 -21.09
N TRP D 124 -36.51 11.07 -21.81
CA TRP D 124 -35.84 11.07 -23.11
C TRP D 124 -36.87 11.26 -24.22
N SER D 125 -36.58 12.17 -25.14
CA SER D 125 -37.43 12.40 -26.31
C SER D 125 -36.64 13.06 -27.45
N SER D 132 -37.50 9.08 -36.14
CA SER D 132 -37.07 10.05 -37.13
C SER D 132 -35.56 10.07 -37.29
N THR D 133 -34.89 10.86 -36.46
CA THR D 133 -33.44 11.04 -36.56
C THR D 133 -32.66 10.26 -35.51
N LYS D 134 -33.24 10.03 -34.33
CA LYS D 134 -32.56 9.42 -33.21
C LYS D 134 -33.38 8.29 -32.63
N PRO D 135 -32.77 7.42 -31.81
CA PRO D 135 -33.54 6.36 -31.15
C PRO D 135 -34.54 6.93 -30.15
N ARG D 136 -35.62 6.17 -29.93
CA ARG D 136 -36.70 6.61 -29.05
C ARG D 136 -36.58 6.05 -27.63
N ILE D 137 -35.60 5.21 -27.35
CA ILE D 137 -35.48 4.53 -26.07
C ILE D 137 -34.01 4.38 -25.72
N CYS D 138 -33.68 4.63 -24.45
CA CYS D 138 -32.32 4.42 -23.95
C CYS D 138 -32.15 2.98 -23.49
N SER D 139 -30.90 2.50 -23.60
CA SER D 139 -30.58 1.14 -23.17
C SER D 139 -29.10 1.08 -22.79
N LEU D 140 -28.80 0.23 -21.80
CA LEU D 140 -27.42 0.04 -21.37
C LEU D 140 -26.64 -0.76 -22.41
N SER D 141 -27.29 -1.73 -23.04
CA SER D 141 -26.66 -2.54 -24.07
C SER D 141 -27.77 -3.14 -24.92
N SER D 142 -27.57 -3.11 -26.24
CA SER D 142 -28.58 -3.64 -27.16
C SER D 142 -28.49 -5.14 -27.34
N SER D 143 -27.40 -5.76 -26.91
CA SER D 143 -27.14 -7.19 -27.09
C SER D 143 -27.19 -7.59 -28.57
N LEU D 144 -26.93 -6.62 -29.46
CA LEU D 144 -26.84 -6.85 -30.89
C LEU D 144 -25.40 -6.70 -31.33
N TYR D 145 -24.90 -7.68 -32.07
CA TYR D 145 -23.50 -7.70 -32.49
C TYR D 145 -23.44 -7.86 -34.01
N CYS D 146 -22.43 -7.22 -34.61
CA CYS D 146 -22.13 -7.37 -36.02
C CYS D 146 -20.65 -7.64 -36.20
N ARG D 147 -20.33 -8.30 -37.31
CA ARG D 147 -18.95 -8.71 -37.59
C ARG D 147 -18.17 -7.54 -38.14
N SER D 148 -17.64 -6.72 -37.24
CA SER D 148 -16.72 -5.65 -37.60
C SER D 148 -15.31 -6.11 -37.26
N LEU D 149 -14.50 -6.36 -38.30
CA LEU D 149 -13.14 -6.83 -38.10
C LEU D 149 -12.32 -5.89 -37.22
N THR D 150 -12.72 -4.63 -37.11
CA THR D 150 -11.96 -3.68 -36.30
C THR D 150 -12.14 -3.95 -34.81
N SER D 151 -13.37 -4.24 -34.37
CA SER D 151 -13.68 -4.30 -32.95
C SER D 151 -14.84 -5.25 -32.69
N LYS D 152 -14.78 -5.91 -31.53
CA LYS D 152 -15.80 -6.89 -31.14
C LYS D 152 -16.67 -6.37 -30.01
N LEU D 153 -17.36 -5.26 -30.25
CA LEU D 153 -18.16 -4.62 -29.22
C LEU D 153 -19.59 -4.42 -29.72
N PRO D 154 -20.58 -4.51 -28.84
CA PRO D 154 -21.98 -4.46 -29.28
C PRO D 154 -22.33 -3.11 -29.88
N LEU D 155 -23.31 -3.13 -30.77
CA LEU D 155 -23.71 -1.91 -31.46
C LEU D 155 -24.24 -0.88 -30.47
N ASP D 156 -23.71 0.33 -30.54
CA ASP D 156 -24.09 1.38 -29.61
C ASP D 156 -25.52 1.84 -29.90
N SER D 157 -25.96 2.89 -29.20
CA SER D 157 -27.32 3.37 -29.35
C SER D 157 -27.60 3.76 -30.80
N LYS D 158 -26.68 4.48 -31.43
CA LYS D 158 -26.93 4.96 -32.79
C LYS D 158 -26.90 3.81 -33.80
N GLU D 159 -25.93 2.90 -33.67
CA GLU D 159 -25.80 1.83 -34.66
C GLU D 159 -27.00 0.91 -34.68
N THR D 160 -27.64 0.67 -33.53
CA THR D 160 -28.76 -0.26 -33.50
C THR D 160 -29.99 0.32 -34.19
N PHE D 161 -30.22 1.62 -34.05
CA PHE D 161 -31.30 2.26 -34.78
C PHE D 161 -31.06 2.16 -36.28
N GLU D 162 -29.83 2.41 -36.72
CA GLU D 162 -29.48 2.25 -38.12
C GLU D 162 -29.64 0.79 -38.56
N PHE D 163 -29.20 -0.15 -37.72
CA PHE D 163 -29.28 -1.56 -38.08
C PHE D 163 -30.73 -2.01 -38.25
N LEU D 164 -31.58 -1.71 -37.26
CA LEU D 164 -32.96 -2.18 -37.30
C LEU D 164 -33.75 -1.51 -38.42
N GLU D 165 -33.51 -0.23 -38.67
CA GLU D 165 -34.20 0.47 -39.74
C GLU D 165 -33.82 -0.11 -41.10
N ARG D 166 -32.54 -0.47 -41.27
CA ARG D 166 -32.09 -1.06 -42.53
C ARG D 166 -32.76 -2.42 -42.77
N LYS D 167 -32.93 -3.20 -41.71
CA LYS D 167 -33.59 -4.50 -41.84
C LYS D 167 -35.10 -4.39 -41.96
N LYS D 168 -35.69 -3.28 -41.49
CA LYS D 168 -37.14 -3.11 -41.61
C LYS D 168 -37.52 -2.73 -43.04
N THR D 169 -36.72 -1.88 -43.70
CA THR D 169 -37.04 -1.47 -45.05
C THR D 169 -36.87 -2.62 -46.05
N CYS D 170 -36.00 -3.58 -45.74
CA CYS D 170 -35.81 -4.72 -46.63
C CYS D 170 -37.08 -5.57 -46.71
N VAL D 171 -37.87 -5.60 -45.63
CA VAL D 171 -39.12 -6.36 -45.50
C VAL D 171 -39.13 -7.69 -46.26
N ASP D 193 -23.05 -14.54 -47.93
CA ASP D 193 -23.53 -14.49 -49.30
C ASP D 193 -22.81 -15.51 -50.18
N LEU D 194 -21.49 -15.45 -50.21
CA LEU D 194 -20.72 -16.40 -50.98
C LEU D 194 -20.70 -17.76 -50.30
N GLU D 195 -20.70 -18.82 -51.10
CA GLU D 195 -20.60 -20.18 -50.60
C GLU D 195 -19.23 -20.81 -50.82
N SER D 196 -18.55 -20.44 -51.90
CA SER D 196 -17.20 -20.94 -52.16
C SER D 196 -16.22 -20.40 -51.14
N ASN D 197 -16.54 -20.55 -49.85
CA ASN D 197 -15.70 -19.98 -48.81
C ASN D 197 -14.45 -20.84 -48.63
N PRO D 198 -13.32 -20.23 -48.29
CA PRO D 198 -12.09 -21.02 -48.12
C PRO D 198 -12.12 -21.93 -46.92
N ALA D 199 -12.85 -21.58 -45.87
CA ALA D 199 -12.96 -22.40 -44.67
C ALA D 199 -13.88 -23.60 -44.85
N PHE D 200 -14.55 -23.72 -46.00
CA PHE D 200 -15.48 -24.82 -46.21
C PHE D 200 -14.77 -26.16 -46.32
N GLU D 201 -13.49 -26.16 -46.71
CA GLU D 201 -12.75 -27.41 -46.81
C GLU D 201 -12.55 -28.05 -45.45
N ILE D 202 -12.19 -27.25 -44.45
CA ILE D 202 -12.08 -27.78 -43.08
C ILE D 202 -13.46 -28.17 -42.56
N PHE D 203 -14.51 -27.48 -43.01
CA PHE D 203 -15.87 -27.79 -42.59
C PHE D 203 -16.38 -29.11 -43.16
N GLN D 204 -15.72 -29.64 -44.20
CA GLN D 204 -16.15 -30.89 -44.83
C GLN D 204 -15.11 -32.00 -44.71
N SER D 205 -14.04 -31.79 -43.96
CA SER D 205 -12.99 -32.79 -43.81
C SER D 205 -13.35 -33.77 -42.70
N GLU D 206 -13.33 -35.06 -43.01
CA GLU D 206 -13.67 -36.08 -42.03
C GLU D 206 -12.59 -36.24 -40.96
N ARG D 207 -11.36 -35.79 -41.22
CA ARG D 207 -10.26 -36.01 -40.29
C ARG D 207 -9.21 -34.92 -40.44
N LEU D 208 -8.68 -34.47 -39.32
CA LEU D 208 -7.59 -33.50 -39.24
C LEU D 208 -6.43 -34.11 -38.44
N GLU D 209 -5.37 -33.33 -38.28
CA GLU D 209 -4.18 -33.77 -37.57
C GLU D 209 -3.73 -32.70 -36.58
N TYR D 210 -3.29 -33.14 -35.41
CA TYR D 210 -2.94 -32.23 -34.32
C TYR D 210 -1.82 -31.28 -34.74
N GLY D 211 -2.03 -29.99 -34.48
CA GLY D 211 -1.02 -28.98 -34.75
C GLY D 211 -0.85 -28.58 -36.19
N GLN D 212 -1.71 -29.06 -37.09
CA GLN D 212 -1.55 -28.73 -38.50
C GLN D 212 -1.88 -27.27 -38.75
N ARG D 213 -1.09 -26.63 -39.61
CA ARG D 213 -1.35 -25.27 -40.01
C ARG D 213 -2.64 -25.22 -40.84
N LEU D 214 -3.41 -24.17 -40.64
CA LEU D 214 -4.58 -23.99 -41.48
C LEU D 214 -4.20 -23.18 -42.72
N PRO D 215 -5.03 -23.21 -43.76
CA PRO D 215 -4.74 -22.42 -44.96
C PRO D 215 -5.18 -20.96 -44.95
N PHE D 216 -6.04 -20.53 -44.02
CA PHE D 216 -6.61 -19.19 -44.09
C PHE D 216 -6.79 -18.58 -42.71
N SER D 217 -6.60 -17.26 -42.63
CA SER D 217 -6.63 -16.53 -41.39
C SER D 217 -8.02 -15.98 -41.09
N GLU D 218 -8.17 -15.41 -39.90
CA GLU D 218 -9.46 -14.88 -39.45
C GLU D 218 -9.93 -13.77 -40.38
N SER D 219 -11.10 -13.97 -40.99
CA SER D 219 -11.75 -12.95 -41.79
C SER D 219 -13.03 -12.50 -41.09
N ALA D 220 -13.83 -11.69 -41.79
CA ALA D 220 -15.10 -11.26 -41.22
C ALA D 220 -16.14 -12.38 -41.19
N SER D 221 -15.89 -13.49 -41.88
CA SER D 221 -16.78 -14.64 -41.85
C SER D 221 -16.08 -15.88 -41.28
N ILE D 222 -14.91 -15.72 -40.66
CA ILE D 222 -14.17 -16.82 -40.07
C ILE D 222 -13.56 -16.34 -38.77
N GLU D 223 -13.97 -16.94 -37.65
CA GLU D 223 -13.42 -16.63 -36.34
C GLU D 223 -12.82 -17.90 -35.75
N PHE D 224 -11.62 -17.79 -35.18
CA PHE D 224 -10.96 -18.90 -34.52
C PHE D 224 -11.08 -18.74 -33.02
N LYS D 225 -11.37 -19.85 -32.33
CA LYS D 225 -11.44 -19.87 -30.88
C LYS D 225 -10.76 -21.15 -30.40
N GLN D 226 -9.89 -21.02 -29.40
CA GLN D 226 -9.15 -22.15 -28.87
C GLN D 226 -9.68 -22.54 -27.50
N PHE D 227 -9.66 -23.84 -27.24
CA PHE D 227 -10.00 -24.35 -25.92
C PHE D 227 -8.83 -24.18 -24.97
N SER D 228 -9.15 -23.89 -23.71
CA SER D 228 -8.17 -23.79 -22.66
C SER D 228 -8.28 -25.02 -21.77
N THR D 229 -7.87 -24.89 -20.51
CA THR D 229 -8.18 -25.93 -19.54
C THR D 229 -9.64 -25.91 -19.09
N ARG D 230 -10.46 -25.06 -19.70
CA ARG D 230 -11.88 -25.03 -19.39
C ARG D 230 -12.62 -26.10 -20.19
N ARG D 231 -13.61 -26.72 -19.56
CA ARG D 231 -14.38 -27.78 -20.19
C ARG D 231 -14.98 -27.29 -21.50
N ALA D 232 -15.04 -28.19 -22.49
CA ALA D 232 -15.44 -27.80 -23.84
C ALA D 232 -16.87 -27.25 -23.86
N HIS D 233 -17.80 -27.95 -23.20
CA HIS D 233 -19.20 -27.56 -23.25
C HIS D 233 -19.42 -26.16 -22.68
N GLU D 234 -18.82 -25.88 -21.51
CA GLU D 234 -19.04 -24.60 -20.84
C GLU D 234 -18.48 -23.44 -21.65
N TYR D 235 -17.40 -23.66 -22.39
CA TYR D 235 -16.82 -22.60 -23.20
C TYR D 235 -17.66 -22.32 -24.44
N ILE D 236 -18.25 -23.36 -25.03
CA ILE D 236 -19.11 -23.17 -26.19
C ILE D 236 -20.35 -22.35 -25.80
N LYS D 237 -20.94 -22.66 -24.64
CA LYS D 237 -22.10 -21.90 -24.17
C LYS D 237 -21.77 -20.43 -23.97
N SER D 238 -20.51 -20.12 -23.62
CA SER D 238 -20.12 -18.74 -23.35
C SER D 238 -19.87 -17.97 -24.64
N VAL D 239 -19.38 -18.63 -25.68
CA VAL D 239 -18.94 -17.95 -26.89
C VAL D 239 -20.06 -17.82 -27.93
N ILE D 240 -20.97 -18.79 -27.98
CA ILE D 240 -21.96 -18.84 -29.07
C ILE D 240 -22.79 -17.56 -29.16
N PRO D 241 -23.45 -17.07 -28.10
CA PRO D 241 -24.41 -15.97 -28.29
C PRO D 241 -23.85 -14.74 -28.99
N GLU D 242 -22.66 -14.28 -28.61
CA GLU D 242 -22.10 -13.09 -29.24
C GLU D 242 -21.77 -13.34 -30.71
N TYR D 243 -21.09 -14.45 -31.00
CA TYR D 243 -20.56 -14.65 -32.35
C TYR D 243 -21.61 -15.21 -33.31
N ILE D 244 -22.50 -16.07 -32.84
CA ILE D 244 -23.57 -16.55 -33.71
C ILE D 244 -24.52 -15.41 -34.08
N SER D 245 -24.77 -14.51 -33.13
CA SER D 245 -25.59 -13.34 -33.44
C SER D 245 -24.95 -12.49 -34.53
N ALA D 246 -23.65 -12.22 -34.41
CA ALA D 246 -22.98 -11.37 -35.37
C ALA D 246 -22.94 -12.00 -36.76
N PHE D 247 -22.71 -13.32 -36.82
CA PHE D 247 -22.68 -14.00 -38.11
C PHE D 247 -24.05 -13.93 -38.79
N ALA D 248 -25.11 -14.24 -38.04
CA ALA D 248 -26.45 -14.25 -38.61
C ALA D 248 -26.90 -12.86 -39.06
N ASN D 249 -26.36 -11.81 -38.44
CA ASN D 249 -26.69 -10.44 -38.82
C ASN D 249 -25.80 -9.90 -39.94
N THR D 250 -24.68 -10.59 -40.26
CA THR D 250 -23.72 -10.11 -41.25
C THR D 250 -23.30 -11.27 -42.16
N GLN D 251 -24.15 -11.58 -43.13
CA GLN D 251 -23.85 -12.45 -44.26
C GLN D 251 -23.55 -13.90 -43.87
N GLY D 252 -23.71 -14.27 -42.61
CA GLY D 252 -23.34 -15.61 -42.18
C GLY D 252 -21.83 -15.76 -42.09
N GLY D 253 -21.41 -16.96 -41.69
CA GLY D 253 -19.99 -17.23 -41.57
C GLY D 253 -19.75 -18.58 -40.91
N TYR D 254 -18.49 -18.80 -40.54
CA TYR D 254 -18.04 -20.05 -39.96
C TYR D 254 -17.27 -19.75 -38.68
N LEU D 255 -17.70 -20.35 -37.57
CA LEU D 255 -17.05 -20.24 -36.29
C LEU D 255 -16.36 -21.57 -35.99
N LEU D 256 -15.04 -21.56 -35.87
CA LEU D 256 -14.24 -22.76 -35.69
C LEU D 256 -13.70 -22.81 -34.26
N PHE D 257 -14.04 -23.86 -33.53
CA PHE D 257 -13.60 -24.06 -32.16
C PHE D 257 -12.44 -25.05 -32.14
N GLY D 258 -11.42 -24.73 -31.34
CA GLY D 258 -10.28 -25.61 -31.16
C GLY D 258 -9.07 -25.29 -32.01
N VAL D 259 -9.06 -24.15 -32.70
CA VAL D 259 -7.91 -23.73 -33.48
C VAL D 259 -7.16 -22.65 -32.70
N ASP D 260 -5.87 -22.85 -32.49
CA ASP D 260 -5.09 -21.94 -31.67
C ASP D 260 -5.04 -20.56 -32.31
N ASP D 261 -5.06 -19.52 -31.46
CA ASP D 261 -5.12 -18.15 -31.97
C ASP D 261 -3.77 -17.70 -32.53
N GLU D 262 -2.68 -18.01 -31.82
CA GLU D 262 -1.38 -17.45 -32.17
C GLU D 262 -0.74 -18.17 -33.36
N SER D 263 -0.65 -19.50 -33.29
CA SER D 263 0.04 -20.28 -34.31
C SER D 263 -0.88 -20.77 -35.41
N LYS D 264 -2.13 -20.34 -35.42
CA LYS D 264 -3.17 -20.84 -36.32
C LYS D 264 -3.02 -22.33 -36.57
N ARG D 265 -2.90 -23.08 -35.47
CA ARG D 265 -2.67 -24.52 -35.50
C ARG D 265 -3.85 -25.24 -34.88
N VAL D 266 -4.32 -26.29 -35.56
CA VAL D 266 -5.45 -27.07 -35.07
C VAL D 266 -5.01 -27.90 -33.86
N LEU D 267 -5.63 -27.63 -32.72
CA LEU D 267 -5.37 -28.38 -31.49
C LEU D 267 -6.58 -29.16 -31.00
N GLY D 268 -7.77 -28.59 -31.06
CA GLY D 268 -8.96 -29.28 -30.61
C GLY D 268 -9.05 -29.41 -29.10
N CYS D 269 -10.04 -30.19 -28.67
CA CYS D 269 -10.31 -30.46 -27.26
C CYS D 269 -10.17 -31.94 -26.98
N PRO D 270 -9.91 -32.32 -25.72
CA PRO D 270 -9.78 -33.74 -25.39
C PRO D 270 -11.07 -34.50 -25.66
N LYS D 271 -10.91 -35.76 -26.06
CA LYS D 271 -12.04 -36.62 -26.40
C LYS D 271 -12.75 -37.21 -25.20
N ASP D 272 -12.08 -37.28 -24.03
CA ASP D 272 -12.59 -38.11 -22.94
C ASP D 272 -13.90 -37.57 -22.39
N ASN D 273 -13.98 -36.27 -22.14
CA ASN D 273 -15.10 -35.70 -21.40
C ASN D 273 -16.24 -35.24 -22.31
N VAL D 274 -16.12 -35.39 -23.62
CA VAL D 274 -17.15 -34.96 -24.56
C VAL D 274 -17.31 -36.01 -25.65
N ASP D 275 -18.51 -36.07 -26.23
CA ASP D 275 -18.75 -36.86 -27.43
C ASP D 275 -19.45 -35.98 -28.46
N ARG D 276 -19.60 -36.51 -29.67
CA ARG D 276 -20.15 -35.72 -30.77
C ARG D 276 -21.58 -35.30 -30.50
N ASP D 277 -22.38 -36.18 -29.91
CA ASP D 277 -23.77 -35.83 -29.62
C ASP D 277 -23.86 -34.79 -28.51
N SER D 278 -22.91 -34.80 -27.56
CA SER D 278 -22.94 -33.80 -26.50
C SER D 278 -22.61 -32.40 -27.05
N LEU D 279 -21.57 -32.31 -27.88
CA LEU D 279 -21.17 -31.03 -28.43
C LEU D 279 -22.27 -30.43 -29.30
N LYS D 280 -22.86 -31.25 -30.18
CA LYS D 280 -23.95 -30.75 -31.03
C LYS D 280 -25.17 -30.36 -30.21
N ALA D 281 -25.42 -31.04 -29.09
CA ALA D 281 -26.59 -30.73 -28.27
C ALA D 281 -26.40 -29.43 -27.49
N VAL D 282 -25.18 -29.17 -27.03
CA VAL D 282 -24.92 -27.93 -26.30
C VAL D 282 -25.06 -26.74 -27.23
N VAL D 283 -24.63 -26.89 -28.49
CA VAL D 283 -24.78 -25.82 -29.47
C VAL D 283 -26.25 -25.56 -29.77
N ASN D 284 -27.04 -26.62 -29.96
CA ASN D 284 -28.46 -26.44 -30.25
C ASN D 284 -29.18 -25.76 -29.09
N GLU D 285 -28.88 -26.17 -27.87
CA GLU D 285 -29.48 -25.52 -26.70
C GLU D 285 -29.03 -24.06 -26.61
N ALA D 286 -27.76 -23.79 -26.95
CA ALA D 286 -27.25 -22.43 -26.88
C ALA D 286 -27.96 -21.53 -27.89
N ILE D 287 -28.07 -21.99 -29.14
CA ILE D 287 -28.63 -21.14 -30.19
C ILE D 287 -30.13 -20.97 -30.05
N SER D 288 -30.82 -21.95 -29.43
CA SER D 288 -32.27 -21.91 -29.39
C SER D 288 -32.79 -20.73 -28.56
N LYS D 289 -32.09 -20.39 -27.48
CA LYS D 289 -32.52 -19.31 -26.61
C LYS D 289 -32.02 -17.95 -27.06
N LEU D 290 -31.32 -17.87 -28.18
CA LEU D 290 -30.97 -16.59 -28.78
C LEU D 290 -32.22 -15.91 -29.33
N PRO D 291 -32.66 -14.79 -28.76
CA PRO D 291 -33.90 -14.17 -29.24
C PRO D 291 -33.73 -13.53 -30.61
N VAL D 292 -34.78 -13.61 -31.41
CA VAL D 292 -34.83 -13.00 -32.74
C VAL D 292 -36.12 -12.21 -32.86
N PHE D 293 -36.08 -11.14 -33.64
CA PHE D 293 -37.26 -10.34 -33.94
C PHE D 293 -37.42 -10.23 -35.45
N HIS D 294 -38.62 -10.55 -35.93
CA HIS D 294 -38.92 -10.57 -37.36
C HIS D 294 -39.77 -9.36 -37.73
N PHE D 295 -39.41 -8.69 -38.83
CA PHE D 295 -40.23 -7.66 -39.42
C PHE D 295 -41.19 -8.21 -40.47
N CYS D 296 -41.26 -9.53 -40.63
CA CYS D 296 -41.98 -10.14 -41.73
C CYS D 296 -42.88 -11.28 -41.26
N SER D 297 -43.42 -12.04 -42.21
CA SER D 297 -44.34 -13.12 -41.90
C SER D 297 -43.63 -14.40 -41.48
N SER D 298 -42.36 -14.57 -41.85
CA SER D 298 -41.64 -15.80 -41.53
C SER D 298 -41.35 -15.88 -40.04
N LYS D 299 -41.51 -17.07 -39.48
CA LYS D 299 -41.21 -17.33 -38.07
C LYS D 299 -39.97 -18.18 -37.88
N GLU D 300 -39.18 -18.39 -38.95
CA GLU D 300 -38.00 -19.23 -38.86
C GLU D 300 -37.00 -18.64 -37.88
N LYS D 301 -36.36 -19.51 -37.10
CA LYS D 301 -35.29 -19.11 -36.22
C LYS D 301 -33.96 -19.14 -36.97
N VAL D 302 -32.85 -18.98 -36.26
CA VAL D 302 -31.55 -18.95 -36.91
C VAL D 302 -31.25 -20.31 -37.51
N SER D 303 -30.71 -20.31 -38.72
CA SER D 303 -30.38 -21.53 -39.43
C SER D 303 -28.87 -21.79 -39.35
N TYR D 304 -28.51 -22.98 -38.88
CA TYR D 304 -27.13 -23.37 -38.64
C TYR D 304 -27.01 -24.88 -38.74
N LYS D 305 -25.80 -25.34 -39.02
CA LYS D 305 -25.47 -26.77 -39.01
C LYS D 305 -24.15 -26.94 -38.28
N THR D 306 -24.20 -27.58 -37.12
CA THR D 306 -23.00 -27.88 -36.35
C THR D 306 -22.30 -29.11 -36.93
N ARG D 307 -20.98 -29.14 -36.79
CA ARG D 307 -20.21 -30.29 -37.24
C ARG D 307 -18.98 -30.48 -36.36
N VAL D 308 -18.82 -31.69 -35.85
CA VAL D 308 -17.72 -32.05 -34.95
C VAL D 308 -16.77 -32.95 -35.73
N ILE D 309 -15.57 -32.46 -36.00
CA ILE D 309 -14.59 -33.14 -36.84
C ILE D 309 -13.54 -33.78 -35.94
N ASP D 310 -13.17 -35.02 -36.27
CA ASP D 310 -12.16 -35.74 -35.48
C ASP D 310 -10.77 -35.17 -35.73
N VAL D 311 -10.01 -35.05 -34.65
CA VAL D 311 -8.62 -34.59 -34.71
C VAL D 311 -7.74 -35.70 -34.18
N PHE D 312 -6.71 -36.07 -34.95
CA PHE D 312 -5.90 -37.24 -34.65
C PHE D 312 -4.47 -36.82 -34.35
N LYS D 313 -3.92 -37.35 -33.26
CA LYS D 313 -2.48 -37.34 -33.07
C LYS D 313 -1.83 -38.56 -33.70
N GLU D 314 -2.45 -39.74 -33.56
CA GLU D 314 -1.98 -40.96 -34.19
C GLU D 314 -2.57 -41.13 -35.58
N LEU D 317 -7.01 -41.32 -31.34
CA LEU D 317 -7.79 -40.11 -31.55
C LEU D 317 -7.57 -39.14 -30.40
N TYR D 318 -7.01 -37.96 -30.71
CA TYR D 318 -6.75 -36.96 -29.67
C TYR D 318 -8.04 -36.29 -29.23
N GLY D 319 -8.83 -35.78 -30.18
CA GLY D 319 -10.06 -35.11 -29.82
C GLY D 319 -10.86 -34.53 -30.97
N TYR D 320 -11.63 -33.49 -30.68
CA TYR D 320 -12.60 -32.93 -31.62
C TYR D 320 -12.28 -31.48 -31.92
N LEU D 321 -12.71 -31.05 -33.11
CA LEU D 321 -12.67 -29.64 -33.51
C LEU D 321 -14.05 -29.24 -34.00
N CYS D 322 -14.68 -28.31 -33.30
CA CYS D 322 -16.07 -27.96 -33.54
C CYS D 322 -16.16 -26.78 -34.50
N VAL D 323 -16.96 -26.94 -35.56
CA VAL D 323 -17.19 -25.90 -36.55
C VAL D 323 -18.69 -25.73 -36.73
N ILE D 324 -19.15 -24.48 -36.75
CA ILE D 324 -20.56 -24.15 -36.90
C ILE D 324 -20.73 -23.34 -38.17
N LYS D 325 -21.58 -23.83 -39.08
CA LYS D 325 -21.95 -23.09 -40.29
C LYS D 325 -23.20 -22.29 -39.98
N VAL D 326 -23.06 -20.97 -39.94
CA VAL D 326 -24.14 -20.06 -39.60
C VAL D 326 -24.62 -19.36 -40.87
N GLU D 327 -25.92 -19.42 -41.12
CA GLU D 327 -26.51 -18.80 -42.28
C GLU D 327 -26.81 -17.32 -42.00
N ARG D 328 -27.12 -16.58 -43.04
CA ARG D 328 -27.64 -15.23 -42.90
C ARG D 328 -29.10 -15.29 -42.45
N PHE D 329 -29.50 -14.32 -41.64
CA PHE D 329 -30.83 -14.31 -41.06
C PHE D 329 -31.71 -13.28 -41.76
N CYS D 330 -33.02 -13.55 -41.71
CA CYS D 330 -33.99 -12.69 -42.37
C CYS D 330 -34.03 -11.30 -41.76
N CYS D 331 -34.04 -11.22 -40.43
CA CYS D 331 -34.17 -9.93 -39.77
C CYS D 331 -33.07 -9.69 -38.74
N ALA D 332 -33.38 -9.87 -37.45
CA ALA D 332 -32.46 -9.47 -36.39
C ALA D 332 -32.28 -10.60 -35.38
N VAL D 333 -31.02 -10.90 -35.06
CA VAL D 333 -30.66 -11.93 -34.08
C VAL D 333 -29.99 -11.24 -32.90
N PHE D 334 -30.53 -11.46 -31.71
CA PHE D 334 -29.97 -10.91 -30.48
C PHE D 334 -29.12 -11.95 -29.77
N SER D 335 -28.01 -11.51 -29.20
CA SER D 335 -27.19 -12.39 -28.37
C SER D 335 -27.86 -12.68 -27.04
N GLU D 336 -28.83 -11.86 -26.66
CA GLU D 336 -29.47 -11.88 -25.35
C GLU D 336 -30.60 -10.86 -25.41
N ALA D 337 -31.46 -10.86 -24.41
CA ALA D 337 -32.46 -9.81 -24.31
C ALA D 337 -31.75 -8.46 -24.17
N PRO D 338 -32.26 -7.42 -24.82
CA PRO D 338 -31.62 -6.09 -24.68
C PRO D 338 -31.66 -5.62 -23.23
N ILE D 339 -30.51 -5.14 -22.74
CA ILE D 339 -30.40 -4.71 -21.36
C ILE D 339 -30.97 -3.30 -21.23
N SER D 340 -32.28 -3.21 -21.00
CA SER D 340 -32.96 -1.93 -20.85
C SER D 340 -34.03 -2.07 -19.78
N TRP D 341 -34.36 -0.94 -19.15
CA TRP D 341 -35.25 -0.95 -17.99
C TRP D 341 -36.31 0.14 -18.14
N MET D 342 -37.41 -0.06 -17.42
CA MET D 342 -38.44 0.95 -17.26
C MET D 342 -38.91 0.93 -15.82
N ALA D 343 -39.74 1.89 -15.45
CA ALA D 343 -40.18 2.02 -14.07
C ALA D 343 -41.52 2.72 -14.01
N ASP D 344 -42.50 2.07 -13.38
CA ASP D 344 -43.78 2.68 -13.05
C ASP D 344 -44.12 2.34 -11.61
N LYS D 345 -45.09 3.07 -11.05
CA LYS D 345 -45.43 2.92 -9.64
C LYS D 345 -46.16 1.63 -9.32
N GLU D 346 -46.60 0.88 -10.33
CA GLU D 346 -47.26 -0.40 -10.10
C GLU D 346 -46.30 -1.58 -10.19
N ASN D 347 -45.43 -1.61 -11.20
CA ASN D 347 -44.50 -2.71 -11.38
C ASN D 347 -43.10 -2.44 -10.83
N GLY D 348 -42.77 -1.18 -10.53
CA GLY D 348 -41.42 -0.87 -10.08
C GLY D 348 -40.47 -0.79 -11.25
N VAL D 349 -39.21 -1.12 -10.98
CA VAL D 349 -38.18 -1.19 -12.01
C VAL D 349 -38.19 -2.60 -12.59
N TYR D 350 -38.36 -2.69 -13.91
CA TYR D 350 -38.36 -3.97 -14.59
C TYR D 350 -37.60 -3.85 -15.90
N SER D 351 -37.16 -5.00 -16.40
CA SER D 351 -36.50 -5.08 -17.70
C SER D 351 -37.53 -5.30 -18.80
N LEU D 352 -37.11 -5.05 -20.03
CA LEU D 352 -37.96 -5.16 -21.20
C LEU D 352 -37.62 -6.44 -21.97
N ASN D 353 -38.64 -7.14 -22.43
CA ASN D 353 -38.37 -8.28 -23.31
C ASN D 353 -38.03 -7.77 -24.71
N THR D 354 -37.58 -8.69 -25.56
CA THR D 354 -37.01 -8.27 -26.84
C THR D 354 -38.06 -7.66 -27.76
N GLU D 355 -39.24 -8.26 -27.84
CA GLU D 355 -40.23 -7.83 -28.83
C GLU D 355 -40.79 -6.45 -28.50
N LYS D 356 -41.14 -6.21 -27.23
CA LYS D 356 -41.61 -4.87 -26.85
C LYS D 356 -40.51 -3.84 -26.97
N TRP D 357 -39.25 -4.25 -26.84
CA TRP D 357 -38.13 -3.32 -26.92
C TRP D 357 -37.93 -2.82 -28.35
N VAL D 358 -38.11 -3.70 -29.34
CA VAL D 358 -37.90 -3.30 -30.73
C VAL D 358 -39.00 -2.34 -31.17
N ARG D 359 -40.25 -2.59 -30.78
CA ARG D 359 -41.34 -1.72 -31.20
C ARG D 359 -41.19 -0.31 -30.64
N MET D 360 -40.65 -0.18 -29.42
CA MET D 360 -40.37 1.13 -28.87
C MET D 360 -39.12 1.77 -29.47
N MET D 361 -38.34 1.00 -30.23
CA MET D 361 -37.07 1.48 -30.76
C MET D 361 -37.16 1.98 -32.20
N VAL D 362 -38.02 1.39 -33.02
CA VAL D 362 -38.10 1.72 -34.44
C VAL D 362 -39.55 1.89 -34.87
N ASP D 363 -40.44 2.21 -33.92
CA ASP D 363 -41.87 2.39 -34.14
C ASP D 363 -42.47 1.39 -35.13
N ILE D 364 -42.06 0.12 -35.01
CA ILE D 364 -42.48 -1.01 -35.87
C ILE D 364 -42.87 -0.61 -37.30
#